data_5Y8Z
# 
_entry.id   5Y8Z 
# 
_audit_conform.dict_name       mmcif_pdbx.dic 
_audit_conform.dict_version    5.387 
_audit_conform.dict_location   http://mmcif.pdb.org/dictionaries/ascii/mmcif_pdbx.dic 
# 
loop_
_database_2.database_id 
_database_2.database_code 
_database_2.pdbx_database_accession 
_database_2.pdbx_DOI 
PDB   5Y8Z         pdb_00005y8z 10.2210/pdb5y8z/pdb 
WWPDB D_1300004852 ?            ?                   
# 
loop_
_pdbx_audit_revision_history.ordinal 
_pdbx_audit_revision_history.data_content_type 
_pdbx_audit_revision_history.major_revision 
_pdbx_audit_revision_history.minor_revision 
_pdbx_audit_revision_history.revision_date 
1 'Structure model' 1 0 2018-06-13 
2 'Structure model' 1 1 2019-12-04 
3 'Structure model' 1 2 2024-03-27 
# 
_pdbx_audit_revision_details.ordinal             1 
_pdbx_audit_revision_details.revision_ordinal    1 
_pdbx_audit_revision_details.data_content_type   'Structure model' 
_pdbx_audit_revision_details.provider            repository 
_pdbx_audit_revision_details.type                'Initial release' 
_pdbx_audit_revision_details.description         ? 
_pdbx_audit_revision_details.details             ? 
# 
loop_
_pdbx_audit_revision_group.ordinal 
_pdbx_audit_revision_group.revision_ordinal 
_pdbx_audit_revision_group.data_content_type 
_pdbx_audit_revision_group.group 
1 2 'Structure model' 'Data collection'      
2 3 'Structure model' 'Data collection'      
3 3 'Structure model' 'Database references'  
4 3 'Structure model' 'Derived calculations' 
# 
loop_
_pdbx_audit_revision_category.ordinal 
_pdbx_audit_revision_category.revision_ordinal 
_pdbx_audit_revision_category.data_content_type 
_pdbx_audit_revision_category.category 
1 2 'Structure model' reflns_shell           
2 3 'Structure model' chem_comp_atom         
3 3 'Structure model' chem_comp_bond         
4 3 'Structure model' database_2             
5 3 'Structure model' pdbx_struct_conn_angle 
6 3 'Structure model' struct_conn            
# 
loop_
_pdbx_audit_revision_item.ordinal 
_pdbx_audit_revision_item.revision_ordinal 
_pdbx_audit_revision_item.data_content_type 
_pdbx_audit_revision_item.item 
1 3 'Structure model' '_database_2.pdbx_DOI'                      
2 3 'Structure model' '_database_2.pdbx_database_accession'       
3 3 'Structure model' '_pdbx_struct_conn_angle.ptnr1_auth_seq_id' 
4 3 'Structure model' '_pdbx_struct_conn_angle.ptnr3_auth_seq_id' 
5 3 'Structure model' '_pdbx_struct_conn_angle.value'             
6 3 'Structure model' '_struct_conn.pdbx_dist_value'              
7 3 'Structure model' '_struct_conn.ptnr2_auth_seq_id'            
# 
_pdbx_database_status.status_code                     REL 
_pdbx_database_status.status_code_sf                  REL 
_pdbx_database_status.status_code_mr                  ? 
_pdbx_database_status.entry_id                        5Y8Z 
_pdbx_database_status.recvd_initial_deposition_date   2017-08-22 
_pdbx_database_status.SG_entry                        N 
_pdbx_database_status.deposit_site                    PDBJ 
_pdbx_database_status.process_site                    PDBJ 
_pdbx_database_status.status_code_cs                  ? 
_pdbx_database_status.methods_development_category    ? 
_pdbx_database_status.pdb_format_compatible           Y 
_pdbx_database_status.status_code_nmr_data            ? 
# 
loop_
_audit_author.name 
_audit_author.pdbx_ordinal 
_audit_author.identifier_ORCID 
'Xu, Y.'    1 ? 
'Zhang, Y.' 2 ? 
'Song, M.'  3 ? 
'Wang, C.'  4 ? 
# 
_citation.abstract                  ? 
_citation.abstract_id_CAS           ? 
_citation.book_id_ISBN              ? 
_citation.book_publisher            ? 
_citation.book_publisher_city       ? 
_citation.book_title                ? 
_citation.coordinate_linkage        ? 
_citation.country                   US 
_citation.database_id_Medline       ? 
_citation.details                   ? 
_citation.id                        primary 
_citation.journal_abbrev            'J. Med. Chem.' 
_citation.journal_id_ASTM           JMCMAR 
_citation.journal_id_CSD            0151 
_citation.journal_id_ISSN           1520-4804 
_citation.journal_full              ? 
_citation.journal_issue             ? 
_citation.journal_volume            61 
_citation.language                  ? 
_citation.page_first                3037 
_citation.page_last                 3058 
_citation.title                     
;Structure-Based Discovery and Optimization of Benzo[ d]isoxazole Derivatives as Potent and Selective BET Inhibitors for Potential Treatment of Castration-Resistant Prostate Cancer (CRPC)
;
_citation.year                      2018 
_citation.database_id_CSD           ? 
_citation.pdbx_database_id_DOI      10.1021/acs.jmedchem.8b00103 
_citation.pdbx_database_id_PubMed   29566488 
_citation.unpublished_flag          ? 
# 
loop_
_citation_author.citation_id 
_citation_author.name 
_citation_author.ordinal 
_citation_author.identifier_ORCID 
primary 'Zhang, M.' 1  ? 
primary 'Zhang, Y.' 2  ? 
primary 'Song, M.'  3  ? 
primary 'Xue, X.'   4  ? 
primary 'Wang, J.'  5  ? 
primary 'Wang, C.'  6  ? 
primary 'Zhang, C.' 7  ? 
primary 'Li, C.'    8  ? 
primary 'Xiang, Q.' 9  ? 
primary 'Zou, L.'   10 ? 
primary 'Wu, X.'    11 ? 
primary 'Wu, C.'    12 ? 
primary 'Dong, B.'  13 ? 
primary 'Xue, W.'   14 ? 
primary 'Zhou, Y.'  15 ? 
primary 'Chen, H.'  16 ? 
primary 'Wu, D.'    17 ? 
primary 'Ding, K.'  18 ? 
primary 'Xu, Y.'    19 ? 
# 
loop_
_entity.id 
_entity.type 
_entity.src_method 
_entity.pdbx_description 
_entity.formula_weight 
_entity.pdbx_number_of_molecules 
_entity.pdbx_ec 
_entity.pdbx_mutation 
_entity.pdbx_fragment 
_entity.details 
1 polymer     man 'Bromodomain-containing protein 4'                                             16767.326 1  ? ? 
'UNP residues 44-168' 
;sequence from 28-43 are tags.
MKKGHHHHHHLVPRGS
;
2 non-polymer syn '5-bromanyl-N-(3,6-dimethyl-1,2-benzoxazol-5-yl)-2-methoxy-benzenesulfonamide' 411.270   1  ? ? ? ? 
3 non-polymer syn 1,2-ETHANEDIOL                                                                 62.068    2  ? ? ? ? 
4 non-polymer syn 'NITRATE ION'                                                                  62.005    2  ? ? ? ? 
5 non-polymer syn 'SODIUM ION'                                                                   22.990    1  ? ? ? ? 
6 non-polymer syn GLYCEROL                                                                       92.094    1  ? ? ? ? 
7 water       nat water                                                                          18.015    81 ? ? ? ? 
# 
_entity_name_com.entity_id   1 
_entity_name_com.name        'Protein HUNK1' 
# 
_entity_poly.entity_id                      1 
_entity_poly.type                           'polypeptide(L)' 
_entity_poly.nstd_linkage                   no 
_entity_poly.nstd_monomer                   no 
_entity_poly.pdbx_seq_one_letter_code       
;MKKGHHHHHHLVPRGSNPPPPETSNPNKPKRQTNQLQYLLRVVLKTLWKHQFAWPFQQPVDAVKLNLPDYYKIIKTPMDM
GTIKKRLENNYYWNAQECIQDFNTMFTNCYIYNKPGDDIVLMAEALEKLFLQKINELPTEE
;
_entity_poly.pdbx_seq_one_letter_code_can   
;MKKGHHHHHHLVPRGSNPPPPETSNPNKPKRQTNQLQYLLRVVLKTLWKHQFAWPFQQPVDAVKLNLPDYYKIIKTPMDM
GTIKKRLENNYYWNAQECIQDFNTMFTNCYIYNKPGDDIVLMAEALEKLFLQKINELPTEE
;
_entity_poly.pdbx_strand_id                 A 
_entity_poly.pdbx_target_identifier         ? 
# 
loop_
_pdbx_entity_nonpoly.entity_id 
_pdbx_entity_nonpoly.name 
_pdbx_entity_nonpoly.comp_id 
2 '5-bromanyl-N-(3,6-dimethyl-1,2-benzoxazol-5-yl)-2-methoxy-benzenesulfonamide' 8Q3 
3 1,2-ETHANEDIOL                                                                 EDO 
4 'NITRATE ION'                                                                  NO3 
5 'SODIUM ION'                                                                   NA  
6 GLYCEROL                                                                       GOL 
7 water                                                                          HOH 
# 
loop_
_entity_poly_seq.entity_id 
_entity_poly_seq.num 
_entity_poly_seq.mon_id 
_entity_poly_seq.hetero 
1 1   MET n 
1 2   LYS n 
1 3   LYS n 
1 4   GLY n 
1 5   HIS n 
1 6   HIS n 
1 7   HIS n 
1 8   HIS n 
1 9   HIS n 
1 10  HIS n 
1 11  LEU n 
1 12  VAL n 
1 13  PRO n 
1 14  ARG n 
1 15  GLY n 
1 16  SER n 
1 17  ASN n 
1 18  PRO n 
1 19  PRO n 
1 20  PRO n 
1 21  PRO n 
1 22  GLU n 
1 23  THR n 
1 24  SER n 
1 25  ASN n 
1 26  PRO n 
1 27  ASN n 
1 28  LYS n 
1 29  PRO n 
1 30  LYS n 
1 31  ARG n 
1 32  GLN n 
1 33  THR n 
1 34  ASN n 
1 35  GLN n 
1 36  LEU n 
1 37  GLN n 
1 38  TYR n 
1 39  LEU n 
1 40  LEU n 
1 41  ARG n 
1 42  VAL n 
1 43  VAL n 
1 44  LEU n 
1 45  LYS n 
1 46  THR n 
1 47  LEU n 
1 48  TRP n 
1 49  LYS n 
1 50  HIS n 
1 51  GLN n 
1 52  PHE n 
1 53  ALA n 
1 54  TRP n 
1 55  PRO n 
1 56  PHE n 
1 57  GLN n 
1 58  GLN n 
1 59  PRO n 
1 60  VAL n 
1 61  ASP n 
1 62  ALA n 
1 63  VAL n 
1 64  LYS n 
1 65  LEU n 
1 66  ASN n 
1 67  LEU n 
1 68  PRO n 
1 69  ASP n 
1 70  TYR n 
1 71  TYR n 
1 72  LYS n 
1 73  ILE n 
1 74  ILE n 
1 75  LYS n 
1 76  THR n 
1 77  PRO n 
1 78  MET n 
1 79  ASP n 
1 80  MET n 
1 81  GLY n 
1 82  THR n 
1 83  ILE n 
1 84  LYS n 
1 85  LYS n 
1 86  ARG n 
1 87  LEU n 
1 88  GLU n 
1 89  ASN n 
1 90  ASN n 
1 91  TYR n 
1 92  TYR n 
1 93  TRP n 
1 94  ASN n 
1 95  ALA n 
1 96  GLN n 
1 97  GLU n 
1 98  CYS n 
1 99  ILE n 
1 100 GLN n 
1 101 ASP n 
1 102 PHE n 
1 103 ASN n 
1 104 THR n 
1 105 MET n 
1 106 PHE n 
1 107 THR n 
1 108 ASN n 
1 109 CYS n 
1 110 TYR n 
1 111 ILE n 
1 112 TYR n 
1 113 ASN n 
1 114 LYS n 
1 115 PRO n 
1 116 GLY n 
1 117 ASP n 
1 118 ASP n 
1 119 ILE n 
1 120 VAL n 
1 121 LEU n 
1 122 MET n 
1 123 ALA n 
1 124 GLU n 
1 125 ALA n 
1 126 LEU n 
1 127 GLU n 
1 128 LYS n 
1 129 LEU n 
1 130 PHE n 
1 131 LEU n 
1 132 GLN n 
1 133 LYS n 
1 134 ILE n 
1 135 ASN n 
1 136 GLU n 
1 137 LEU n 
1 138 PRO n 
1 139 THR n 
1 140 GLU n 
1 141 GLU n 
# 
_entity_src_gen.entity_id                          1 
_entity_src_gen.pdbx_src_id                        1 
_entity_src_gen.pdbx_alt_source_flag               sample 
_entity_src_gen.pdbx_seq_type                      'Biological sequence' 
_entity_src_gen.pdbx_beg_seq_num                   1 
_entity_src_gen.pdbx_end_seq_num                   141 
_entity_src_gen.gene_src_common_name               Human 
_entity_src_gen.gene_src_genus                     ? 
_entity_src_gen.pdbx_gene_src_gene                 'BRD4, HUNK1' 
_entity_src_gen.gene_src_species                   ? 
_entity_src_gen.gene_src_strain                    ? 
_entity_src_gen.gene_src_tissue                    ? 
_entity_src_gen.gene_src_tissue_fraction           ? 
_entity_src_gen.gene_src_details                   ? 
_entity_src_gen.pdbx_gene_src_fragment             ? 
_entity_src_gen.pdbx_gene_src_scientific_name      'Homo sapiens' 
_entity_src_gen.pdbx_gene_src_ncbi_taxonomy_id     9606 
_entity_src_gen.pdbx_gene_src_variant              ? 
_entity_src_gen.pdbx_gene_src_cell_line            ? 
_entity_src_gen.pdbx_gene_src_atcc                 ? 
_entity_src_gen.pdbx_gene_src_organ                ? 
_entity_src_gen.pdbx_gene_src_organelle            ? 
_entity_src_gen.pdbx_gene_src_cell                 ? 
_entity_src_gen.pdbx_gene_src_cellular_location    ? 
_entity_src_gen.host_org_common_name               ? 
_entity_src_gen.pdbx_host_org_scientific_name      'Escherichia coli BL21' 
_entity_src_gen.pdbx_host_org_ncbi_taxonomy_id     511693 
_entity_src_gen.host_org_genus                     ? 
_entity_src_gen.pdbx_host_org_gene                 ? 
_entity_src_gen.pdbx_host_org_organ                ? 
_entity_src_gen.host_org_species                   ? 
_entity_src_gen.pdbx_host_org_tissue               ? 
_entity_src_gen.pdbx_host_org_tissue_fraction      ? 
_entity_src_gen.pdbx_host_org_strain               BL21 
_entity_src_gen.pdbx_host_org_variant              ? 
_entity_src_gen.pdbx_host_org_cell_line            ? 
_entity_src_gen.pdbx_host_org_atcc                 ? 
_entity_src_gen.pdbx_host_org_culture_collection   ? 
_entity_src_gen.pdbx_host_org_cell                 ? 
_entity_src_gen.pdbx_host_org_organelle            ? 
_entity_src_gen.pdbx_host_org_cellular_location    ? 
_entity_src_gen.pdbx_host_org_vector_type          ? 
_entity_src_gen.pdbx_host_org_vector               ? 
_entity_src_gen.host_org_details                   ? 
_entity_src_gen.expression_system_id               ? 
_entity_src_gen.plasmid_name                       ? 
_entity_src_gen.plasmid_details                    ? 
_entity_src_gen.pdbx_description                   ? 
# 
loop_
_chem_comp.id 
_chem_comp.type 
_chem_comp.mon_nstd_flag 
_chem_comp.name 
_chem_comp.pdbx_synonyms 
_chem_comp.formula 
_chem_comp.formula_weight 
8Q3 non-polymer         . '5-bromanyl-N-(3,6-dimethyl-1,2-benzoxazol-5-yl)-2-methoxy-benzenesulfonamide' ? 'C16 H15 Br N2 O4 S' 
411.270 
ALA 'L-peptide linking' y ALANINE                                                                        ? 'C3 H7 N O2'         
89.093  
ARG 'L-peptide linking' y ARGININE                                                                       ? 'C6 H15 N4 O2 1'     
175.209 
ASN 'L-peptide linking' y ASPARAGINE                                                                     ? 'C4 H8 N2 O3'        
132.118 
ASP 'L-peptide linking' y 'ASPARTIC ACID'                                                                ? 'C4 H7 N O4'         
133.103 
CYS 'L-peptide linking' y CYSTEINE                                                                       ? 'C3 H7 N O2 S'       
121.158 
EDO non-polymer         . 1,2-ETHANEDIOL                                                                 'ETHYLENE GLYCOL' 
'C2 H6 O2'           62.068  
GLN 'L-peptide linking' y GLUTAMINE                                                                      ? 'C5 H10 N2 O3'       
146.144 
GLU 'L-peptide linking' y 'GLUTAMIC ACID'                                                                ? 'C5 H9 N O4'         
147.129 
GLY 'peptide linking'   y GLYCINE                                                                        ? 'C2 H5 N O2'         
75.067  
GOL non-polymer         . GLYCEROL                                                                       
'GLYCERIN; PROPANE-1,2,3-TRIOL' 'C3 H8 O3'           92.094  
HIS 'L-peptide linking' y HISTIDINE                                                                      ? 'C6 H10 N3 O2 1'     
156.162 
HOH non-polymer         . WATER                                                                          ? 'H2 O'               
18.015  
ILE 'L-peptide linking' y ISOLEUCINE                                                                     ? 'C6 H13 N O2'        
131.173 
LEU 'L-peptide linking' y LEUCINE                                                                        ? 'C6 H13 N O2'        
131.173 
LYS 'L-peptide linking' y LYSINE                                                                         ? 'C6 H15 N2 O2 1'     
147.195 
MET 'L-peptide linking' y METHIONINE                                                                     ? 'C5 H11 N O2 S'      
149.211 
NA  non-polymer         . 'SODIUM ION'                                                                   ? 'Na 1'               
22.990  
NO3 non-polymer         . 'NITRATE ION'                                                                  ? 'N O3 -1'            
62.005  
PHE 'L-peptide linking' y PHENYLALANINE                                                                  ? 'C9 H11 N O2'        
165.189 
PRO 'L-peptide linking' y PROLINE                                                                        ? 'C5 H9 N O2'         
115.130 
SER 'L-peptide linking' y SERINE                                                                         ? 'C3 H7 N O3'         
105.093 
THR 'L-peptide linking' y THREONINE                                                                      ? 'C4 H9 N O3'         
119.119 
TRP 'L-peptide linking' y TRYPTOPHAN                                                                     ? 'C11 H12 N2 O2'      
204.225 
TYR 'L-peptide linking' y TYROSINE                                                                       ? 'C9 H11 N O3'        
181.189 
VAL 'L-peptide linking' y VALINE                                                                         ? 'C5 H11 N O2'        
117.146 
# 
loop_
_pdbx_poly_seq_scheme.asym_id 
_pdbx_poly_seq_scheme.entity_id 
_pdbx_poly_seq_scheme.seq_id 
_pdbx_poly_seq_scheme.mon_id 
_pdbx_poly_seq_scheme.ndb_seq_num 
_pdbx_poly_seq_scheme.pdb_seq_num 
_pdbx_poly_seq_scheme.auth_seq_num 
_pdbx_poly_seq_scheme.pdb_mon_id 
_pdbx_poly_seq_scheme.auth_mon_id 
_pdbx_poly_seq_scheme.pdb_strand_id 
_pdbx_poly_seq_scheme.pdb_ins_code 
_pdbx_poly_seq_scheme.hetero 
A 1 1   MET 1   28  ?   ?   ?   A . n 
A 1 2   LYS 2   29  ?   ?   ?   A . n 
A 1 3   LYS 3   30  ?   ?   ?   A . n 
A 1 4   GLY 4   31  ?   ?   ?   A . n 
A 1 5   HIS 5   32  ?   ?   ?   A . n 
A 1 6   HIS 6   33  ?   ?   ?   A . n 
A 1 7   HIS 7   34  ?   ?   ?   A . n 
A 1 8   HIS 8   35  ?   ?   ?   A . n 
A 1 9   HIS 9   36  ?   ?   ?   A . n 
A 1 10  HIS 10  37  ?   ?   ?   A . n 
A 1 11  LEU 11  38  ?   ?   ?   A . n 
A 1 12  VAL 12  39  ?   ?   ?   A . n 
A 1 13  PRO 13  40  ?   ?   ?   A . n 
A 1 14  ARG 14  41  ?   ?   ?   A . n 
A 1 15  GLY 15  42  42  GLY GLY A . n 
A 1 16  SER 16  43  43  SER SER A . n 
A 1 17  ASN 17  44  44  ASN ASN A . n 
A 1 18  PRO 18  45  45  PRO PRO A . n 
A 1 19  PRO 19  46  46  PRO PRO A . n 
A 1 20  PRO 20  47  47  PRO PRO A . n 
A 1 21  PRO 21  48  48  PRO PRO A . n 
A 1 22  GLU 22  49  49  GLU GLU A . n 
A 1 23  THR 23  50  50  THR THR A . n 
A 1 24  SER 24  51  51  SER SER A . n 
A 1 25  ASN 25  52  52  ASN ASN A . n 
A 1 26  PRO 26  53  53  PRO PRO A . n 
A 1 27  ASN 27  54  54  ASN ASN A . n 
A 1 28  LYS 28  55  55  LYS LYS A . n 
A 1 29  PRO 29  56  56  PRO PRO A . n 
A 1 30  LYS 30  57  57  LYS LYS A . n 
A 1 31  ARG 31  58  58  ARG ARG A . n 
A 1 32  GLN 32  59  59  GLN GLN A . n 
A 1 33  THR 33  60  60  THR THR A . n 
A 1 34  ASN 34  61  61  ASN ASN A . n 
A 1 35  GLN 35  62  62  GLN GLN A . n 
A 1 36  LEU 36  63  63  LEU LEU A . n 
A 1 37  GLN 37  64  64  GLN GLN A . n 
A 1 38  TYR 38  65  65  TYR TYR A . n 
A 1 39  LEU 39  66  66  LEU LEU A . n 
A 1 40  LEU 40  67  67  LEU LEU A . n 
A 1 41  ARG 41  68  68  ARG ARG A . n 
A 1 42  VAL 42  69  69  VAL VAL A . n 
A 1 43  VAL 43  70  70  VAL VAL A . n 
A 1 44  LEU 44  71  71  LEU LEU A . n 
A 1 45  LYS 45  72  72  LYS LYS A . n 
A 1 46  THR 46  73  73  THR THR A . n 
A 1 47  LEU 47  74  74  LEU LEU A . n 
A 1 48  TRP 48  75  75  TRP TRP A . n 
A 1 49  LYS 49  76  76  LYS LYS A . n 
A 1 50  HIS 50  77  77  HIS HIS A . n 
A 1 51  GLN 51  78  78  GLN GLN A . n 
A 1 52  PHE 52  79  79  PHE PHE A . n 
A 1 53  ALA 53  80  80  ALA ALA A . n 
A 1 54  TRP 54  81  81  TRP TRP A . n 
A 1 55  PRO 55  82  82  PRO PRO A . n 
A 1 56  PHE 56  83  83  PHE PHE A . n 
A 1 57  GLN 57  84  84  GLN GLN A . n 
A 1 58  GLN 58  85  85  GLN GLN A . n 
A 1 59  PRO 59  86  86  PRO PRO A . n 
A 1 60  VAL 60  87  87  VAL VAL A . n 
A 1 61  ASP 61  88  88  ASP ASP A . n 
A 1 62  ALA 62  89  89  ALA ALA A . n 
A 1 63  VAL 63  90  90  VAL VAL A . n 
A 1 64  LYS 64  91  91  LYS LYS A . n 
A 1 65  LEU 65  92  92  LEU LEU A . n 
A 1 66  ASN 66  93  93  ASN ASN A . n 
A 1 67  LEU 67  94  94  LEU LEU A . n 
A 1 68  PRO 68  95  95  PRO PRO A . n 
A 1 69  ASP 69  96  96  ASP ASP A . n 
A 1 70  TYR 70  97  97  TYR TYR A . n 
A 1 71  TYR 71  98  98  TYR TYR A . n 
A 1 72  LYS 72  99  99  LYS LYS A . n 
A 1 73  ILE 73  100 100 ILE ILE A . n 
A 1 74  ILE 74  101 101 ILE ILE A . n 
A 1 75  LYS 75  102 102 LYS LYS A . n 
A 1 76  THR 76  103 103 THR THR A . n 
A 1 77  PRO 77  104 104 PRO PRO A . n 
A 1 78  MET 78  105 105 MET MET A . n 
A 1 79  ASP 79  106 106 ASP ASP A . n 
A 1 80  MET 80  107 107 MET MET A . n 
A 1 81  GLY 81  108 108 GLY GLY A . n 
A 1 82  THR 82  109 109 THR THR A . n 
A 1 83  ILE 83  110 110 ILE ILE A . n 
A 1 84  LYS 84  111 111 LYS LYS A . n 
A 1 85  LYS 85  112 112 LYS LYS A . n 
A 1 86  ARG 86  113 113 ARG ARG A . n 
A 1 87  LEU 87  114 114 LEU LEU A . n 
A 1 88  GLU 88  115 115 GLU GLU A . n 
A 1 89  ASN 89  116 116 ASN ASN A . n 
A 1 90  ASN 90  117 117 ASN ASN A . n 
A 1 91  TYR 91  118 118 TYR TYR A . n 
A 1 92  TYR 92  119 119 TYR TYR A . n 
A 1 93  TRP 93  120 120 TRP TRP A . n 
A 1 94  ASN 94  121 121 ASN ASN A . n 
A 1 95  ALA 95  122 122 ALA ALA A . n 
A 1 96  GLN 96  123 123 GLN GLN A . n 
A 1 97  GLU 97  124 124 GLU GLU A . n 
A 1 98  CYS 98  125 125 CYS CYS A . n 
A 1 99  ILE 99  126 126 ILE ILE A . n 
A 1 100 GLN 100 127 127 GLN GLN A . n 
A 1 101 ASP 101 128 128 ASP ASP A . n 
A 1 102 PHE 102 129 129 PHE PHE A . n 
A 1 103 ASN 103 130 130 ASN ASN A . n 
A 1 104 THR 104 131 131 THR THR A . n 
A 1 105 MET 105 132 132 MET MET A . n 
A 1 106 PHE 106 133 133 PHE PHE A . n 
A 1 107 THR 107 134 134 THR THR A . n 
A 1 108 ASN 108 135 135 ASN ASN A . n 
A 1 109 CYS 109 136 136 CYS CYS A . n 
A 1 110 TYR 110 137 137 TYR TYR A . n 
A 1 111 ILE 111 138 138 ILE ILE A . n 
A 1 112 TYR 112 139 139 TYR TYR A . n 
A 1 113 ASN 113 140 140 ASN ASN A . n 
A 1 114 LYS 114 141 141 LYS LYS A . n 
A 1 115 PRO 115 142 142 PRO PRO A . n 
A 1 116 GLY 116 143 143 GLY GLY A . n 
A 1 117 ASP 117 144 144 ASP ASP A . n 
A 1 118 ASP 118 145 145 ASP ASP A . n 
A 1 119 ILE 119 146 146 ILE ILE A . n 
A 1 120 VAL 120 147 147 VAL VAL A . n 
A 1 121 LEU 121 148 148 LEU LEU A . n 
A 1 122 MET 122 149 149 MET MET A . n 
A 1 123 ALA 123 150 150 ALA ALA A . n 
A 1 124 GLU 124 151 151 GLU GLU A . n 
A 1 125 ALA 125 152 152 ALA ALA A . n 
A 1 126 LEU 126 153 153 LEU LEU A . n 
A 1 127 GLU 127 154 154 GLU GLU A . n 
A 1 128 LYS 128 155 155 LYS LYS A . n 
A 1 129 LEU 129 156 156 LEU LEU A . n 
A 1 130 PHE 130 157 157 PHE PHE A . n 
A 1 131 LEU 131 158 158 LEU LEU A . n 
A 1 132 GLN 132 159 159 GLN GLN A . n 
A 1 133 LYS 133 160 160 LYS LYS A . n 
A 1 134 ILE 134 161 161 ILE ILE A . n 
A 1 135 ASN 135 162 162 ASN ASN A . n 
A 1 136 GLU 136 163 163 GLU GLU A . n 
A 1 137 LEU 137 164 164 LEU LEU A . n 
A 1 138 PRO 138 165 165 PRO PRO A . n 
A 1 139 THR 139 166 166 THR THR A . n 
A 1 140 GLU 140 167 167 GLU GLU A . n 
A 1 141 GLU 141 168 168 GLU GLU A . n 
# 
loop_
_pdbx_nonpoly_scheme.asym_id 
_pdbx_nonpoly_scheme.entity_id 
_pdbx_nonpoly_scheme.mon_id 
_pdbx_nonpoly_scheme.ndb_seq_num 
_pdbx_nonpoly_scheme.pdb_seq_num 
_pdbx_nonpoly_scheme.auth_seq_num 
_pdbx_nonpoly_scheme.pdb_mon_id 
_pdbx_nonpoly_scheme.auth_mon_id 
_pdbx_nonpoly_scheme.pdb_strand_id 
_pdbx_nonpoly_scheme.pdb_ins_code 
B 2 8Q3 1  201 1  8Q3 E0H A . 
C 3 EDO 1  202 1  EDO EDO A . 
D 3 EDO 1  203 2  EDO EDO A . 
E 4 NO3 1  204 1  NO3 NO3 A . 
F 4 NO3 1  205 2  NO3 NO3 A . 
G 5 NA  1  206 1  NA  NA  A . 
H 6 GOL 1  207 1  GOL GOL A . 
I 7 HOH 1  301 83 HOH HOH A . 
I 7 HOH 2  302 14 HOH HOH A . 
I 7 HOH 3  303 32 HOH HOH A . 
I 7 HOH 4  304 77 HOH HOH A . 
I 7 HOH 5  305 81 HOH HOH A . 
I 7 HOH 6  306 71 HOH HOH A . 
I 7 HOH 7  307 15 HOH HOH A . 
I 7 HOH 8  308 35 HOH HOH A . 
I 7 HOH 9  309 34 HOH HOH A . 
I 7 HOH 10 310 22 HOH HOH A . 
I 7 HOH 11 311 20 HOH HOH A . 
I 7 HOH 12 312 12 HOH HOH A . 
I 7 HOH 13 313 38 HOH HOH A . 
I 7 HOH 14 314 29 HOH HOH A . 
I 7 HOH 15 315 72 HOH HOH A . 
I 7 HOH 16 316 36 HOH HOH A . 
I 7 HOH 17 317 27 HOH HOH A . 
I 7 HOH 18 318 55 HOH HOH A . 
I 7 HOH 19 319 23 HOH HOH A . 
I 7 HOH 20 320 28 HOH HOH A . 
I 7 HOH 21 321 25 HOH HOH A . 
I 7 HOH 22 322 10 HOH HOH A . 
I 7 HOH 23 323 24 HOH HOH A . 
I 7 HOH 24 324 60 HOH HOH A . 
I 7 HOH 25 325 79 HOH HOH A . 
I 7 HOH 26 326 13 HOH HOH A . 
I 7 HOH 27 327 2  HOH HOH A . 
I 7 HOH 28 328 53 HOH HOH A . 
I 7 HOH 29 329 5  HOH HOH A . 
I 7 HOH 30 330 54 HOH HOH A . 
I 7 HOH 31 331 31 HOH HOH A . 
I 7 HOH 32 332 56 HOH HOH A . 
I 7 HOH 33 333 11 HOH HOH A . 
I 7 HOH 34 334 18 HOH HOH A . 
I 7 HOH 35 335 76 HOH HOH A . 
I 7 HOH 36 336 41 HOH HOH A . 
I 7 HOH 37 337 45 HOH HOH A . 
I 7 HOH 38 338 9  HOH HOH A . 
I 7 HOH 39 339 52 HOH HOH A . 
I 7 HOH 40 340 16 HOH HOH A . 
I 7 HOH 41 341 80 HOH HOH A . 
I 7 HOH 42 342 21 HOH HOH A . 
I 7 HOH 43 343 49 HOH HOH A . 
I 7 HOH 44 344 63 HOH HOH A . 
I 7 HOH 45 345 1  HOH HOH A . 
I 7 HOH 46 346 67 HOH HOH A . 
I 7 HOH 47 347 26 HOH HOH A . 
I 7 HOH 48 348 70 HOH HOH A . 
I 7 HOH 49 349 84 HOH HOH A . 
I 7 HOH 50 350 8  HOH HOH A . 
I 7 HOH 51 351 46 HOH HOH A . 
I 7 HOH 52 352 51 HOH HOH A . 
I 7 HOH 53 353 33 HOH HOH A . 
I 7 HOH 54 354 37 HOH HOH A . 
I 7 HOH 55 355 17 HOH HOH A . 
I 7 HOH 56 356 19 HOH HOH A . 
I 7 HOH 57 357 7  HOH HOH A . 
I 7 HOH 58 358 78 HOH HOH A . 
I 7 HOH 59 359 43 HOH HOH A . 
I 7 HOH 60 360 4  HOH HOH A . 
I 7 HOH 61 361 3  HOH HOH A . 
I 7 HOH 62 362 47 HOH HOH A . 
I 7 HOH 63 363 61 HOH HOH A . 
I 7 HOH 64 364 74 HOH HOH A . 
I 7 HOH 65 365 75 HOH HOH A . 
I 7 HOH 66 366 65 HOH HOH A . 
I 7 HOH 67 367 40 HOH HOH A . 
I 7 HOH 68 368 64 HOH HOH A . 
I 7 HOH 69 369 87 HOH HOH A . 
I 7 HOH 70 370 48 HOH HOH A . 
I 7 HOH 71 371 39 HOH HOH A . 
I 7 HOH 72 372 50 HOH HOH A . 
I 7 HOH 73 373 68 HOH HOH A . 
I 7 HOH 74 374 42 HOH HOH A . 
I 7 HOH 75 375 58 HOH HOH A . 
I 7 HOH 76 376 69 HOH HOH A . 
I 7 HOH 77 377 30 HOH HOH A . 
I 7 HOH 78 378 82 HOH HOH A . 
I 7 HOH 79 379 86 HOH HOH A . 
I 7 HOH 80 380 62 HOH HOH A . 
I 7 HOH 81 381 44 HOH HOH A . 
# 
loop_
_software.citation_id 
_software.classification 
_software.compiler_name 
_software.compiler_version 
_software.contact_author 
_software.contact_author_email 
_software.date 
_software.description 
_software.dependencies 
_software.hardware 
_software.language 
_software.location 
_software.mods 
_software.name 
_software.os 
_software.os_version 
_software.type 
_software.version 
_software.pdbx_ordinal 
? 'data scaling'    ? ? ? ? ? ? ? ? ? ? ? Aimless     ? ? ? 0.5.14   1 
? refinement        ? ? ? ? ? ? ? ? ? ? ? REFMAC      ? ? ? 5.8.0135 2 
? 'data extraction' ? ? ? ? ? ? ? ? ? ? ? PDB_EXTRACT ? ? ? 3.22     3 
? 'data reduction'  ? ? ? ? ? ? ? ? ? ? ? iMOSFLM     ? ? ? .        4 
? phasing           ? ? ? ? ? ? ? ? ? ? ? MOLREP      ? ? ? .        5 
# 
_cell.angle_alpha                  90.000 
_cell.angle_alpha_esd              ? 
_cell.angle_beta                   90.000 
_cell.angle_beta_esd               ? 
_cell.angle_gamma                  90.000 
_cell.angle_gamma_esd              ? 
_cell.entry_id                     5Y8Z 
_cell.details                      ? 
_cell.formula_units_Z              ? 
_cell.length_a                     39.480 
_cell.length_a_esd                 ? 
_cell.length_b                     48.270 
_cell.length_b_esd                 ? 
_cell.length_c                     77.890 
_cell.length_c_esd                 ? 
_cell.volume                       ? 
_cell.volume_esd                   ? 
_cell.Z_PDB                        4 
_cell.reciprocal_angle_alpha       ? 
_cell.reciprocal_angle_beta        ? 
_cell.reciprocal_angle_gamma       ? 
_cell.reciprocal_angle_alpha_esd   ? 
_cell.reciprocal_angle_beta_esd    ? 
_cell.reciprocal_angle_gamma_esd   ? 
_cell.reciprocal_length_a          ? 
_cell.reciprocal_length_b          ? 
_cell.reciprocal_length_c          ? 
_cell.reciprocal_length_a_esd      ? 
_cell.reciprocal_length_b_esd      ? 
_cell.reciprocal_length_c_esd      ? 
_cell.pdbx_unique_axis             ? 
# 
_symmetry.entry_id                         5Y8Z 
_symmetry.cell_setting                     ? 
_symmetry.Int_Tables_number                19 
_symmetry.space_group_name_Hall            ? 
_symmetry.space_group_name_H-M             'P 21 21 21' 
_symmetry.pdbx_full_space_group_name_H-M   ? 
# 
_exptl.absorpt_coefficient_mu     ? 
_exptl.absorpt_correction_T_max   ? 
_exptl.absorpt_correction_T_min   ? 
_exptl.absorpt_correction_type    ? 
_exptl.absorpt_process_details    ? 
_exptl.entry_id                   5Y8Z 
_exptl.crystals_number            1 
_exptl.details                    ? 
_exptl.method                     'X-RAY DIFFRACTION' 
_exptl.method_details             ? 
# 
_exptl_crystal.colour                      ? 
_exptl_crystal.density_diffrn              ? 
_exptl_crystal.density_Matthews            2.21 
_exptl_crystal.density_method              ? 
_exptl_crystal.density_percent_sol         44.42 
_exptl_crystal.description                 ? 
_exptl_crystal.F_000                       ? 
_exptl_crystal.id                          1 
_exptl_crystal.preparation                 ? 
_exptl_crystal.size_max                    ? 
_exptl_crystal.size_mid                    ? 
_exptl_crystal.size_min                    ? 
_exptl_crystal.size_rad                    ? 
_exptl_crystal.colour_lustre               ? 
_exptl_crystal.colour_modifier             ? 
_exptl_crystal.colour_primary              ? 
_exptl_crystal.density_meas                ? 
_exptl_crystal.density_meas_esd            ? 
_exptl_crystal.density_meas_gt             ? 
_exptl_crystal.density_meas_lt             ? 
_exptl_crystal.density_meas_temp           ? 
_exptl_crystal.density_meas_temp_esd       ? 
_exptl_crystal.density_meas_temp_gt        ? 
_exptl_crystal.density_meas_temp_lt        ? 
_exptl_crystal.pdbx_crystal_image_url      ? 
_exptl_crystal.pdbx_crystal_image_format   ? 
_exptl_crystal.pdbx_mosaicity              ? 
_exptl_crystal.pdbx_mosaicity_esd          ? 
# 
_exptl_crystal_grow.apparatus       ? 
_exptl_crystal_grow.atmosphere      ? 
_exptl_crystal_grow.crystal_id      1 
_exptl_crystal_grow.details         ? 
_exptl_crystal_grow.method          'VAPOR DIFFUSION, SITTING DROP' 
_exptl_crystal_grow.method_ref      ? 
_exptl_crystal_grow.pH              7.2 
_exptl_crystal_grow.pressure        ? 
_exptl_crystal_grow.pressure_esd    ? 
_exptl_crystal_grow.seeding         ? 
_exptl_crystal_grow.seeding_ref     ? 
_exptl_crystal_grow.temp            277 
_exptl_crystal_grow.temp_details    ? 
_exptl_crystal_grow.temp_esd        ? 
_exptl_crystal_grow.time            ? 
_exptl_crystal_grow.pdbx_details    '20% PEG3350, 0.2M NaNO3, 0.1M HEPES, 10% EtGhly,pH7.2' 
_exptl_crystal_grow.pdbx_pH_range   ? 
# 
_diffrn.ambient_environment    ? 
_diffrn.ambient_temp           80 
_diffrn.ambient_temp_details   ? 
_diffrn.ambient_temp_esd       ? 
_diffrn.crystal_id             1 
_diffrn.crystal_support        ? 
_diffrn.crystal_treatment      ? 
_diffrn.details                ? 
_diffrn.id                     1 
_diffrn.ambient_pressure       ? 
_diffrn.ambient_pressure_esd   ? 
_diffrn.ambient_pressure_gt    ? 
_diffrn.ambient_pressure_lt    ? 
_diffrn.ambient_temp_gt        ? 
_diffrn.ambient_temp_lt        ? 
# 
_diffrn_detector.details                      ? 
_diffrn_detector.detector                     PIXEL 
_diffrn_detector.diffrn_id                    1 
_diffrn_detector.type                         'DECTRIS PILATUS3 6M' 
_diffrn_detector.area_resol_mean              ? 
_diffrn_detector.dtime                        ? 
_diffrn_detector.pdbx_frames_total            ? 
_diffrn_detector.pdbx_collection_time_total   ? 
_diffrn_detector.pdbx_collection_date         2015-09-07 
# 
_diffrn_radiation.collimation                      ? 
_diffrn_radiation.diffrn_id                        1 
_diffrn_radiation.filter_edge                      ? 
_diffrn_radiation.inhomogeneity                    ? 
_diffrn_radiation.monochromator                    ? 
_diffrn_radiation.polarisn_norm                    ? 
_diffrn_radiation.polarisn_ratio                   ? 
_diffrn_radiation.probe                            ? 
_diffrn_radiation.type                             ? 
_diffrn_radiation.xray_symbol                      ? 
_diffrn_radiation.wavelength_id                    1 
_diffrn_radiation.pdbx_monochromatic_or_laue_m_l   M 
_diffrn_radiation.pdbx_wavelength_list             ? 
_diffrn_radiation.pdbx_wavelength                  ? 
_diffrn_radiation.pdbx_diffrn_protocol             'SINGLE WAVELENGTH' 
_diffrn_radiation.pdbx_analyzer                    ? 
_diffrn_radiation.pdbx_scattering_type             x-ray 
# 
_diffrn_radiation_wavelength.id           1 
_diffrn_radiation_wavelength.wavelength   0.97853 
_diffrn_radiation_wavelength.wt           1.0 
# 
_diffrn_source.current                     ? 
_diffrn_source.details                     ? 
_diffrn_source.diffrn_id                   1 
_diffrn_source.power                       ? 
_diffrn_source.size                        ? 
_diffrn_source.source                      SYNCHROTRON 
_diffrn_source.target                      ? 
_diffrn_source.type                        'SSRF BEAMLINE BL19U1' 
_diffrn_source.voltage                     ? 
_diffrn_source.take-off_angle              ? 
_diffrn_source.pdbx_wavelength_list        0.97853 
_diffrn_source.pdbx_wavelength             ? 
_diffrn_source.pdbx_synchrotron_beamline   BL19U1 
_diffrn_source.pdbx_synchrotron_site       SSRF 
# 
_reflns.B_iso_Wilson_estimate            ? 
_reflns.entry_id                         5Y8Z 
_reflns.data_reduction_details           ? 
_reflns.data_reduction_method            ? 
_reflns.d_resolution_high                1.840 
_reflns.d_resolution_low                 48.270 
_reflns.details                          ? 
_reflns.limit_h_max                      ? 
_reflns.limit_h_min                      ? 
_reflns.limit_k_max                      ? 
_reflns.limit_k_min                      ? 
_reflns.limit_l_max                      ? 
_reflns.limit_l_min                      ? 
_reflns.number_all                       ? 
_reflns.number_obs                       13419 
_reflns.observed_criterion               ? 
_reflns.observed_criterion_F_max         ? 
_reflns.observed_criterion_F_min         ? 
_reflns.observed_criterion_I_max         ? 
_reflns.observed_criterion_I_min         ? 
_reflns.observed_criterion_sigma_F       ? 
_reflns.observed_criterion_sigma_I       ? 
_reflns.percent_possible_obs             99.400 
_reflns.R_free_details                   ? 
_reflns.Rmerge_F_all                     ? 
_reflns.Rmerge_F_obs                     ? 
_reflns.Friedel_coverage                 ? 
_reflns.number_gt                        ? 
_reflns.threshold_expression             ? 
_reflns.pdbx_redundancy                  11.700 
_reflns.pdbx_Rmerge_I_obs                0.125 
_reflns.pdbx_Rmerge_I_all                ? 
_reflns.pdbx_Rsym_value                  ? 
_reflns.pdbx_netI_over_av_sigmaI         ? 
_reflns.pdbx_netI_over_sigmaI            16.000 
_reflns.pdbx_res_netI_over_av_sigmaI_2   ? 
_reflns.pdbx_res_netI_over_sigmaI_2      ? 
_reflns.pdbx_chi_squared                 ? 
_reflns.pdbx_scaling_rejects             ? 
_reflns.pdbx_d_res_high_opt              ? 
_reflns.pdbx_d_res_low_opt               ? 
_reflns.pdbx_d_res_opt_method            ? 
_reflns.phase_calculation_details        ? 
_reflns.pdbx_Rrim_I_all                  0.131 
_reflns.pdbx_Rpim_I_all                  0.037 
_reflns.pdbx_d_opt                       ? 
_reflns.pdbx_number_measured_all         ? 
_reflns.pdbx_diffrn_id                   1 
_reflns.pdbx_ordinal                     1 
_reflns.pdbx_CC_half                     0.993 
_reflns.pdbx_R_split                     ? 
# 
_reflns_shell.d_res_high                  1.840 
_reflns_shell.d_res_low                   1.880 
_reflns_shell.meanI_over_sigI_all         ? 
_reflns_shell.meanI_over_sigI_obs         ? 
_reflns_shell.number_measured_all         ? 
_reflns_shell.number_measured_obs         ? 
_reflns_shell.number_possible             ? 
_reflns_shell.number_unique_all           ? 
_reflns_shell.number_unique_obs           835 
_reflns_shell.percent_possible_all        99.200 
_reflns_shell.percent_possible_obs        ? 
_reflns_shell.Rmerge_F_all                ? 
_reflns_shell.Rmerge_F_obs                ? 
_reflns_shell.Rmerge_I_all                ? 
_reflns_shell.Rmerge_I_obs                0.273 
_reflns_shell.meanI_over_sigI_gt          ? 
_reflns_shell.meanI_over_uI_all           ? 
_reflns_shell.meanI_over_uI_gt            ? 
_reflns_shell.number_measured_gt          ? 
_reflns_shell.number_unique_gt            ? 
_reflns_shell.percent_possible_gt         ? 
_reflns_shell.Rmerge_F_gt                 ? 
_reflns_shell.Rmerge_I_gt                 ? 
_reflns_shell.pdbx_redundancy             12.000 
_reflns_shell.pdbx_Rsym_value             ? 
_reflns_shell.pdbx_chi_squared            ? 
_reflns_shell.pdbx_netI_over_sigmaI_all   ? 
_reflns_shell.pdbx_netI_over_sigmaI_obs   ? 
_reflns_shell.pdbx_Rrim_I_all             0.285 
_reflns_shell.pdbx_Rpim_I_all             0.081 
_reflns_shell.pdbx_rejects                ? 
_reflns_shell.pdbx_ordinal                1 
_reflns_shell.pdbx_diffrn_id              1 
_reflns_shell.pdbx_CC_half                0.989 
_reflns_shell.pdbx_R_split                ? 
# 
_refine.aniso_B[1][1]                            2.6200 
_refine.aniso_B[1][2]                            0.0000 
_refine.aniso_B[1][3]                            0.0000 
_refine.aniso_B[2][2]                            -0.6900 
_refine.aniso_B[2][3]                            0.0000 
_refine.aniso_B[3][3]                            -1.9400 
_refine.B_iso_max                                82.780 
_refine.B_iso_mean                               21.4020 
_refine.B_iso_min                                9.850 
_refine.correlation_coeff_Fo_to_Fc               0.9560 
_refine.correlation_coeff_Fo_to_Fc_free          0.9480 
_refine.details                                  
'HYDROGENS HAVE BEEN ADDED IN THE RIDING POSITIONS U VALUES      : REFINED INDIVIDUALLY' 
_refine.diff_density_max                         ? 
_refine.diff_density_max_esd                     ? 
_refine.diff_density_min                         ? 
_refine.diff_density_min_esd                     ? 
_refine.diff_density_rms                         ? 
_refine.diff_density_rms_esd                     ? 
_refine.entry_id                                 5Y8Z 
_refine.pdbx_refine_id                           'X-RAY DIFFRACTION' 
_refine.ls_abs_structure_details                 ? 
_refine.ls_abs_structure_Flack                   ? 
_refine.ls_abs_structure_Flack_esd               ? 
_refine.ls_abs_structure_Rogers                  ? 
_refine.ls_abs_structure_Rogers_esd              ? 
_refine.ls_d_res_high                            1.8400 
_refine.ls_d_res_low                             41.0300 
_refine.ls_extinction_coef                       ? 
_refine.ls_extinction_coef_esd                   ? 
_refine.ls_extinction_expression                 ? 
_refine.ls_extinction_method                     ? 
_refine.ls_goodness_of_fit_all                   ? 
_refine.ls_goodness_of_fit_all_esd               ? 
_refine.ls_goodness_of_fit_obs                   ? 
_refine.ls_goodness_of_fit_obs_esd               ? 
_refine.ls_hydrogen_treatment                    ? 
_refine.ls_matrix_type                           ? 
_refine.ls_number_constraints                    ? 
_refine.ls_number_parameters                     ? 
_refine.ls_number_reflns_all                     ? 
_refine.ls_number_reflns_obs                     12690 
_refine.ls_number_reflns_R_free                  690 
_refine.ls_number_reflns_R_work                  ? 
_refine.ls_number_restraints                     ? 
_refine.ls_percent_reflns_obs                    99.2400 
_refine.ls_percent_reflns_R_free                 5.2000 
_refine.ls_R_factor_all                          ? 
_refine.ls_R_factor_obs                          0.1687 
_refine.ls_R_factor_R_free                       0.1845 
_refine.ls_R_factor_R_free_error                 ? 
_refine.ls_R_factor_R_free_error_details         ? 
_refine.ls_R_factor_R_work                       0.1678 
_refine.ls_R_Fsqd_factor_obs                     ? 
_refine.ls_R_I_factor_obs                        ? 
_refine.ls_redundancy_reflns_all                 ? 
_refine.ls_redundancy_reflns_obs                 ? 
_refine.ls_restrained_S_all                      ? 
_refine.ls_restrained_S_obs                      ? 
_refine.ls_shift_over_esd_max                    ? 
_refine.ls_shift_over_esd_mean                   ? 
_refine.ls_structure_factor_coef                 ? 
_refine.ls_weighting_details                     ? 
_refine.ls_weighting_scheme                      ? 
_refine.ls_wR_factor_all                         ? 
_refine.ls_wR_factor_obs                         ? 
_refine.ls_wR_factor_R_free                      ? 
_refine.ls_wR_factor_R_work                      ? 
_refine.occupancy_max                            ? 
_refine.occupancy_min                            ? 
_refine.solvent_model_details                    ? 
_refine.solvent_model_param_bsol                 ? 
_refine.solvent_model_param_ksol                 ? 
_refine.ls_R_factor_gt                           ? 
_refine.ls_goodness_of_fit_gt                    ? 
_refine.ls_goodness_of_fit_ref                   ? 
_refine.ls_shift_over_su_max                     ? 
_refine.ls_shift_over_su_max_lt                  ? 
_refine.ls_shift_over_su_mean                    ? 
_refine.ls_shift_over_su_mean_lt                 ? 
_refine.pdbx_ls_sigma_I                          ? 
_refine.pdbx_ls_sigma_F                          0.000 
_refine.pdbx_ls_sigma_Fsqd                       ? 
_refine.pdbx_data_cutoff_high_absF               ? 
_refine.pdbx_data_cutoff_high_rms_absF           ? 
_refine.pdbx_data_cutoff_low_absF                ? 
_refine.pdbx_isotropic_thermal_model             ? 
_refine.pdbx_ls_cross_valid_method               THROUGHOUT 
_refine.pdbx_method_to_determine_struct          ? 
_refine.pdbx_starting_model                      ? 
_refine.pdbx_stereochemistry_target_values       ? 
_refine.pdbx_R_Free_selection_details            RANDOM 
_refine.pdbx_stereochem_target_val_spec_case     ? 
_refine.pdbx_overall_ESU_R                       0.1240 
_refine.pdbx_overall_ESU_R_Free                  0.1070 
_refine.pdbx_solvent_vdw_probe_radii             1.2000 
_refine.pdbx_solvent_ion_probe_radii             0.8000 
_refine.pdbx_solvent_shrinkage_radii             0.8000 
_refine.pdbx_real_space_R                        ? 
_refine.pdbx_density_correlation                 ? 
_refine.pdbx_pd_number_of_powder_patterns        ? 
_refine.pdbx_pd_number_of_points                 ? 
_refine.pdbx_pd_meas_number_of_points            ? 
_refine.pdbx_pd_proc_ls_prof_R_factor            ? 
_refine.pdbx_pd_proc_ls_prof_wR_factor           ? 
_refine.pdbx_pd_Marquardt_correlation_coeff      ? 
_refine.pdbx_pd_Fsqrd_R_factor                   ? 
_refine.pdbx_pd_ls_matrix_band_width             ? 
_refine.pdbx_overall_phase_error                 ? 
_refine.pdbx_overall_SU_R_free_Cruickshank_DPI   ? 
_refine.pdbx_overall_SU_R_free_Blow_DPI          ? 
_refine.pdbx_overall_SU_R_Blow_DPI               ? 
_refine.pdbx_TLS_residual_ADP_flag               ? 
_refine.pdbx_diffrn_id                           1 
_refine.overall_SU_B                             2.1180 
_refine.overall_SU_ML                            0.0670 
_refine.overall_SU_R_Cruickshank_DPI             ? 
_refine.overall_SU_R_free                        ? 
_refine.overall_FOM_free_R_set                   ? 
_refine.overall_FOM_work_R_set                   ? 
_refine.pdbx_average_fsc_overall                 ? 
_refine.pdbx_average_fsc_work                    ? 
_refine.pdbx_average_fsc_free                    ? 
# 
_refine_hist.cycle_id                         final 
_refine_hist.pdbx_refine_id                   'X-RAY DIFFRACTION' 
_refine_hist.d_res_high                       1.8400 
_refine_hist.d_res_low                        41.0300 
_refine_hist.pdbx_number_atoms_ligand         47 
_refine_hist.number_atoms_solvent             81 
_refine_hist.number_atoms_total               1185 
_refine_hist.pdbx_number_residues_total       127 
_refine_hist.pdbx_B_iso_mean_ligand           24.36 
_refine_hist.pdbx_B_iso_mean_solvent          26.61 
_refine_hist.pdbx_number_atoms_protein        1057 
_refine_hist.pdbx_number_atoms_nucleic_acid   0 
# 
loop_
_refine_ls_restr.pdbx_refine_id 
_refine_ls_restr.criterion 
_refine_ls_restr.dev_ideal 
_refine_ls_restr.dev_ideal_target 
_refine_ls_restr.number 
_refine_ls_restr.rejects 
_refine_ls_restr.type 
_refine_ls_restr.weight 
_refine_ls_restr.pdbx_restraint_function 
'X-RAY DIFFRACTION' ? 0.012  0.020  1159 ? r_bond_refined_d       ? ? 
'X-RAY DIFFRACTION' ? 0.002  0.020  1091 ? r_bond_other_d         ? ? 
'X-RAY DIFFRACTION' ? 1.510  1.999  1579 ? r_angle_refined_deg    ? ? 
'X-RAY DIFFRACTION' ? 0.979  3.004  2522 ? r_angle_other_deg      ? ? 
'X-RAY DIFFRACTION' ? 5.304  5.000  134  ? r_dihedral_angle_1_deg ? ? 
'X-RAY DIFFRACTION' ? 38.888 26.207 58   ? r_dihedral_angle_2_deg ? ? 
'X-RAY DIFFRACTION' ? 13.713 15.000 200  ? r_dihedral_angle_3_deg ? ? 
'X-RAY DIFFRACTION' ? 10.756 15.000 3    ? r_dihedral_angle_4_deg ? ? 
'X-RAY DIFFRACTION' ? 0.088  0.200  163  ? r_chiral_restr         ? ? 
'X-RAY DIFFRACTION' ? 0.007  0.021  1309 ? r_gen_planes_refined   ? ? 
'X-RAY DIFFRACTION' ? 0.002  0.020  262  ? r_gen_planes_other     ? ? 
# 
_refine_ls_shell.pdbx_refine_id                   'X-RAY DIFFRACTION' 
_refine_ls_shell.d_res_high                       1.8400 
_refine_ls_shell.d_res_low                        1.8880 
_refine_ls_shell.number_reflns_all                ? 
_refine_ls_shell.number_reflns_obs                984 
_refine_ls_shell.number_reflns_R_free             54 
_refine_ls_shell.number_reflns_R_work             930 
_refine_ls_shell.percent_reflns_obs               98.8900 
_refine_ls_shell.percent_reflns_R_free            ? 
_refine_ls_shell.R_factor_all                     ? 
_refine_ls_shell.R_factor_obs                     ? 
_refine_ls_shell.R_factor_R_free                  0.2330 
_refine_ls_shell.R_factor_R_free_error            0.0000 
_refine_ls_shell.R_factor_R_work                  0.1650 
_refine_ls_shell.redundancy_reflns_all            ? 
_refine_ls_shell.redundancy_reflns_obs            ? 
_refine_ls_shell.wR_factor_all                    ? 
_refine_ls_shell.wR_factor_obs                    ? 
_refine_ls_shell.wR_factor_R_free                 ? 
_refine_ls_shell.wR_factor_R_work                 ? 
_refine_ls_shell.pdbx_total_number_of_bins_used   20 
_refine_ls_shell.pdbx_phase_error                 ? 
_refine_ls_shell.pdbx_fsc_work                    ? 
_refine_ls_shell.pdbx_fsc_free                    ? 
# 
_struct.entry_id                     5Y8Z 
_struct.title                        'Crystal Structure Analysis of the BRD4' 
_struct.pdbx_model_details           ? 
_struct.pdbx_formula_weight          ? 
_struct.pdbx_formula_weight_method   ? 
_struct.pdbx_model_type_details      ? 
_struct.pdbx_CASP_flag               N 
# 
_struct_keywords.entry_id        5Y8Z 
_struct_keywords.text            'BRD4(1), Bromodomain, TRANSCRIPTION' 
_struct_keywords.pdbx_keywords   TRANSCRIPTION 
# 
loop_
_struct_asym.id 
_struct_asym.pdbx_blank_PDB_chainid_flag 
_struct_asym.pdbx_modified 
_struct_asym.entity_id 
_struct_asym.details 
A N N 1 ? 
B N N 2 ? 
C N N 3 ? 
D N N 3 ? 
E N N 4 ? 
F N N 4 ? 
G N N 5 ? 
H N N 6 ? 
I N N 7 ? 
# 
_struct_ref.id                         1 
_struct_ref.db_name                    UNP 
_struct_ref.db_code                    BRD4_HUMAN 
_struct_ref.pdbx_db_accession          O60885 
_struct_ref.pdbx_db_isoform            ? 
_struct_ref.entity_id                  1 
_struct_ref.pdbx_seq_one_letter_code   
;NPPPPETSNPNKPKRQTNQLQYLLRVVLKTLWKHQFAWPFQQPVDAVKLNLPDYYKIIKTPMDMGTIKKRLENNYYWNAQ
ECIQDFNTMFTNCYIYNKPGDDIVLMAEALEKLFLQKINELPTEE
;
_struct_ref.pdbx_align_begin           44 
# 
_struct_ref_seq.align_id                      1 
_struct_ref_seq.ref_id                        1 
_struct_ref_seq.pdbx_PDB_id_code              5Y8Z 
_struct_ref_seq.pdbx_strand_id                A 
_struct_ref_seq.seq_align_beg                 17 
_struct_ref_seq.pdbx_seq_align_beg_ins_code   ? 
_struct_ref_seq.seq_align_end                 141 
_struct_ref_seq.pdbx_seq_align_end_ins_code   ? 
_struct_ref_seq.pdbx_db_accession             O60885 
_struct_ref_seq.db_align_beg                  44 
_struct_ref_seq.pdbx_db_align_beg_ins_code    ? 
_struct_ref_seq.db_align_end                  168 
_struct_ref_seq.pdbx_db_align_end_ins_code    ? 
_struct_ref_seq.pdbx_auth_seq_align_beg       44 
_struct_ref_seq.pdbx_auth_seq_align_end       168 
# 
loop_
_struct_ref_seq_dif.align_id 
_struct_ref_seq_dif.pdbx_pdb_id_code 
_struct_ref_seq_dif.mon_id 
_struct_ref_seq_dif.pdbx_pdb_strand_id 
_struct_ref_seq_dif.seq_num 
_struct_ref_seq_dif.pdbx_pdb_ins_code 
_struct_ref_seq_dif.pdbx_seq_db_name 
_struct_ref_seq_dif.pdbx_seq_db_accession_code 
_struct_ref_seq_dif.db_mon_id 
_struct_ref_seq_dif.pdbx_seq_db_seq_num 
_struct_ref_seq_dif.details 
_struct_ref_seq_dif.pdbx_auth_seq_num 
_struct_ref_seq_dif.pdbx_ordinal 
1 5Y8Z MET A 1  ? UNP O60885 ? ? 'expression tag' 28 1  
1 5Y8Z LYS A 2  ? UNP O60885 ? ? 'expression tag' 29 2  
1 5Y8Z LYS A 3  ? UNP O60885 ? ? 'expression tag' 30 3  
1 5Y8Z GLY A 4  ? UNP O60885 ? ? 'expression tag' 31 4  
1 5Y8Z HIS A 5  ? UNP O60885 ? ? 'expression tag' 32 5  
1 5Y8Z HIS A 6  ? UNP O60885 ? ? 'expression tag' 33 6  
1 5Y8Z HIS A 7  ? UNP O60885 ? ? 'expression tag' 34 7  
1 5Y8Z HIS A 8  ? UNP O60885 ? ? 'expression tag' 35 8  
1 5Y8Z HIS A 9  ? UNP O60885 ? ? 'expression tag' 36 9  
1 5Y8Z HIS A 10 ? UNP O60885 ? ? 'expression tag' 37 10 
1 5Y8Z LEU A 11 ? UNP O60885 ? ? 'expression tag' 38 11 
1 5Y8Z VAL A 12 ? UNP O60885 ? ? 'expression tag' 39 12 
1 5Y8Z PRO A 13 ? UNP O60885 ? ? 'expression tag' 40 13 
1 5Y8Z ARG A 14 ? UNP O60885 ? ? 'expression tag' 41 14 
1 5Y8Z GLY A 15 ? UNP O60885 ? ? 'expression tag' 42 15 
1 5Y8Z SER A 16 ? UNP O60885 ? ? 'expression tag' 43 16 
# 
_pdbx_struct_assembly.id                   1 
_pdbx_struct_assembly.details              author_and_software_defined_assembly 
_pdbx_struct_assembly.method_details       PISA 
_pdbx_struct_assembly.oligomeric_details   monomeric 
_pdbx_struct_assembly.oligomeric_count     1 
# 
loop_
_pdbx_struct_assembly_prop.biol_id 
_pdbx_struct_assembly_prop.type 
_pdbx_struct_assembly_prop.value 
_pdbx_struct_assembly_prop.details 
1 'ABSA (A^2)' 130  ? 
1 MORE         -9   ? 
1 'SSA (A^2)'  7520 ? 
# 
_pdbx_struct_assembly_gen.assembly_id       1 
_pdbx_struct_assembly_gen.oper_expression   1 
_pdbx_struct_assembly_gen.asym_id_list      A,B,C,D,E,F,G,H,I 
# 
_pdbx_struct_assembly_auth_evidence.id                     1 
_pdbx_struct_assembly_auth_evidence.assembly_id            1 
_pdbx_struct_assembly_auth_evidence.experimental_support   none 
_pdbx_struct_assembly_auth_evidence.details                ? 
# 
_pdbx_struct_oper_list.id                   1 
_pdbx_struct_oper_list.type                 'identity operation' 
_pdbx_struct_oper_list.name                 1_555 
_pdbx_struct_oper_list.symmetry_operation   x,y,z 
_pdbx_struct_oper_list.matrix[1][1]         1.0000000000 
_pdbx_struct_oper_list.matrix[1][2]         0.0000000000 
_pdbx_struct_oper_list.matrix[1][3]         0.0000000000 
_pdbx_struct_oper_list.vector[1]            0.0000000000 
_pdbx_struct_oper_list.matrix[2][1]         0.0000000000 
_pdbx_struct_oper_list.matrix[2][2]         1.0000000000 
_pdbx_struct_oper_list.matrix[2][3]         0.0000000000 
_pdbx_struct_oper_list.vector[2]            0.0000000000 
_pdbx_struct_oper_list.matrix[3][1]         0.0000000000 
_pdbx_struct_oper_list.matrix[3][2]         0.0000000000 
_pdbx_struct_oper_list.matrix[3][3]         1.0000000000 
_pdbx_struct_oper_list.vector[3]            0.0000000000 
# 
loop_
_struct_conf.conf_type_id 
_struct_conf.id 
_struct_conf.pdbx_PDB_helix_id 
_struct_conf.beg_label_comp_id 
_struct_conf.beg_label_asym_id 
_struct_conf.beg_label_seq_id 
_struct_conf.pdbx_beg_PDB_ins_code 
_struct_conf.end_label_comp_id 
_struct_conf.end_label_asym_id 
_struct_conf.end_label_seq_id 
_struct_conf.pdbx_end_PDB_ins_code 
_struct_conf.beg_auth_comp_id 
_struct_conf.beg_auth_asym_id 
_struct_conf.beg_auth_seq_id 
_struct_conf.end_auth_comp_id 
_struct_conf.end_auth_asym_id 
_struct_conf.end_auth_seq_id 
_struct_conf.pdbx_PDB_helix_class 
_struct_conf.details 
_struct_conf.pdbx_PDB_helix_length 
HELX_P HELX_P1 AA1 THR A 33  ? VAL A 42  ? THR A 60  VAL A 69  1 ? 10 
HELX_P HELX_P2 AA2 VAL A 42  ? LYS A 49  ? VAL A 69  LYS A 76  1 ? 8  
HELX_P HELX_P3 AA3 HIS A 50  ? GLN A 57  ? HIS A 77  GLN A 84  5 ? 8  
HELX_P HELX_P4 AA4 ASP A 69  ? ILE A 74  ? ASP A 96  ILE A 101 1 ? 6  
HELX_P HELX_P5 AA5 ASP A 79  ? ASN A 89  ? ASP A 106 ASN A 116 1 ? 11 
HELX_P HELX_P6 AA6 ASN A 94  ? ASN A 113 ? ASN A 121 ASN A 140 1 ? 20 
HELX_P HELX_P7 AA7 ASP A 117 ? GLU A 136 ? ASP A 144 GLU A 163 1 ? 20 
# 
_struct_conf_type.id          HELX_P 
_struct_conf_type.criteria    ? 
_struct_conf_type.reference   ? 
# 
loop_
_struct_conn.id 
_struct_conn.conn_type_id 
_struct_conn.pdbx_leaving_atom_flag 
_struct_conn.pdbx_PDB_id 
_struct_conn.ptnr1_label_asym_id 
_struct_conn.ptnr1_label_comp_id 
_struct_conn.ptnr1_label_seq_id 
_struct_conn.ptnr1_label_atom_id 
_struct_conn.pdbx_ptnr1_label_alt_id 
_struct_conn.pdbx_ptnr1_PDB_ins_code 
_struct_conn.pdbx_ptnr1_standard_comp_id 
_struct_conn.ptnr1_symmetry 
_struct_conn.ptnr2_label_asym_id 
_struct_conn.ptnr2_label_comp_id 
_struct_conn.ptnr2_label_seq_id 
_struct_conn.ptnr2_label_atom_id 
_struct_conn.pdbx_ptnr2_label_alt_id 
_struct_conn.pdbx_ptnr2_PDB_ins_code 
_struct_conn.ptnr1_auth_asym_id 
_struct_conn.ptnr1_auth_comp_id 
_struct_conn.ptnr1_auth_seq_id 
_struct_conn.ptnr2_auth_asym_id 
_struct_conn.ptnr2_auth_comp_id 
_struct_conn.ptnr2_auth_seq_id 
_struct_conn.ptnr2_symmetry 
_struct_conn.pdbx_ptnr3_label_atom_id 
_struct_conn.pdbx_ptnr3_label_seq_id 
_struct_conn.pdbx_ptnr3_label_comp_id 
_struct_conn.pdbx_ptnr3_label_asym_id 
_struct_conn.pdbx_ptnr3_label_alt_id 
_struct_conn.pdbx_ptnr3_PDB_ins_code 
_struct_conn.details 
_struct_conn.pdbx_dist_value 
_struct_conn.pdbx_value_order 
_struct_conn.pdbx_role 
metalc1 metalc ? ? A TYR 110 O  ? ? ? 1_555 G NA  . NA ? ? A TYR 137 A NA  206 1_555 ? ? ? ? ? ? ? 2.527 ? ? 
metalc2 metalc ? ? A ILE 111 O  ? ? ? 1_555 G NA  . NA ? ? A ILE 138 A NA  206 1_555 ? ? ? ? ? ? ? 2.668 ? ? 
metalc3 metalc ? ? A ASN 113 O  ? ? ? 1_555 G NA  . NA ? ? A ASN 140 A NA  206 1_555 ? ? ? ? ? ? ? 2.366 ? ? 
metalc4 metalc ? ? G NA  .   NA ? ? ? 1_555 I HOH . O  ? ? A NA  206 A HOH 343 1_555 ? ? ? ? ? ? ? 2.308 ? ? 
metalc5 metalc ? ? G NA  .   NA ? ? ? 1_555 I HOH . O  ? ? A NA  206 A HOH 370 1_555 ? ? ? ? ? ? ? 2.157 ? ? 
metalc6 metalc ? ? G NA  .   NA ? ? ? 1_555 I HOH . O  ? ? A NA  206 A HOH 372 1_555 ? ? ? ? ? ? ? 2.310 ? ? 
# 
_struct_conn_type.id          metalc 
_struct_conn_type.criteria    ? 
_struct_conn_type.reference   ? 
# 
loop_
_pdbx_struct_conn_angle.id 
_pdbx_struct_conn_angle.ptnr1_label_atom_id 
_pdbx_struct_conn_angle.ptnr1_label_alt_id 
_pdbx_struct_conn_angle.ptnr1_label_asym_id 
_pdbx_struct_conn_angle.ptnr1_label_comp_id 
_pdbx_struct_conn_angle.ptnr1_label_seq_id 
_pdbx_struct_conn_angle.ptnr1_auth_atom_id 
_pdbx_struct_conn_angle.ptnr1_auth_asym_id 
_pdbx_struct_conn_angle.ptnr1_auth_comp_id 
_pdbx_struct_conn_angle.ptnr1_auth_seq_id 
_pdbx_struct_conn_angle.ptnr1_PDB_ins_code 
_pdbx_struct_conn_angle.ptnr1_symmetry 
_pdbx_struct_conn_angle.ptnr2_label_atom_id 
_pdbx_struct_conn_angle.ptnr2_label_alt_id 
_pdbx_struct_conn_angle.ptnr2_label_asym_id 
_pdbx_struct_conn_angle.ptnr2_label_comp_id 
_pdbx_struct_conn_angle.ptnr2_label_seq_id 
_pdbx_struct_conn_angle.ptnr2_auth_atom_id 
_pdbx_struct_conn_angle.ptnr2_auth_asym_id 
_pdbx_struct_conn_angle.ptnr2_auth_comp_id 
_pdbx_struct_conn_angle.ptnr2_auth_seq_id 
_pdbx_struct_conn_angle.ptnr2_PDB_ins_code 
_pdbx_struct_conn_angle.ptnr2_symmetry 
_pdbx_struct_conn_angle.ptnr3_label_atom_id 
_pdbx_struct_conn_angle.ptnr3_label_alt_id 
_pdbx_struct_conn_angle.ptnr3_label_asym_id 
_pdbx_struct_conn_angle.ptnr3_label_comp_id 
_pdbx_struct_conn_angle.ptnr3_label_seq_id 
_pdbx_struct_conn_angle.ptnr3_auth_atom_id 
_pdbx_struct_conn_angle.ptnr3_auth_asym_id 
_pdbx_struct_conn_angle.ptnr3_auth_comp_id 
_pdbx_struct_conn_angle.ptnr3_auth_seq_id 
_pdbx_struct_conn_angle.ptnr3_PDB_ins_code 
_pdbx_struct_conn_angle.ptnr3_symmetry 
_pdbx_struct_conn_angle.value 
_pdbx_struct_conn_angle.value_esd 
1  O ? A TYR 110 ? A TYR 137 ? 1_555 NA ? G NA . ? A NA 206 ? 1_555 O ? A ILE 111 ? A ILE 138 ? 1_555 85.4  ? 
2  O ? A TYR 110 ? A TYR 137 ? 1_555 NA ? G NA . ? A NA 206 ? 1_555 O ? A ASN 113 ? A ASN 140 ? 1_555 83.4  ? 
3  O ? A ILE 111 ? A ILE 138 ? 1_555 NA ? G NA . ? A NA 206 ? 1_555 O ? A ASN 113 ? A ASN 140 ? 1_555 94.9  ? 
4  O ? A TYR 110 ? A TYR 137 ? 1_555 NA ? G NA . ? A NA 206 ? 1_555 O ? I HOH .   ? A HOH 343 ? 1_555 162.9 ? 
5  O ? A ILE 111 ? A ILE 138 ? 1_555 NA ? G NA . ? A NA 206 ? 1_555 O ? I HOH .   ? A HOH 343 ? 1_555 83.0  ? 
6  O ? A ASN 113 ? A ASN 140 ? 1_555 NA ? G NA . ? A NA 206 ? 1_555 O ? I HOH .   ? A HOH 343 ? 1_555 85.1  ? 
7  O ? A TYR 110 ? A TYR 137 ? 1_555 NA ? G NA . ? A NA 206 ? 1_555 O ? I HOH .   ? A HOH 370 ? 1_555 89.8  ? 
8  O ? A ILE 111 ? A ILE 138 ? 1_555 NA ? G NA . ? A NA 206 ? 1_555 O ? I HOH .   ? A HOH 370 ? 1_555 164.7 ? 
9  O ? A ASN 113 ? A ASN 140 ? 1_555 NA ? G NA . ? A NA 206 ? 1_555 O ? I HOH .   ? A HOH 370 ? 1_555 99.0  ? 
10 O ? I HOH .   ? A HOH 343 ? 1_555 NA ? G NA . ? A NA 206 ? 1_555 O ? I HOH .   ? A HOH 370 ? 1_555 104.5 ? 
11 O ? A TYR 110 ? A TYR 137 ? 1_555 NA ? G NA . ? A NA 206 ? 1_555 O ? I HOH .   ? A HOH 372 ? 1_555 92.0  ? 
12 O ? A ILE 111 ? A ILE 138 ? 1_555 NA ? G NA . ? A NA 206 ? 1_555 O ? I HOH .   ? A HOH 372 ? 1_555 87.7  ? 
13 O ? A ASN 113 ? A ASN 140 ? 1_555 NA ? G NA . ? A NA 206 ? 1_555 O ? I HOH .   ? A HOH 372 ? 1_555 174.4 ? 
14 O ? I HOH .   ? A HOH 343 ? 1_555 NA ? G NA . ? A NA 206 ? 1_555 O ? I HOH .   ? A HOH 372 ? 1_555 100.1 ? 
15 O ? I HOH .   ? A HOH 370 ? 1_555 NA ? G NA . ? A NA 206 ? 1_555 O ? I HOH .   ? A HOH 372 ? 1_555 77.9  ? 
# 
loop_
_struct_site.id 
_struct_site.pdbx_evidence_code 
_struct_site.pdbx_auth_asym_id 
_struct_site.pdbx_auth_comp_id 
_struct_site.pdbx_auth_seq_id 
_struct_site.pdbx_auth_ins_code 
_struct_site.pdbx_num_residues 
_struct_site.details 
AC1 Software A 8Q3 201 ? 11 'binding site for residue 8Q3 A 201' 
AC2 Software A EDO 202 ? 5  'binding site for residue EDO A 202' 
AC3 Software A EDO 203 ? 3  'binding site for residue EDO A 203' 
AC4 Software A NO3 204 ? 6  'binding site for residue NO3 A 204' 
AC5 Software A NO3 205 ? 4  'binding site for residue NO3 A 205' 
AC6 Software A NA  206 ? 6  'binding site for residue NA A 206'  
AC7 Software A GOL 207 ? 7  'binding site for residue GOL A 207' 
# 
loop_
_struct_site_gen.id 
_struct_site_gen.site_id 
_struct_site_gen.pdbx_num_res 
_struct_site_gen.label_comp_id 
_struct_site_gen.label_asym_id 
_struct_site_gen.label_seq_id 
_struct_site_gen.pdbx_auth_ins_code 
_struct_site_gen.auth_comp_id 
_struct_site_gen.auth_asym_id 
_struct_site_gen.auth_seq_id 
_struct_site_gen.label_atom_id 
_struct_site_gen.label_alt_id 
_struct_site_gen.symmetry 
_struct_site_gen.details 
1  AC1 11 TRP A 54  ? TRP A 81  . ? 1_555 ? 
2  AC1 11 PRO A 55  ? PRO A 82  . ? 1_555 ? 
3  AC1 11 VAL A 60  ? VAL A 87  . ? 1_555 ? 
4  AC1 11 LEU A 65  ? LEU A 92  . ? 1_555 ? 
5  AC1 11 LYS A 72  ? LYS A 99  . ? 4_555 ? 
6  AC1 11 ASN A 113 ? ASN A 140 . ? 1_555 ? 
7  AC1 11 ILE A 119 ? ILE A 146 . ? 1_555 ? 
8  AC1 11 MET A 122 ? MET A 149 . ? 1_555 ? 
9  AC1 11 HOH I .   ? HOH A 302 . ? 1_555 ? 
10 AC1 11 HOH I .   ? HOH A 321 . ? 1_555 ? 
11 AC1 11 HOH I .   ? HOH A 327 . ? 1_555 ? 
12 AC2 5  ILE A 73  ? ILE A 100 . ? 1_555 ? 
13 AC2 5  ILE A 74  ? ILE A 101 . ? 1_555 ? 
14 AC2 5  LYS A 75  ? LYS A 102 . ? 1_555 ? 
15 AC2 5  THR A 76  ? THR A 103 . ? 1_555 ? 
16 AC2 5  ASN A 108 ? ASN A 135 . ? 1_555 ? 
17 AC3 3  GLY A 116 ? GLY A 143 . ? 1_555 ? 
18 AC3 3  VAL A 120 ? VAL A 147 . ? 1_555 ? 
19 AC3 3  GLU A 124 ? GLU A 151 . ? 1_555 ? 
20 AC4 6  GLN A 51  ? GLN A 78  . ? 1_555 ? 
21 AC4 6  PHE A 52  ? PHE A 79  . ? 1_555 ? 
22 AC4 6  TRP A 54  ? TRP A 81  . ? 1_555 ? 
23 AC4 6  PRO A 68  ? PRO A 95  . ? 4_555 ? 
24 AC4 6  LYS A 72  ? LYS A 99  . ? 4_555 ? 
25 AC4 6  MET A 122 ? MET A 149 . ? 1_555 ? 
26 AC5 4  PRO A 59  ? PRO A 86  . ? 1_555 ? 
27 AC5 4  GLY A 81  ? GLY A 108 . ? 1_555 ? 
28 AC5 4  HOH I .   ? HOH A 307 . ? 1_555 ? 
29 AC5 4  HOH I .   ? HOH A 335 . ? 1_555 ? 
30 AC6 6  TYR A 110 ? TYR A 137 . ? 1_555 ? 
31 AC6 6  ILE A 111 ? ILE A 138 . ? 1_555 ? 
32 AC6 6  ASN A 113 ? ASN A 140 . ? 1_555 ? 
33 AC6 6  HOH I .   ? HOH A 343 . ? 1_555 ? 
34 AC6 6  HOH I .   ? HOH A 370 . ? 1_555 ? 
35 AC6 6  HOH I .   ? HOH A 372 . ? 1_555 ? 
36 AC7 7  LYS A 30  ? LYS A 57  . ? 2_454 ? 
37 AC7 7  GLN A 32  ? GLN A 59  . ? 2_454 ? 
38 AC7 7  ASP A 117 ? ASP A 144 . ? 1_555 ? 
39 AC7 7  ASP A 118 ? ASP A 145 . ? 1_555 ? 
40 AC7 7  HOH I .   ? HOH A 311 . ? 1_555 ? 
41 AC7 7  HOH I .   ? HOH A 348 . ? 1_555 ? 
42 AC7 7  HOH I .   ? HOH A 354 . ? 2_454 ? 
# 
_pdbx_validate_close_contact.id               1 
_pdbx_validate_close_contact.PDB_model_num    1 
_pdbx_validate_close_contact.auth_atom_id_1   O 
_pdbx_validate_close_contact.auth_asym_id_1   A 
_pdbx_validate_close_contact.auth_comp_id_1   PRO 
_pdbx_validate_close_contact.auth_seq_id_1    53 
_pdbx_validate_close_contact.PDB_ins_code_1   ? 
_pdbx_validate_close_contact.label_alt_id_1   ? 
_pdbx_validate_close_contact.auth_atom_id_2   O 
_pdbx_validate_close_contact.auth_asym_id_2   A 
_pdbx_validate_close_contact.auth_comp_id_2   HOH 
_pdbx_validate_close_contact.auth_seq_id_2    301 
_pdbx_validate_close_contact.PDB_ins_code_2   ? 
_pdbx_validate_close_contact.label_alt_id_2   ? 
_pdbx_validate_close_contact.dist             1.83 
# 
loop_
_pdbx_unobs_or_zero_occ_residues.id 
_pdbx_unobs_or_zero_occ_residues.PDB_model_num 
_pdbx_unobs_or_zero_occ_residues.polymer_flag 
_pdbx_unobs_or_zero_occ_residues.occupancy_flag 
_pdbx_unobs_or_zero_occ_residues.auth_asym_id 
_pdbx_unobs_or_zero_occ_residues.auth_comp_id 
_pdbx_unobs_or_zero_occ_residues.auth_seq_id 
_pdbx_unobs_or_zero_occ_residues.PDB_ins_code 
_pdbx_unobs_or_zero_occ_residues.label_asym_id 
_pdbx_unobs_or_zero_occ_residues.label_comp_id 
_pdbx_unobs_or_zero_occ_residues.label_seq_id 
1  1 Y 1 A MET 28 ? A MET 1  
2  1 Y 1 A LYS 29 ? A LYS 2  
3  1 Y 1 A LYS 30 ? A LYS 3  
4  1 Y 1 A GLY 31 ? A GLY 4  
5  1 Y 1 A HIS 32 ? A HIS 5  
6  1 Y 1 A HIS 33 ? A HIS 6  
7  1 Y 1 A HIS 34 ? A HIS 7  
8  1 Y 1 A HIS 35 ? A HIS 8  
9  1 Y 1 A HIS 36 ? A HIS 9  
10 1 Y 1 A HIS 37 ? A HIS 10 
11 1 Y 1 A LEU 38 ? A LEU 11 
12 1 Y 1 A VAL 39 ? A VAL 12 
13 1 Y 1 A PRO 40 ? A PRO 13 
14 1 Y 1 A ARG 41 ? A ARG 14 
# 
loop_
_chem_comp_atom.comp_id 
_chem_comp_atom.atom_id 
_chem_comp_atom.type_symbol 
_chem_comp_atom.pdbx_aromatic_flag 
_chem_comp_atom.pdbx_stereo_config 
_chem_comp_atom.pdbx_ordinal 
8Q3 CAX  C  N N 1   
8Q3 CAB  C  Y N 2   
8Q3 CAC  C  Y N 3   
8Q3 CAD  C  Y N 4   
8Q3 OAG  O  Y N 5   
8Q3 NAH  N  Y N 6   
8Q3 CAI  C  Y N 7   
8Q3 CAW  C  N N 8   
8Q3 CAE  C  Y N 9   
8Q3 CAF  C  Y N 10  
8Q3 CAA  C  Y N 11  
8Q3 NAJ  N  N N 12  
8Q3 SAK  S  N N 13  
8Q3 OAL  O  N N 14  
8Q3 OAM  O  N N 15  
8Q3 CAN  C  Y N 16  
8Q3 CAS  C  Y N 17  
8Q3 CAR  C  Y N 18  
8Q3 BRAV BR N N 19  
8Q3 CAQ  C  Y N 20  
8Q3 CAP  C  Y N 21  
8Q3 CAO  C  Y N 22  
8Q3 OAT  O  N N 23  
8Q3 CAU  C  N N 24  
8Q3 H1   H  N N 25  
8Q3 H2   H  N N 26  
8Q3 H3   H  N N 27  
8Q3 H4   H  N N 28  
8Q3 H5   H  N N 29  
8Q3 H6   H  N N 30  
8Q3 H7   H  N N 31  
8Q3 H8   H  N N 32  
8Q3 H9   H  N N 33  
8Q3 H10  H  N N 34  
8Q3 H11  H  N N 35  
8Q3 H12  H  N N 36  
8Q3 H13  H  N N 37  
8Q3 H14  H  N N 38  
8Q3 H15  H  N N 39  
ALA N    N  N N 40  
ALA CA   C  N S 41  
ALA C    C  N N 42  
ALA O    O  N N 43  
ALA CB   C  N N 44  
ALA OXT  O  N N 45  
ALA H    H  N N 46  
ALA H2   H  N N 47  
ALA HA   H  N N 48  
ALA HB1  H  N N 49  
ALA HB2  H  N N 50  
ALA HB3  H  N N 51  
ALA HXT  H  N N 52  
ARG N    N  N N 53  
ARG CA   C  N S 54  
ARG C    C  N N 55  
ARG O    O  N N 56  
ARG CB   C  N N 57  
ARG CG   C  N N 58  
ARG CD   C  N N 59  
ARG NE   N  N N 60  
ARG CZ   C  N N 61  
ARG NH1  N  N N 62  
ARG NH2  N  N N 63  
ARG OXT  O  N N 64  
ARG H    H  N N 65  
ARG H2   H  N N 66  
ARG HA   H  N N 67  
ARG HB2  H  N N 68  
ARG HB3  H  N N 69  
ARG HG2  H  N N 70  
ARG HG3  H  N N 71  
ARG HD2  H  N N 72  
ARG HD3  H  N N 73  
ARG HE   H  N N 74  
ARG HH11 H  N N 75  
ARG HH12 H  N N 76  
ARG HH21 H  N N 77  
ARG HH22 H  N N 78  
ARG HXT  H  N N 79  
ASN N    N  N N 80  
ASN CA   C  N S 81  
ASN C    C  N N 82  
ASN O    O  N N 83  
ASN CB   C  N N 84  
ASN CG   C  N N 85  
ASN OD1  O  N N 86  
ASN ND2  N  N N 87  
ASN OXT  O  N N 88  
ASN H    H  N N 89  
ASN H2   H  N N 90  
ASN HA   H  N N 91  
ASN HB2  H  N N 92  
ASN HB3  H  N N 93  
ASN HD21 H  N N 94  
ASN HD22 H  N N 95  
ASN HXT  H  N N 96  
ASP N    N  N N 97  
ASP CA   C  N S 98  
ASP C    C  N N 99  
ASP O    O  N N 100 
ASP CB   C  N N 101 
ASP CG   C  N N 102 
ASP OD1  O  N N 103 
ASP OD2  O  N N 104 
ASP OXT  O  N N 105 
ASP H    H  N N 106 
ASP H2   H  N N 107 
ASP HA   H  N N 108 
ASP HB2  H  N N 109 
ASP HB3  H  N N 110 
ASP HD2  H  N N 111 
ASP HXT  H  N N 112 
CYS N    N  N N 113 
CYS CA   C  N R 114 
CYS C    C  N N 115 
CYS O    O  N N 116 
CYS CB   C  N N 117 
CYS SG   S  N N 118 
CYS OXT  O  N N 119 
CYS H    H  N N 120 
CYS H2   H  N N 121 
CYS HA   H  N N 122 
CYS HB2  H  N N 123 
CYS HB3  H  N N 124 
CYS HG   H  N N 125 
CYS HXT  H  N N 126 
EDO C1   C  N N 127 
EDO O1   O  N N 128 
EDO C2   C  N N 129 
EDO O2   O  N N 130 
EDO H11  H  N N 131 
EDO H12  H  N N 132 
EDO HO1  H  N N 133 
EDO H21  H  N N 134 
EDO H22  H  N N 135 
EDO HO2  H  N N 136 
GLN N    N  N N 137 
GLN CA   C  N S 138 
GLN C    C  N N 139 
GLN O    O  N N 140 
GLN CB   C  N N 141 
GLN CG   C  N N 142 
GLN CD   C  N N 143 
GLN OE1  O  N N 144 
GLN NE2  N  N N 145 
GLN OXT  O  N N 146 
GLN H    H  N N 147 
GLN H2   H  N N 148 
GLN HA   H  N N 149 
GLN HB2  H  N N 150 
GLN HB3  H  N N 151 
GLN HG2  H  N N 152 
GLN HG3  H  N N 153 
GLN HE21 H  N N 154 
GLN HE22 H  N N 155 
GLN HXT  H  N N 156 
GLU N    N  N N 157 
GLU CA   C  N S 158 
GLU C    C  N N 159 
GLU O    O  N N 160 
GLU CB   C  N N 161 
GLU CG   C  N N 162 
GLU CD   C  N N 163 
GLU OE1  O  N N 164 
GLU OE2  O  N N 165 
GLU OXT  O  N N 166 
GLU H    H  N N 167 
GLU H2   H  N N 168 
GLU HA   H  N N 169 
GLU HB2  H  N N 170 
GLU HB3  H  N N 171 
GLU HG2  H  N N 172 
GLU HG3  H  N N 173 
GLU HE2  H  N N 174 
GLU HXT  H  N N 175 
GLY N    N  N N 176 
GLY CA   C  N N 177 
GLY C    C  N N 178 
GLY O    O  N N 179 
GLY OXT  O  N N 180 
GLY H    H  N N 181 
GLY H2   H  N N 182 
GLY HA2  H  N N 183 
GLY HA3  H  N N 184 
GLY HXT  H  N N 185 
GOL C1   C  N N 186 
GOL O1   O  N N 187 
GOL C2   C  N N 188 
GOL O2   O  N N 189 
GOL C3   C  N N 190 
GOL O3   O  N N 191 
GOL H11  H  N N 192 
GOL H12  H  N N 193 
GOL HO1  H  N N 194 
GOL H2   H  N N 195 
GOL HO2  H  N N 196 
GOL H31  H  N N 197 
GOL H32  H  N N 198 
GOL HO3  H  N N 199 
HIS N    N  N N 200 
HIS CA   C  N S 201 
HIS C    C  N N 202 
HIS O    O  N N 203 
HIS CB   C  N N 204 
HIS CG   C  Y N 205 
HIS ND1  N  Y N 206 
HIS CD2  C  Y N 207 
HIS CE1  C  Y N 208 
HIS NE2  N  Y N 209 
HIS OXT  O  N N 210 
HIS H    H  N N 211 
HIS H2   H  N N 212 
HIS HA   H  N N 213 
HIS HB2  H  N N 214 
HIS HB3  H  N N 215 
HIS HD1  H  N N 216 
HIS HD2  H  N N 217 
HIS HE1  H  N N 218 
HIS HE2  H  N N 219 
HIS HXT  H  N N 220 
HOH O    O  N N 221 
HOH H1   H  N N 222 
HOH H2   H  N N 223 
ILE N    N  N N 224 
ILE CA   C  N S 225 
ILE C    C  N N 226 
ILE O    O  N N 227 
ILE CB   C  N S 228 
ILE CG1  C  N N 229 
ILE CG2  C  N N 230 
ILE CD1  C  N N 231 
ILE OXT  O  N N 232 
ILE H    H  N N 233 
ILE H2   H  N N 234 
ILE HA   H  N N 235 
ILE HB   H  N N 236 
ILE HG12 H  N N 237 
ILE HG13 H  N N 238 
ILE HG21 H  N N 239 
ILE HG22 H  N N 240 
ILE HG23 H  N N 241 
ILE HD11 H  N N 242 
ILE HD12 H  N N 243 
ILE HD13 H  N N 244 
ILE HXT  H  N N 245 
LEU N    N  N N 246 
LEU CA   C  N S 247 
LEU C    C  N N 248 
LEU O    O  N N 249 
LEU CB   C  N N 250 
LEU CG   C  N N 251 
LEU CD1  C  N N 252 
LEU CD2  C  N N 253 
LEU OXT  O  N N 254 
LEU H    H  N N 255 
LEU H2   H  N N 256 
LEU HA   H  N N 257 
LEU HB2  H  N N 258 
LEU HB3  H  N N 259 
LEU HG   H  N N 260 
LEU HD11 H  N N 261 
LEU HD12 H  N N 262 
LEU HD13 H  N N 263 
LEU HD21 H  N N 264 
LEU HD22 H  N N 265 
LEU HD23 H  N N 266 
LEU HXT  H  N N 267 
LYS N    N  N N 268 
LYS CA   C  N S 269 
LYS C    C  N N 270 
LYS O    O  N N 271 
LYS CB   C  N N 272 
LYS CG   C  N N 273 
LYS CD   C  N N 274 
LYS CE   C  N N 275 
LYS NZ   N  N N 276 
LYS OXT  O  N N 277 
LYS H    H  N N 278 
LYS H2   H  N N 279 
LYS HA   H  N N 280 
LYS HB2  H  N N 281 
LYS HB3  H  N N 282 
LYS HG2  H  N N 283 
LYS HG3  H  N N 284 
LYS HD2  H  N N 285 
LYS HD3  H  N N 286 
LYS HE2  H  N N 287 
LYS HE3  H  N N 288 
LYS HZ1  H  N N 289 
LYS HZ2  H  N N 290 
LYS HZ3  H  N N 291 
LYS HXT  H  N N 292 
MET N    N  N N 293 
MET CA   C  N S 294 
MET C    C  N N 295 
MET O    O  N N 296 
MET CB   C  N N 297 
MET CG   C  N N 298 
MET SD   S  N N 299 
MET CE   C  N N 300 
MET OXT  O  N N 301 
MET H    H  N N 302 
MET H2   H  N N 303 
MET HA   H  N N 304 
MET HB2  H  N N 305 
MET HB3  H  N N 306 
MET HG2  H  N N 307 
MET HG3  H  N N 308 
MET HE1  H  N N 309 
MET HE2  H  N N 310 
MET HE3  H  N N 311 
MET HXT  H  N N 312 
NA  NA   NA N N 313 
NO3 N    N  N N 314 
NO3 O1   O  N N 315 
NO3 O2   O  N N 316 
NO3 O3   O  N N 317 
PHE N    N  N N 318 
PHE CA   C  N S 319 
PHE C    C  N N 320 
PHE O    O  N N 321 
PHE CB   C  N N 322 
PHE CG   C  Y N 323 
PHE CD1  C  Y N 324 
PHE CD2  C  Y N 325 
PHE CE1  C  Y N 326 
PHE CE2  C  Y N 327 
PHE CZ   C  Y N 328 
PHE OXT  O  N N 329 
PHE H    H  N N 330 
PHE H2   H  N N 331 
PHE HA   H  N N 332 
PHE HB2  H  N N 333 
PHE HB3  H  N N 334 
PHE HD1  H  N N 335 
PHE HD2  H  N N 336 
PHE HE1  H  N N 337 
PHE HE2  H  N N 338 
PHE HZ   H  N N 339 
PHE HXT  H  N N 340 
PRO N    N  N N 341 
PRO CA   C  N S 342 
PRO C    C  N N 343 
PRO O    O  N N 344 
PRO CB   C  N N 345 
PRO CG   C  N N 346 
PRO CD   C  N N 347 
PRO OXT  O  N N 348 
PRO H    H  N N 349 
PRO HA   H  N N 350 
PRO HB2  H  N N 351 
PRO HB3  H  N N 352 
PRO HG2  H  N N 353 
PRO HG3  H  N N 354 
PRO HD2  H  N N 355 
PRO HD3  H  N N 356 
PRO HXT  H  N N 357 
SER N    N  N N 358 
SER CA   C  N S 359 
SER C    C  N N 360 
SER O    O  N N 361 
SER CB   C  N N 362 
SER OG   O  N N 363 
SER OXT  O  N N 364 
SER H    H  N N 365 
SER H2   H  N N 366 
SER HA   H  N N 367 
SER HB2  H  N N 368 
SER HB3  H  N N 369 
SER HG   H  N N 370 
SER HXT  H  N N 371 
THR N    N  N N 372 
THR CA   C  N S 373 
THR C    C  N N 374 
THR O    O  N N 375 
THR CB   C  N R 376 
THR OG1  O  N N 377 
THR CG2  C  N N 378 
THR OXT  O  N N 379 
THR H    H  N N 380 
THR H2   H  N N 381 
THR HA   H  N N 382 
THR HB   H  N N 383 
THR HG1  H  N N 384 
THR HG21 H  N N 385 
THR HG22 H  N N 386 
THR HG23 H  N N 387 
THR HXT  H  N N 388 
TRP N    N  N N 389 
TRP CA   C  N S 390 
TRP C    C  N N 391 
TRP O    O  N N 392 
TRP CB   C  N N 393 
TRP CG   C  Y N 394 
TRP CD1  C  Y N 395 
TRP CD2  C  Y N 396 
TRP NE1  N  Y N 397 
TRP CE2  C  Y N 398 
TRP CE3  C  Y N 399 
TRP CZ2  C  Y N 400 
TRP CZ3  C  Y N 401 
TRP CH2  C  Y N 402 
TRP OXT  O  N N 403 
TRP H    H  N N 404 
TRP H2   H  N N 405 
TRP HA   H  N N 406 
TRP HB2  H  N N 407 
TRP HB3  H  N N 408 
TRP HD1  H  N N 409 
TRP HE1  H  N N 410 
TRP HE3  H  N N 411 
TRP HZ2  H  N N 412 
TRP HZ3  H  N N 413 
TRP HH2  H  N N 414 
TRP HXT  H  N N 415 
TYR N    N  N N 416 
TYR CA   C  N S 417 
TYR C    C  N N 418 
TYR O    O  N N 419 
TYR CB   C  N N 420 
TYR CG   C  Y N 421 
TYR CD1  C  Y N 422 
TYR CD2  C  Y N 423 
TYR CE1  C  Y N 424 
TYR CE2  C  Y N 425 
TYR CZ   C  Y N 426 
TYR OH   O  N N 427 
TYR OXT  O  N N 428 
TYR H    H  N N 429 
TYR H2   H  N N 430 
TYR HA   H  N N 431 
TYR HB2  H  N N 432 
TYR HB3  H  N N 433 
TYR HD1  H  N N 434 
TYR HD2  H  N N 435 
TYR HE1  H  N N 436 
TYR HE2  H  N N 437 
TYR HH   H  N N 438 
TYR HXT  H  N N 439 
VAL N    N  N N 440 
VAL CA   C  N S 441 
VAL C    C  N N 442 
VAL O    O  N N 443 
VAL CB   C  N N 444 
VAL CG1  C  N N 445 
VAL CG2  C  N N 446 
VAL OXT  O  N N 447 
VAL H    H  N N 448 
VAL H2   H  N N 449 
VAL HA   H  N N 450 
VAL HB   H  N N 451 
VAL HG11 H  N N 452 
VAL HG12 H  N N 453 
VAL HG13 H  N N 454 
VAL HG21 H  N N 455 
VAL HG22 H  N N 456 
VAL HG23 H  N N 457 
VAL HXT  H  N N 458 
# 
loop_
_chem_comp_bond.comp_id 
_chem_comp_bond.atom_id_1 
_chem_comp_bond.atom_id_2 
_chem_comp_bond.value_order 
_chem_comp_bond.pdbx_aromatic_flag 
_chem_comp_bond.pdbx_stereo_config 
_chem_comp_bond.pdbx_ordinal 
8Q3 CAQ  CAP  doub Y N 1   
8Q3 CAQ  CAR  sing Y N 2   
8Q3 CAP  CAO  sing Y N 3   
8Q3 CAU  OAT  sing N N 4   
8Q3 BRAV CAR  sing N N 5   
8Q3 CAR  CAS  doub Y N 6   
8Q3 CAO  OAT  sing N N 7   
8Q3 CAO  CAN  doub Y N 8   
8Q3 CAX  CAB  sing N N 9   
8Q3 CAS  CAN  sing Y N 10  
8Q3 CAN  SAK  sing N N 11  
8Q3 CAB  CAC  sing Y N 12  
8Q3 CAB  CAA  doub Y N 13  
8Q3 CAC  CAD  doub Y N 14  
8Q3 SAK  NAJ  sing N N 15  
8Q3 SAK  OAM  doub N N 16  
8Q3 SAK  OAL  doub N N 17  
8Q3 CAD  OAG  sing Y N 18  
8Q3 CAD  CAE  sing Y N 19  
8Q3 CAA  NAJ  sing N N 20  
8Q3 CAA  CAF  sing Y N 21  
8Q3 OAG  NAH  sing Y N 22  
8Q3 CAE  CAF  doub Y N 23  
8Q3 CAE  CAI  sing Y N 24  
8Q3 NAH  CAI  doub Y N 25  
8Q3 CAI  CAW  sing N N 26  
8Q3 CAX  H1   sing N N 27  
8Q3 CAX  H2   sing N N 28  
8Q3 CAX  H3   sing N N 29  
8Q3 CAC  H4   sing N N 30  
8Q3 CAW  H5   sing N N 31  
8Q3 CAW  H6   sing N N 32  
8Q3 CAW  H7   sing N N 33  
8Q3 CAF  H8   sing N N 34  
8Q3 NAJ  H9   sing N N 35  
8Q3 CAS  H10  sing N N 36  
8Q3 CAQ  H11  sing N N 37  
8Q3 CAP  H12  sing N N 38  
8Q3 CAU  H13  sing N N 39  
8Q3 CAU  H14  sing N N 40  
8Q3 CAU  H15  sing N N 41  
ALA N    CA   sing N N 42  
ALA N    H    sing N N 43  
ALA N    H2   sing N N 44  
ALA CA   C    sing N N 45  
ALA CA   CB   sing N N 46  
ALA CA   HA   sing N N 47  
ALA C    O    doub N N 48  
ALA C    OXT  sing N N 49  
ALA CB   HB1  sing N N 50  
ALA CB   HB2  sing N N 51  
ALA CB   HB3  sing N N 52  
ALA OXT  HXT  sing N N 53  
ARG N    CA   sing N N 54  
ARG N    H    sing N N 55  
ARG N    H2   sing N N 56  
ARG CA   C    sing N N 57  
ARG CA   CB   sing N N 58  
ARG CA   HA   sing N N 59  
ARG C    O    doub N N 60  
ARG C    OXT  sing N N 61  
ARG CB   CG   sing N N 62  
ARG CB   HB2  sing N N 63  
ARG CB   HB3  sing N N 64  
ARG CG   CD   sing N N 65  
ARG CG   HG2  sing N N 66  
ARG CG   HG3  sing N N 67  
ARG CD   NE   sing N N 68  
ARG CD   HD2  sing N N 69  
ARG CD   HD3  sing N N 70  
ARG NE   CZ   sing N N 71  
ARG NE   HE   sing N N 72  
ARG CZ   NH1  sing N N 73  
ARG CZ   NH2  doub N N 74  
ARG NH1  HH11 sing N N 75  
ARG NH1  HH12 sing N N 76  
ARG NH2  HH21 sing N N 77  
ARG NH2  HH22 sing N N 78  
ARG OXT  HXT  sing N N 79  
ASN N    CA   sing N N 80  
ASN N    H    sing N N 81  
ASN N    H2   sing N N 82  
ASN CA   C    sing N N 83  
ASN CA   CB   sing N N 84  
ASN CA   HA   sing N N 85  
ASN C    O    doub N N 86  
ASN C    OXT  sing N N 87  
ASN CB   CG   sing N N 88  
ASN CB   HB2  sing N N 89  
ASN CB   HB3  sing N N 90  
ASN CG   OD1  doub N N 91  
ASN CG   ND2  sing N N 92  
ASN ND2  HD21 sing N N 93  
ASN ND2  HD22 sing N N 94  
ASN OXT  HXT  sing N N 95  
ASP N    CA   sing N N 96  
ASP N    H    sing N N 97  
ASP N    H2   sing N N 98  
ASP CA   C    sing N N 99  
ASP CA   CB   sing N N 100 
ASP CA   HA   sing N N 101 
ASP C    O    doub N N 102 
ASP C    OXT  sing N N 103 
ASP CB   CG   sing N N 104 
ASP CB   HB2  sing N N 105 
ASP CB   HB3  sing N N 106 
ASP CG   OD1  doub N N 107 
ASP CG   OD2  sing N N 108 
ASP OD2  HD2  sing N N 109 
ASP OXT  HXT  sing N N 110 
CYS N    CA   sing N N 111 
CYS N    H    sing N N 112 
CYS N    H2   sing N N 113 
CYS CA   C    sing N N 114 
CYS CA   CB   sing N N 115 
CYS CA   HA   sing N N 116 
CYS C    O    doub N N 117 
CYS C    OXT  sing N N 118 
CYS CB   SG   sing N N 119 
CYS CB   HB2  sing N N 120 
CYS CB   HB3  sing N N 121 
CYS SG   HG   sing N N 122 
CYS OXT  HXT  sing N N 123 
EDO C1   O1   sing N N 124 
EDO C1   C2   sing N N 125 
EDO C1   H11  sing N N 126 
EDO C1   H12  sing N N 127 
EDO O1   HO1  sing N N 128 
EDO C2   O2   sing N N 129 
EDO C2   H21  sing N N 130 
EDO C2   H22  sing N N 131 
EDO O2   HO2  sing N N 132 
GLN N    CA   sing N N 133 
GLN N    H    sing N N 134 
GLN N    H2   sing N N 135 
GLN CA   C    sing N N 136 
GLN CA   CB   sing N N 137 
GLN CA   HA   sing N N 138 
GLN C    O    doub N N 139 
GLN C    OXT  sing N N 140 
GLN CB   CG   sing N N 141 
GLN CB   HB2  sing N N 142 
GLN CB   HB3  sing N N 143 
GLN CG   CD   sing N N 144 
GLN CG   HG2  sing N N 145 
GLN CG   HG3  sing N N 146 
GLN CD   OE1  doub N N 147 
GLN CD   NE2  sing N N 148 
GLN NE2  HE21 sing N N 149 
GLN NE2  HE22 sing N N 150 
GLN OXT  HXT  sing N N 151 
GLU N    CA   sing N N 152 
GLU N    H    sing N N 153 
GLU N    H2   sing N N 154 
GLU CA   C    sing N N 155 
GLU CA   CB   sing N N 156 
GLU CA   HA   sing N N 157 
GLU C    O    doub N N 158 
GLU C    OXT  sing N N 159 
GLU CB   CG   sing N N 160 
GLU CB   HB2  sing N N 161 
GLU CB   HB3  sing N N 162 
GLU CG   CD   sing N N 163 
GLU CG   HG2  sing N N 164 
GLU CG   HG3  sing N N 165 
GLU CD   OE1  doub N N 166 
GLU CD   OE2  sing N N 167 
GLU OE2  HE2  sing N N 168 
GLU OXT  HXT  sing N N 169 
GLY N    CA   sing N N 170 
GLY N    H    sing N N 171 
GLY N    H2   sing N N 172 
GLY CA   C    sing N N 173 
GLY CA   HA2  sing N N 174 
GLY CA   HA3  sing N N 175 
GLY C    O    doub N N 176 
GLY C    OXT  sing N N 177 
GLY OXT  HXT  sing N N 178 
GOL C1   O1   sing N N 179 
GOL C1   C2   sing N N 180 
GOL C1   H11  sing N N 181 
GOL C1   H12  sing N N 182 
GOL O1   HO1  sing N N 183 
GOL C2   O2   sing N N 184 
GOL C2   C3   sing N N 185 
GOL C2   H2   sing N N 186 
GOL O2   HO2  sing N N 187 
GOL C3   O3   sing N N 188 
GOL C3   H31  sing N N 189 
GOL C3   H32  sing N N 190 
GOL O3   HO3  sing N N 191 
HIS N    CA   sing N N 192 
HIS N    H    sing N N 193 
HIS N    H2   sing N N 194 
HIS CA   C    sing N N 195 
HIS CA   CB   sing N N 196 
HIS CA   HA   sing N N 197 
HIS C    O    doub N N 198 
HIS C    OXT  sing N N 199 
HIS CB   CG   sing N N 200 
HIS CB   HB2  sing N N 201 
HIS CB   HB3  sing N N 202 
HIS CG   ND1  sing Y N 203 
HIS CG   CD2  doub Y N 204 
HIS ND1  CE1  doub Y N 205 
HIS ND1  HD1  sing N N 206 
HIS CD2  NE2  sing Y N 207 
HIS CD2  HD2  sing N N 208 
HIS CE1  NE2  sing Y N 209 
HIS CE1  HE1  sing N N 210 
HIS NE2  HE2  sing N N 211 
HIS OXT  HXT  sing N N 212 
HOH O    H1   sing N N 213 
HOH O    H2   sing N N 214 
ILE N    CA   sing N N 215 
ILE N    H    sing N N 216 
ILE N    H2   sing N N 217 
ILE CA   C    sing N N 218 
ILE CA   CB   sing N N 219 
ILE CA   HA   sing N N 220 
ILE C    O    doub N N 221 
ILE C    OXT  sing N N 222 
ILE CB   CG1  sing N N 223 
ILE CB   CG2  sing N N 224 
ILE CB   HB   sing N N 225 
ILE CG1  CD1  sing N N 226 
ILE CG1  HG12 sing N N 227 
ILE CG1  HG13 sing N N 228 
ILE CG2  HG21 sing N N 229 
ILE CG2  HG22 sing N N 230 
ILE CG2  HG23 sing N N 231 
ILE CD1  HD11 sing N N 232 
ILE CD1  HD12 sing N N 233 
ILE CD1  HD13 sing N N 234 
ILE OXT  HXT  sing N N 235 
LEU N    CA   sing N N 236 
LEU N    H    sing N N 237 
LEU N    H2   sing N N 238 
LEU CA   C    sing N N 239 
LEU CA   CB   sing N N 240 
LEU CA   HA   sing N N 241 
LEU C    O    doub N N 242 
LEU C    OXT  sing N N 243 
LEU CB   CG   sing N N 244 
LEU CB   HB2  sing N N 245 
LEU CB   HB3  sing N N 246 
LEU CG   CD1  sing N N 247 
LEU CG   CD2  sing N N 248 
LEU CG   HG   sing N N 249 
LEU CD1  HD11 sing N N 250 
LEU CD1  HD12 sing N N 251 
LEU CD1  HD13 sing N N 252 
LEU CD2  HD21 sing N N 253 
LEU CD2  HD22 sing N N 254 
LEU CD2  HD23 sing N N 255 
LEU OXT  HXT  sing N N 256 
LYS N    CA   sing N N 257 
LYS N    H    sing N N 258 
LYS N    H2   sing N N 259 
LYS CA   C    sing N N 260 
LYS CA   CB   sing N N 261 
LYS CA   HA   sing N N 262 
LYS C    O    doub N N 263 
LYS C    OXT  sing N N 264 
LYS CB   CG   sing N N 265 
LYS CB   HB2  sing N N 266 
LYS CB   HB3  sing N N 267 
LYS CG   CD   sing N N 268 
LYS CG   HG2  sing N N 269 
LYS CG   HG3  sing N N 270 
LYS CD   CE   sing N N 271 
LYS CD   HD2  sing N N 272 
LYS CD   HD3  sing N N 273 
LYS CE   NZ   sing N N 274 
LYS CE   HE2  sing N N 275 
LYS CE   HE3  sing N N 276 
LYS NZ   HZ1  sing N N 277 
LYS NZ   HZ2  sing N N 278 
LYS NZ   HZ3  sing N N 279 
LYS OXT  HXT  sing N N 280 
MET N    CA   sing N N 281 
MET N    H    sing N N 282 
MET N    H2   sing N N 283 
MET CA   C    sing N N 284 
MET CA   CB   sing N N 285 
MET CA   HA   sing N N 286 
MET C    O    doub N N 287 
MET C    OXT  sing N N 288 
MET CB   CG   sing N N 289 
MET CB   HB2  sing N N 290 
MET CB   HB3  sing N N 291 
MET CG   SD   sing N N 292 
MET CG   HG2  sing N N 293 
MET CG   HG3  sing N N 294 
MET SD   CE   sing N N 295 
MET CE   HE1  sing N N 296 
MET CE   HE2  sing N N 297 
MET CE   HE3  sing N N 298 
MET OXT  HXT  sing N N 299 
NO3 N    O1   doub N N 300 
NO3 N    O2   sing N N 301 
NO3 N    O3   sing N N 302 
PHE N    CA   sing N N 303 
PHE N    H    sing N N 304 
PHE N    H2   sing N N 305 
PHE CA   C    sing N N 306 
PHE CA   CB   sing N N 307 
PHE CA   HA   sing N N 308 
PHE C    O    doub N N 309 
PHE C    OXT  sing N N 310 
PHE CB   CG   sing N N 311 
PHE CB   HB2  sing N N 312 
PHE CB   HB3  sing N N 313 
PHE CG   CD1  doub Y N 314 
PHE CG   CD2  sing Y N 315 
PHE CD1  CE1  sing Y N 316 
PHE CD1  HD1  sing N N 317 
PHE CD2  CE2  doub Y N 318 
PHE CD2  HD2  sing N N 319 
PHE CE1  CZ   doub Y N 320 
PHE CE1  HE1  sing N N 321 
PHE CE2  CZ   sing Y N 322 
PHE CE2  HE2  sing N N 323 
PHE CZ   HZ   sing N N 324 
PHE OXT  HXT  sing N N 325 
PRO N    CA   sing N N 326 
PRO N    CD   sing N N 327 
PRO N    H    sing N N 328 
PRO CA   C    sing N N 329 
PRO CA   CB   sing N N 330 
PRO CA   HA   sing N N 331 
PRO C    O    doub N N 332 
PRO C    OXT  sing N N 333 
PRO CB   CG   sing N N 334 
PRO CB   HB2  sing N N 335 
PRO CB   HB3  sing N N 336 
PRO CG   CD   sing N N 337 
PRO CG   HG2  sing N N 338 
PRO CG   HG3  sing N N 339 
PRO CD   HD2  sing N N 340 
PRO CD   HD3  sing N N 341 
PRO OXT  HXT  sing N N 342 
SER N    CA   sing N N 343 
SER N    H    sing N N 344 
SER N    H2   sing N N 345 
SER CA   C    sing N N 346 
SER CA   CB   sing N N 347 
SER CA   HA   sing N N 348 
SER C    O    doub N N 349 
SER C    OXT  sing N N 350 
SER CB   OG   sing N N 351 
SER CB   HB2  sing N N 352 
SER CB   HB3  sing N N 353 
SER OG   HG   sing N N 354 
SER OXT  HXT  sing N N 355 
THR N    CA   sing N N 356 
THR N    H    sing N N 357 
THR N    H2   sing N N 358 
THR CA   C    sing N N 359 
THR CA   CB   sing N N 360 
THR CA   HA   sing N N 361 
THR C    O    doub N N 362 
THR C    OXT  sing N N 363 
THR CB   OG1  sing N N 364 
THR CB   CG2  sing N N 365 
THR CB   HB   sing N N 366 
THR OG1  HG1  sing N N 367 
THR CG2  HG21 sing N N 368 
THR CG2  HG22 sing N N 369 
THR CG2  HG23 sing N N 370 
THR OXT  HXT  sing N N 371 
TRP N    CA   sing N N 372 
TRP N    H    sing N N 373 
TRP N    H2   sing N N 374 
TRP CA   C    sing N N 375 
TRP CA   CB   sing N N 376 
TRP CA   HA   sing N N 377 
TRP C    O    doub N N 378 
TRP C    OXT  sing N N 379 
TRP CB   CG   sing N N 380 
TRP CB   HB2  sing N N 381 
TRP CB   HB3  sing N N 382 
TRP CG   CD1  doub Y N 383 
TRP CG   CD2  sing Y N 384 
TRP CD1  NE1  sing Y N 385 
TRP CD1  HD1  sing N N 386 
TRP CD2  CE2  doub Y N 387 
TRP CD2  CE3  sing Y N 388 
TRP NE1  CE2  sing Y N 389 
TRP NE1  HE1  sing N N 390 
TRP CE2  CZ2  sing Y N 391 
TRP CE3  CZ3  doub Y N 392 
TRP CE3  HE3  sing N N 393 
TRP CZ2  CH2  doub Y N 394 
TRP CZ2  HZ2  sing N N 395 
TRP CZ3  CH2  sing Y N 396 
TRP CZ3  HZ3  sing N N 397 
TRP CH2  HH2  sing N N 398 
TRP OXT  HXT  sing N N 399 
TYR N    CA   sing N N 400 
TYR N    H    sing N N 401 
TYR N    H2   sing N N 402 
TYR CA   C    sing N N 403 
TYR CA   CB   sing N N 404 
TYR CA   HA   sing N N 405 
TYR C    O    doub N N 406 
TYR C    OXT  sing N N 407 
TYR CB   CG   sing N N 408 
TYR CB   HB2  sing N N 409 
TYR CB   HB3  sing N N 410 
TYR CG   CD1  doub Y N 411 
TYR CG   CD2  sing Y N 412 
TYR CD1  CE1  sing Y N 413 
TYR CD1  HD1  sing N N 414 
TYR CD2  CE2  doub Y N 415 
TYR CD2  HD2  sing N N 416 
TYR CE1  CZ   doub Y N 417 
TYR CE1  HE1  sing N N 418 
TYR CE2  CZ   sing Y N 419 
TYR CE2  HE2  sing N N 420 
TYR CZ   OH   sing N N 421 
TYR OH   HH   sing N N 422 
TYR OXT  HXT  sing N N 423 
VAL N    CA   sing N N 424 
VAL N    H    sing N N 425 
VAL N    H2   sing N N 426 
VAL CA   C    sing N N 427 
VAL CA   CB   sing N N 428 
VAL CA   HA   sing N N 429 
VAL C    O    doub N N 430 
VAL C    OXT  sing N N 431 
VAL CB   CG1  sing N N 432 
VAL CB   CG2  sing N N 433 
VAL CB   HB   sing N N 434 
VAL CG1  HG11 sing N N 435 
VAL CG1  HG12 sing N N 436 
VAL CG1  HG13 sing N N 437 
VAL CG2  HG21 sing N N 438 
VAL CG2  HG22 sing N N 439 
VAL CG2  HG23 sing N N 440 
VAL OXT  HXT  sing N N 441 
# 
_atom_sites.entry_id                    5Y8Z 
_atom_sites.fract_transf_matrix[1][1]   0.00161150 
_atom_sites.fract_transf_matrix[1][2]   0.02290637 
_atom_sites.fract_transf_matrix[1][3]   -0.01068923 
_atom_sites.fract_transf_matrix[2][1]   0.01872439 
_atom_sites.fract_transf_matrix[2][2]   0.00263297 
_atom_sites.fract_transf_matrix[2][3]   0.00846515 
_atom_sites.fract_transf_matrix[3][1]   0.00543297 
_atom_sites.fract_transf_matrix[3][2]   -0.00523089 
_atom_sites.fract_transf_matrix[3][3]   -0.01039040 
_atom_sites.fract_transf_vector[1]      -0.273544 
_atom_sites.fract_transf_vector[2]      -0.027939 
_atom_sites.fract_transf_vector[3]      0.135052 
# 
loop_
_atom_type.symbol 
BR 
C  
N  
NA 
O  
S  
# 
loop_
_atom_site.group_PDB 
_atom_site.id 
_atom_site.type_symbol 
_atom_site.label_atom_id 
_atom_site.label_alt_id 
_atom_site.label_comp_id 
_atom_site.label_asym_id 
_atom_site.label_entity_id 
_atom_site.label_seq_id 
_atom_site.pdbx_PDB_ins_code 
_atom_site.Cartn_x 
_atom_site.Cartn_y 
_atom_site.Cartn_z 
_atom_site.occupancy 
_atom_site.B_iso_or_equiv 
_atom_site.pdbx_formal_charge 
_atom_site.auth_seq_id 
_atom_site.auth_comp_id 
_atom_site.auth_asym_id 
_atom_site.auth_atom_id 
_atom_site.pdbx_PDB_model_num 
ATOM   1    N  N    . GLY A 1 15  ? 21.519  0.814   12.598  1.00 36.73 ? 42  GLY A N    1 
ATOM   2    C  CA   . GLY A 1 15  ? 20.873  -0.210  11.738  1.00 34.07 ? 42  GLY A CA   1 
ATOM   3    C  C    . GLY A 1 15  ? 20.806  0.124   10.259  1.00 32.78 ? 42  GLY A C    1 
ATOM   4    O  O    . GLY A 1 15  ? 21.151  1.227   9.845   1.00 35.27 ? 42  GLY A O    1 
ATOM   5    N  N    . SER A 1 16  ? 20.415  -0.877  9.474   1.00 28.91 ? 43  SER A N    1 
ATOM   6    C  CA   . SER A 1 16  ? 20.280  -0.778  8.028   1.00 25.58 ? 43  SER A CA   1 
ATOM   7    C  C    . SER A 1 16  ? 18.814  -0.984  7.645   1.00 20.72 ? 43  SER A C    1 
ATOM   8    O  O    . SER A 1 16  ? 18.006  -1.454  8.460   1.00 19.20 ? 43  SER A O    1 
ATOM   9    C  CB   . SER A 1 16  ? 21.133  -1.839  7.353   1.00 27.01 ? 43  SER A CB   1 
ATOM   10   O  OG   . SER A 1 16  ? 20.907  -3.124  7.937   1.00 28.10 ? 43  SER A OG   1 
ATOM   11   N  N    . ASN A 1 17  ? 18.470  -0.630  6.415   1.00 17.41 ? 44  ASN A N    1 
ATOM   12   C  CA   . ASN A 1 17  ? 17.119  -0.913  5.908   1.00 16.15 ? 44  ASN A CA   1 
ATOM   13   C  C    . ASN A 1 17  ? 17.114  -2.265  5.238   1.00 16.09 ? 44  ASN A C    1 
ATOM   14   O  O    . ASN A 1 17  ? 18.118  -2.641  4.652   1.00 15.81 ? 44  ASN A O    1 
ATOM   15   C  CB   . ASN A 1 17  ? 16.684  0.113   4.884   1.00 16.61 ? 44  ASN A CB   1 
ATOM   16   C  CG   . ASN A 1 17  ? 16.421  1.449   5.495   1.00 16.72 ? 44  ASN A CG   1 
ATOM   17   O  OD1  . ASN A 1 17  ? 15.717  1.563   6.481   1.00 17.20 ? 44  ASN A OD1  1 
ATOM   18   N  ND2  . ASN A 1 17  ? 17.034  2.465   4.936   1.00 17.74 ? 44  ASN A ND2  1 
ATOM   19   N  N    . PRO A 1 18  ? 15.987  -2.987  5.289   1.00 14.78 ? 45  PRO A N    1 
ATOM   20   C  CA   . PRO A 1 18  ? 15.904  -4.211  4.504   1.00 14.58 ? 45  PRO A CA   1 
ATOM   21   C  C    . PRO A 1 18  ? 15.727  -3.867  3.031   1.00 15.48 ? 45  PRO A C    1 
ATOM   22   O  O    . PRO A 1 18  ? 15.373  -2.700  2.696   1.00 14.36 ? 45  PRO A O    1 
ATOM   23   C  CB   . PRO A 1 18  ? 14.625  -4.869  5.020   1.00 14.62 ? 45  PRO A CB   1 
ATOM   24   C  CG   . PRO A 1 18  ? 13.766  -3.736  5.467   1.00 14.34 ? 45  PRO A CG   1 
ATOM   25   C  CD   . PRO A 1 18  ? 14.694  -2.649  5.916   1.00 14.49 ? 45  PRO A CD   1 
ATOM   26   N  N    . PRO A 1 19  ? 15.975  -4.847  2.153   1.00 16.75 ? 46  PRO A N    1 
ATOM   27   C  CA   . PRO A 1 19  ? 15.622  -4.663  0.747   1.00 16.91 ? 46  PRO A CA   1 
ATOM   28   C  C    . PRO A 1 19  ? 14.122  -4.396  0.636   1.00 17.71 ? 46  PRO A C    1 
ATOM   29   O  O    . PRO A 1 19  ? 13.350  -5.010  1.399   1.00 17.68 ? 46  PRO A O    1 
ATOM   30   C  CB   . PRO A 1 19  ? 15.928  -6.005  0.108   1.00 17.92 ? 46  PRO A CB   1 
ATOM   31   C  CG   . PRO A 1 19  ? 15.984  -6.974  1.214   1.00 19.27 ? 46  PRO A CG   1 
ATOM   32   C  CD   . PRO A 1 19  ? 16.436  -6.224  2.435   1.00 17.69 ? 46  PRO A CD   1 
ATOM   33   N  N    . PRO A 1 20  ? 13.712  -3.519  -0.294  1.00 16.16 ? 47  PRO A N    1 
ATOM   34   C  CA   . PRO A 1 20  ? 12.287  -3.191  -0.409  1.00 16.17 ? 47  PRO A CA   1 
ATOM   35   C  C    . PRO A 1 20  ? 11.459  -4.349  -0.984  1.00 15.16 ? 47  PRO A C    1 
ATOM   36   O  O    . PRO A 1 20  ? 12.032  -5.285  -1.533  1.00 15.67 ? 47  PRO A O    1 
ATOM   37   C  CB   . PRO A 1 20  ? 12.286  -1.983  -1.336  1.00 17.07 ? 47  PRO A CB   1 
ATOM   38   C  CG   . PRO A 1 20  ? 13.528  -2.102  -2.127  1.00 18.33 ? 47  PRO A CG   1 
ATOM   39   C  CD   . PRO A 1 20  ? 14.542  -2.726  -1.224  1.00 17.89 ? 47  PRO A CD   1 
ATOM   40   N  N    . PRO A 1 21  ? 10.128  -4.332  -0.809  1.00 14.34 ? 48  PRO A N    1 
ATOM   41   C  CA   . PRO A 1 21  ? 9.375   -5.445  -1.343  1.00 14.48 ? 48  PRO A CA   1 
ATOM   42   C  C    . PRO A 1 21  ? 9.494   -5.515  -2.865  1.00 14.23 ? 48  PRO A C    1 
ATOM   43   O  O    . PRO A 1 21  ? 9.646   -4.481  -3.522  1.00 14.27 ? 48  PRO A O    1 
ATOM   44   C  CB   . PRO A 1 21  ? 7.930   -5.122  -0.939  1.00 14.51 ? 48  PRO A CB   1 
ATOM   45   C  CG   . PRO A 1 21  ? 8.053   -4.219  0.255   1.00 14.77 ? 48  PRO A CG   1 
ATOM   46   C  CD   . PRO A 1 21  ? 9.266   -3.391  -0.051  1.00 14.71 ? 48  PRO A CD   1 
ATOM   47   N  N    . GLU A 1 22  ? 9.397   -6.719  -3.420  1.00 14.35 ? 49  GLU A N    1 
ATOM   48   C  CA   . GLU A 1 22  ? 9.505   -6.878  -4.870  1.00 15.14 ? 49  GLU A CA   1 
ATOM   49   C  C    . GLU A 1 22  ? 8.353   -6.195  -5.582  1.00 15.20 ? 49  GLU A C    1 
ATOM   50   O  O    . GLU A 1 22  ? 7.249   -6.109  -5.051  1.00 13.54 ? 49  GLU A O    1 
ATOM   51   C  CB   . GLU A 1 22  ? 9.572   -8.355  -5.255  1.00 17.06 ? 49  GLU A CB   1 
ATOM   52   C  CG   . GLU A 1 22  ? 8.277   -9.120  -5.060  1.00 18.15 ? 49  GLU A CG   1 
ATOM   53   C  CD   . GLU A 1 22  ? 8.409   -10.589 -5.382  1.00 20.83 ? 49  GLU A CD   1 
ATOM   54   O  OE1  . GLU A 1 22  ? 7.367   -11.280 -5.444  1.00 23.19 ? 49  GLU A OE1  1 
ATOM   55   O  OE2  . GLU A 1 22  ? 9.547   -11.057 -5.544  1.00 21.35 ? 49  GLU A OE2  1 
ATOM   56   N  N    . THR A 1 23  ? 8.617   -5.713  -6.798  1.00 14.67 ? 50  THR A N    1 
ATOM   57   C  CA   . THR A 1 23  ? 7.596   -5.165  -7.653  1.00 15.30 ? 50  THR A CA   1 
ATOM   58   C  C    . THR A 1 23  ? 7.379   -5.929  -8.990  1.00 16.06 ? 50  THR A C    1 
ATOM   59   O  O    . THR A 1 23  ? 6.499   -5.572  -9.770  1.00 15.55 ? 50  THR A O    1 
ATOM   60   C  CB   . THR A 1 23  ? 7.872   -3.693  -7.934  1.00 16.75 ? 50  THR A CB   1 
ATOM   61   O  OG1  . THR A 1 23  ? 9.164   -3.564  -8.547  1.00 16.49 ? 50  THR A OG1  1 
ATOM   62   C  CG2  . THR A 1 23  ? 7.780   -2.884  -6.609  1.00 16.46 ? 50  THR A CG2  1 
ATOM   63   N  N    . SER A 1 24  ? 8.162   -6.974  -9.218  1.00 16.47 ? 51  SER A N    1 
ATOM   64   C  CA   . SER A 1 24  ? 7.941   -7.901  -10.338 1.00 17.65 ? 51  SER A CA   1 
ATOM   65   C  C    . SER A 1 24  ? 8.568   -9.227  -9.956  1.00 18.89 ? 51  SER A C    1 
ATOM   66   O  O    . SER A 1 24  ? 9.450   -9.303  -9.102  1.00 17.25 ? 51  SER A O    1 
ATOM   67   C  CB   . SER A 1 24  ? 8.480   -7.351  -11.682 1.00 19.05 ? 51  SER A CB   1 
ATOM   68   O  OG   . SER A 1 24  ? 9.882   -7.218  -11.655 1.00 19.71 ? 51  SER A OG   1 
ATOM   69   N  N    . ASN A 1 25  ? 8.053   -10.294 -10.544 1.00 19.67 ? 52  ASN A N    1 
ATOM   70   C  CA   . ASN A 1 25  ? 8.492   -11.620 -10.211 1.00 22.03 ? 52  ASN A CA   1 
ATOM   71   C  C    . ASN A 1 25  ? 8.100   -12.505 -11.387 1.00 23.72 ? 52  ASN A C    1 
ATOM   72   O  O    . ASN A 1 25  ? 6.903   -12.665 -11.660 1.00 20.86 ? 52  ASN A O    1 
ATOM   73   C  CB   . ASN A 1 25  ? 7.814   -12.057 -8.918  1.00 22.80 ? 52  ASN A CB   1 
ATOM   74   C  CG   . ASN A 1 25  ? 8.276   -13.406 -8.423  1.00 27.08 ? 52  ASN A CG   1 
ATOM   75   O  OD1  . ASN A 1 25  ? 8.753   -14.259 -9.185  1.00 29.88 ? 52  ASN A OD1  1 
ATOM   76   N  ND2  . ASN A 1 25  ? 8.113   -13.619 -7.124  1.00 28.81 ? 52  ASN A ND2  1 
ATOM   77   N  N    . PRO A 1 26  ? 9.098   -13.027 -12.129 1.00 26.51 ? 53  PRO A N    1 
ATOM   78   C  CA   . PRO A 1 26  ? 8.727   -13.856 -13.304 1.00 29.34 ? 53  PRO A CA   1 
ATOM   79   C  C    . PRO A 1 26  ? 7.812   -15.026 -12.975 1.00 30.06 ? 53  PRO A C    1 
ATOM   80   O  O    . PRO A 1 26  ? 6.910   -15.301 -13.758 1.00 40.02 ? 53  PRO A O    1 
ATOM   81   C  CB   . PRO A 1 26  ? 10.065  -14.395 -13.832 1.00 27.99 ? 53  PRO A CB   1 
ATOM   82   C  CG   . PRO A 1 26  ? 11.128  -13.724 -13.052 1.00 28.43 ? 53  PRO A CG   1 
ATOM   83   C  CD   . PRO A 1 26  ? 10.546  -13.035 -11.861 1.00 27.42 ? 53  PRO A CD   1 
ATOM   84   N  N    . ASN A 1 27  ? 8.029   -15.669 -11.830 1.00 30.61 ? 54  ASN A N    1 
ATOM   85   C  CA   A ASN A 1 27  ? 7.217   -16.886 -11.600 0.40 30.09 ? 54  ASN A CA   1 
ATOM   86   C  CA   B ASN A 1 27  ? 7.394   -16.879 -11.279 0.60 32.43 ? 54  ASN A CA   1 
ATOM   87   C  C    . ASN A 1 27  ? 6.029   -16.714 -10.596 1.00 31.30 ? 54  ASN A C    1 
ATOM   88   O  O    . ASN A 1 27  ? 5.497   -17.697 -10.062 1.00 33.73 ? 54  ASN A O    1 
ATOM   89   C  CB   A ASN A 1 27  ? 8.098   -18.127 -11.347 0.40 28.15 ? 54  ASN A CB   1 
ATOM   90   C  CB   B ASN A 1 27  ? 8.284   -17.445 -10.131 0.60 33.06 ? 54  ASN A CB   1 
ATOM   91   C  CG   A ASN A 1 27  ? 9.135   -18.379 -12.466 0.40 26.49 ? 54  ASN A CG   1 
ATOM   92   C  CG   B ASN A 1 27  ? 9.658   -17.940 -10.578 0.60 33.46 ? 54  ASN A CG   1 
ATOM   93   O  OD1  A ASN A 1 27  ? 10.304  -18.643 -12.174 0.40 26.57 ? 54  ASN A OD1  1 
ATOM   94   O  OD1  B ASN A 1 27  ? 10.514  -18.198 -9.733  0.60 33.22 ? 54  ASN A OD1  1 
ATOM   95   N  ND2  A ASN A 1 27  ? 8.709   -18.336 -13.733 0.40 22.76 ? 54  ASN A ND2  1 
ATOM   96   N  ND2  B ASN A 1 27  ? 9.870   -18.094 -11.885 0.60 33.89 ? 54  ASN A ND2  1 
ATOM   97   N  N    . LYS A 1 28  ? 5.539   -15.478 -10.437 1.00 24.37 ? 55  LYS A N    1 
ATOM   98   C  CA   . LYS A 1 28  ? 4.290   -15.216 -9.694  1.00 21.47 ? 55  LYS A CA   1 
ATOM   99   C  C    . LYS A 1 28  ? 3.201   -14.950 -10.735 1.00 20.53 ? 55  LYS A C    1 
ATOM   100  O  O    . LYS A 1 28  ? 3.358   -14.026 -11.565 1.00 18.62 ? 55  LYS A O    1 
ATOM   101  C  CB   . LYS A 1 28  ? 4.402   -13.976 -8.772  1.00 21.36 ? 55  LYS A CB   1 
ATOM   102  C  CG   . LYS A 1 28  ? 3.145   -13.770 -7.931  1.00 21.90 ? 55  LYS A CG   1 
ATOM   103  C  CD   . LYS A 1 28  ? 3.034   -12.374 -7.301  1.00 22.52 ? 55  LYS A CD   1 
ATOM   104  C  CE   . LYS A 1 28  ? 1.636   -12.062 -6.791  1.00 20.99 ? 55  LYS A CE   1 
ATOM   105  N  NZ   . LYS A 1 28  ? 0.580   -12.036 -7.824  1.00 21.29 ? 55  LYS A NZ   1 
ATOM   106  N  N    . PRO A 1 29  ? 2.110   -15.737 -10.714 1.00 18.49 ? 56  PRO A N    1 
ATOM   107  C  CA   . PRO A 1 29  ? 1.055   -15.518 -11.703 1.00 18.52 ? 56  PRO A CA   1 
ATOM   108  C  C    . PRO A 1 29  ? 0.517   -14.107 -11.612 1.00 19.49 ? 56  PRO A C    1 
ATOM   109  O  O    . PRO A 1 29  ? 0.278   -13.596 -10.497 1.00 20.47 ? 56  PRO A O    1 
ATOM   110  C  CB   . PRO A 1 29  ? -0.030  -16.548 -11.324 1.00 18.80 ? 56  PRO A CB   1 
ATOM   111  C  CG   . PRO A 1 29  ? 0.732   -17.637 -10.694 1.00 19.17 ? 56  PRO A CG   1 
ATOM   112  C  CD   . PRO A 1 29  ? 1.868   -16.972 -9.942  1.00 20.18 ? 56  PRO A CD   1 
ATOM   113  N  N    . LYS A 1 30  ? 0.323   -13.509 -12.773 1.00 17.63 ? 57  LYS A N    1 
ATOM   114  C  CA   . LYS A 1 30  ? -0.014  -12.087 -12.905 1.00 19.38 ? 57  LYS A CA   1 
ATOM   115  C  C    . LYS A 1 30  ? -0.988  -11.958 -14.077 1.00 18.78 ? 57  LYS A C    1 
ATOM   116  O  O    . LYS A 1 30  ? -0.915  -12.726 -15.056 1.00 16.61 ? 57  LYS A O    1 
ATOM   117  C  CB   . LYS A 1 30  ? 1.299   -11.277 -13.176 1.00 20.93 ? 57  LYS A CB   1 
ATOM   118  C  CG   . LYS A 1 30  ? 1.918   -11.555 -14.546 1.00 22.80 ? 57  LYS A CG   1 
ATOM   119  C  CD   . LYS A 1 30  ? 3.208   -10.823 -14.937 1.00 25.12 ? 57  LYS A CD   1 
ATOM   120  C  CE   . LYS A 1 30  ? 4.390   -11.189 -14.069 1.00 24.81 ? 57  LYS A CE   1 
ATOM   121  N  NZ   . LYS A 1 30  ? 4.643   -12.621 -13.694 1.00 24.75 ? 57  LYS A NZ   1 
ATOM   122  N  N    . ARG A 1 31  ? -1.888  -10.977 -14.002 1.00 17.87 ? 58  ARG A N    1 
ATOM   123  C  CA   . ARG A 1 31  ? -2.738  -10.640 -15.133 1.00 18.95 ? 58  ARG A CA   1 
ATOM   124  C  C    . ARG A 1 31  ? -3.285  -9.221  -14.963 1.00 19.81 ? 58  ARG A C    1 
ATOM   125  O  O    . ARG A 1 31  ? -3.054  -8.566  -13.938 1.00 19.12 ? 58  ARG A O    1 
ATOM   126  C  CB   . ARG A 1 31  ? -3.883  -11.661 -15.313 1.00 20.29 ? 58  ARG A CB   1 
ATOM   127  C  CG   . ARG A 1 31  ? -4.807  -11.803 -14.149 1.00 20.48 ? 58  ARG A CG   1 
ATOM   128  C  CD   . ARG A 1 31  ? -5.831  -12.909 -14.331 1.00 19.52 ? 58  ARG A CD   1 
ATOM   129  N  NE   . ARG A 1 31  ? -6.768  -12.835 -13.225 1.00 19.74 ? 58  ARG A NE   1 
ATOM   130  C  CZ   . ARG A 1 31  ? -7.874  -13.560 -13.096 1.00 21.35 ? 58  ARG A CZ   1 
ATOM   131  N  NH1  . ARG A 1 31  ? -8.196  -14.498 -13.991 1.00 21.36 ? 58  ARG A NH1  1 
ATOM   132  N  NH2  . ARG A 1 31  ? -8.659  -13.362 -12.033 1.00 21.43 ? 58  ARG A NH2  1 
ATOM   133  N  N    . GLN A 1 32  ? -3.921  -8.741  -16.023 1.00 21.24 ? 59  GLN A N    1 
ATOM   134  C  CA   A GLN A 1 32  ? -4.627  -7.463  -16.021 0.50 23.04 ? 59  GLN A CA   1 
ATOM   135  C  CA   B GLN A 1 32  ? -4.613  -7.460  -15.999 0.50 22.98 ? 59  GLN A CA   1 
ATOM   136  C  C    . GLN A 1 32  ? -6.090  -7.777  -15.863 1.00 22.96 ? 59  GLN A C    1 
ATOM   137  O  O    . GLN A 1 32  ? -6.588  -8.705  -16.507 1.00 22.78 ? 59  GLN A O    1 
ATOM   138  C  CB   A GLN A 1 32  ? -4.418  -6.715  -17.346 0.50 24.66 ? 59  GLN A CB   1 
ATOM   139  C  CB   B GLN A 1 32  ? -4.311  -6.671  -17.286 0.50 24.56 ? 59  GLN A CB   1 
ATOM   140  C  CG   A GLN A 1 32  ? -3.114  -5.954  -17.427 0.50 25.68 ? 59  GLN A CG   1 
ATOM   141  C  CG   B GLN A 1 32  ? -5.128  -5.403  -17.499 0.50 25.39 ? 59  GLN A CG   1 
ATOM   142  C  CD   A GLN A 1 32  ? -2.878  -5.303  -18.779 0.50 27.16 ? 59  GLN A CD   1 
ATOM   143  C  CD   B GLN A 1 32  ? -4.518  -4.482  -18.535 0.50 27.34 ? 59  GLN A CD   1 
ATOM   144  O  OE1  A GLN A 1 32  ? -2.547  -5.970  -19.763 0.50 28.07 ? 59  GLN A OE1  1 
ATOM   145  O  OE1  B GLN A 1 32  ? -4.460  -3.270  -18.341 0.50 30.37 ? 59  GLN A OE1  1 
ATOM   146  N  NE2  A GLN A 1 32  ? -3.023  -3.987  -18.829 0.50 26.45 ? 59  GLN A NE2  1 
ATOM   147  N  NE2  B GLN A 1 32  ? -4.064  -5.051  -19.646 0.50 27.08 ? 59  GLN A NE2  1 
ATOM   148  N  N    . THR A 1 33  ? -6.780  -7.020  -15.006 1.00 22.00 ? 60  THR A N    1 
ATOM   149  C  CA   . THR A 1 33  ? -8.239  -7.080  -14.882 1.00 21.81 ? 60  THR A CA   1 
ATOM   150  C  C    . THR A 1 33  ? -8.762  -5.638  -14.860 1.00 24.61 ? 60  THR A C    1 
ATOM   151  O  O    . THR A 1 33  ? -8.036  -4.717  -14.496 1.00 23.78 ? 60  THR A O    1 
ATOM   152  C  CB   . THR A 1 33  ? -8.750  -7.838  -13.642 1.00 21.60 ? 60  THR A CB   1 
ATOM   153  O  OG1  . THR A 1 33  ? -8.566  -7.054  -12.435 1.00 20.79 ? 60  THR A OG1  1 
ATOM   154  C  CG2  . THR A 1 33  ? -8.095  -9.224  -13.504 1.00 21.37 ? 60  THR A CG2  1 
ATOM   155  N  N    . ASN A 1 34  ? -10.024 -5.440  -15.237 1.00 26.09 ? 61  ASN A N    1 
ATOM   156  C  CA   . ASN A 1 34  ? -10.622 -4.098  -15.164 1.00 27.03 ? 61  ASN A CA   1 
ATOM   157  C  C    . ASN A 1 34  ? -10.672 -3.552  -13.705 1.00 24.39 ? 61  ASN A C    1 
ATOM   158  O  O    . ASN A 1 34  ? -10.572 -2.373  -13.501 1.00 26.75 ? 61  ASN A O    1 
ATOM   159  C  CB   . ASN A 1 34  ? -12.015 -4.071  -15.794 1.00 31.91 ? 61  ASN A CB   1 
ATOM   160  C  CG   . ASN A 1 34  ? -13.011 -4.897  -15.034 1.00 35.20 ? 61  ASN A CG   1 
ATOM   161  O  OD1  . ASN A 1 34  ? -12.709 -6.025  -14.620 1.00 39.45 ? 61  ASN A OD1  1 
ATOM   162  N  ND2  . ASN A 1 34  ? -14.217 -4.340  -14.823 1.00 40.03 ? 61  ASN A ND2  1 
ATOM   163  N  N    . GLN A 1 35  ? -10.853 -4.423  -12.732 1.00 22.85 ? 62  GLN A N    1 
ATOM   164  C  CA   . GLN A 1 35  ? -10.760 -4.024  -11.320 1.00 23.01 ? 62  GLN A CA   1 
ATOM   165  C  C    . GLN A 1 35  ? -9.375  -3.521  -10.941 1.00 22.14 ? 62  GLN A C    1 
ATOM   166  O  O    . GLN A 1 35  ? -9.247  -2.498  -10.250 1.00 20.79 ? 62  GLN A O    1 
ATOM   167  C  CB   . GLN A 1 35  ? -11.134 -5.167  -10.438 1.00 25.07 ? 62  GLN A CB   1 
ATOM   168  C  CG   . GLN A 1 35  ? -12.603 -5.526  -10.537 1.00 27.90 ? 62  GLN A CG   1 
ATOM   169  C  CD   . GLN A 1 35  ? -12.969 -6.684  -9.644  1.00 29.23 ? 62  GLN A CD   1 
ATOM   170  O  OE1  . GLN A 1 35  ? -12.130 -7.521  -9.300  1.00 29.67 ? 62  GLN A OE1  1 
ATOM   171  N  NE2  . GLN A 1 35  ? -14.244 -6.744  -9.259  1.00 33.26 ? 62  GLN A NE2  1 
ATOM   172  N  N    . LEU A 1 36  ? -8.328  -4.230  -11.381 1.00 19.80 ? 63  LEU A N    1 
ATOM   173  C  CA   . LEU A 1 36  ? -6.949  -3.781  -11.116 1.00 19.22 ? 63  LEU A CA   1 
ATOM   174  C  C    . LEU A 1 36  ? -6.648  -2.471  -11.832 1.00 20.10 ? 63  LEU A C    1 
ATOM   175  O  O    . LEU A 1 36  ? -5.946  -1.605  -11.303 1.00 18.09 ? 63  LEU A O    1 
ATOM   176  C  CB   . LEU A 1 36  ? -5.937  -4.904  -11.449 1.00 17.74 ? 63  LEU A CB   1 
ATOM   177  C  CG   . LEU A 1 36  ? -5.884  -6.054  -10.453 1.00 17.12 ? 63  LEU A CG   1 
ATOM   178  C  CD1  . LEU A 1 36  ? -5.283  -7.321  -11.082 1.00 16.60 ? 63  LEU A CD1  1 
ATOM   179  C  CD2  . LEU A 1 36  ? -5.090  -5.635  -9.209  1.00 16.98 ? 63  LEU A CD2  1 
ATOM   180  N  N    . GLN A 1 37  ? -7.207  -2.286  -13.039 1.00 20.65 ? 64  GLN A N    1 
ATOM   181  C  CA   . GLN A 1 37  ? -7.068  -1.014  -13.735 1.00 24.10 ? 64  GLN A CA   1 
ATOM   182  C  C    . GLN A 1 37  ? -7.663  0.143   -12.919 1.00 22.25 ? 64  GLN A C    1 
ATOM   183  O  O    . GLN A 1 37  ? -7.055  1.196   -12.802 1.00 21.30 ? 64  GLN A O    1 
ATOM   184  C  CB   . GLN A 1 37  ? -7.741  -1.067  -15.122 1.00 29.15 ? 64  GLN A CB   1 
ATOM   185  C  CG   . GLN A 1 37  ? -6.987  -1.960  -16.099 1.00 32.90 ? 64  GLN A CG   1 
ATOM   186  C  CD   . GLN A 1 37  ? -7.693  -2.130  -17.434 1.00 38.63 ? 64  GLN A CD   1 
ATOM   187  O  OE1  . GLN A 1 37  ? -8.905  -2.332  -17.488 1.00 42.17 ? 64  GLN A OE1  1 
ATOM   188  N  NE2  . GLN A 1 37  ? -6.928  -2.070  -18.524 1.00 43.46 ? 64  GLN A NE2  1 
ATOM   189  N  N    . TYR A 1 38  ? -8.844  -0.091  -12.368 1.00 23.42 ? 65  TYR A N    1 
ATOM   190  C  CA   . TYR A 1 38  ? -9.546  0.865   -11.513 1.00 24.97 ? 65  TYR A CA   1 
ATOM   191  C  C    . TYR A 1 38  ? -8.747  1.177   -10.229 1.00 23.48 ? 65  TYR A C    1 
ATOM   192  O  O    . TYR A 1 38  ? -8.701  2.331   -9.776  1.00 22.75 ? 65  TYR A O    1 
ATOM   193  C  CB   . TYR A 1 38  ? -10.913 0.295   -11.137 1.00 27.87 ? 65  TYR A CB   1 
ATOM   194  C  CG   . TYR A 1 38  ? -11.733 1.113   -10.132 1.00 32.32 ? 65  TYR A CG   1 
ATOM   195  C  CD1  . TYR A 1 38  ? -12.564 2.154   -10.557 1.00 36.58 ? 65  TYR A CD1  1 
ATOM   196  C  CD2  . TYR A 1 38  ? -11.697 0.812   -8.764  1.00 34.08 ? 65  TYR A CD2  1 
ATOM   197  C  CE1  . TYR A 1 38  ? -13.321 2.889   -9.646  1.00 38.21 ? 65  TYR A CE1  1 
ATOM   198  C  CE2  . TYR A 1 38  ? -12.447 1.541   -7.845  1.00 38.79 ? 65  TYR A CE2  1 
ATOM   199  C  CZ   . TYR A 1 38  ? -13.264 2.574   -8.295  1.00 39.63 ? 65  TYR A CZ   1 
ATOM   200  O  OH   . TYR A 1 38  ? -14.016 3.294   -7.386  1.00 42.73 ? 65  TYR A OH   1 
ATOM   201  N  N    . LEU A 1 39  ? -8.144  0.135   -9.655  1.00 22.68 ? 66  LEU A N    1 
ATOM   202  C  CA   . LEU A 1 39  ? -7.271  0.291   -8.481  1.00 21.33 ? 66  LEU A CA   1 
ATOM   203  C  C    . LEU A 1 39  ? -6.108  1.246   -8.757  1.00 21.54 ? 66  LEU A C    1 
ATOM   204  O  O    . LEU A 1 39  ? -5.750  2.039   -7.879  1.00 22.07 ? 66  LEU A O    1 
ATOM   205  C  CB   . LEU A 1 39  ? -6.799  -1.061  -7.955  1.00 21.69 ? 66  LEU A CB   1 
ATOM   206  C  CG   . LEU A 1 39  ? -7.766  -1.786  -7.008  1.00 24.02 ? 66  LEU A CG   1 
ATOM   207  C  CD1  . LEU A 1 39  ? -7.495  -3.281  -6.991  1.00 23.98 ? 66  LEU A CD1  1 
ATOM   208  C  CD2  . LEU A 1 39  ? -7.682  -1.212  -5.596  1.00 25.58 ? 66  LEU A CD2  1 
ATOM   209  N  N    . LEU A 1 40  ? -5.541  1.230   -9.969  1.00 20.29 ? 67  LEU A N    1 
ATOM   210  C  CA   . LEU A 1 40  ? -4.475  2.143   -10.326 1.00 19.87 ? 67  LEU A CA   1 
ATOM   211  C  C    . LEU A 1 40  ? -5.028  3.540   -10.677 1.00 22.78 ? 67  LEU A C    1 
ATOM   212  O  O    . LEU A 1 40  ? -4.612  4.560   -10.104 1.00 20.86 ? 67  LEU A O    1 
ATOM   213  C  CB   . LEU A 1 40  ? -3.687  1.623   -11.525 1.00 20.51 ? 67  LEU A CB   1 
ATOM   214  C  CG   . LEU A 1 40  ? -2.509  2.443   -12.056 1.00 21.09 ? 67  LEU A CG   1 
ATOM   215  C  CD1  . LEU A 1 40  ? -1.546  2.913   -10.967 1.00 21.60 ? 67  LEU A CD1  1 
ATOM   216  C  CD2  . LEU A 1 40  ? -1.748  1.635   -13.106 1.00 21.99 ? 67  LEU A CD2  1 
ATOM   217  N  N    . ARG A 1 41  ? -5.957  3.547   -11.629 1.00 24.04 ? 68  ARG A N    1 
ATOM   218  C  CA   . ARG A 1 41  ? -6.448  4.778   -12.247 1.00 29.31 ? 68  ARG A CA   1 
ATOM   219  C  C    . ARG A 1 41  ? -7.242  5.668   -11.306 1.00 28.10 ? 68  ARG A C    1 
ATOM   220  O  O    . ARG A 1 41  ? -7.141  6.892   -11.389 1.00 32.28 ? 68  ARG A O    1 
ATOM   221  C  CB   . ARG A 1 41  ? -7.339  4.450   -13.459 1.00 32.90 ? 68  ARG A CB   1 
ATOM   222  C  CG   . ARG A 1 41  ? -6.609  3.882   -14.679 1.00 39.33 ? 68  ARG A CG   1 
ATOM   223  C  CD   . ARG A 1 41  ? -7.594  3.509   -15.803 1.00 42.23 ? 68  ARG A CD   1 
ATOM   224  N  NE   . ARG A 1 41  ? -8.732  4.457   -15.883 1.00 48.12 ? 68  ARG A NE   1 
ATOM   225  C  CZ   . ARG A 1 41  ? -9.938  4.303   -15.317 1.00 50.58 ? 68  ARG A CZ   1 
ATOM   226  N  NH1  . ARG A 1 41  ? -10.850 5.264   -15.456 1.00 54.15 ? 68  ARG A NH1  1 
ATOM   227  N  NH2  . ARG A 1 41  ? -10.259 3.213   -14.616 1.00 52.60 ? 68  ARG A NH2  1 
ATOM   228  N  N    . VAL A 1 42  ? -8.044  5.057   -10.454 1.00 27.27 ? 69  VAL A N    1 
ATOM   229  C  CA   . VAL A 1 42  ? -8.913  5.774   -9.533  1.00 29.06 ? 69  VAL A CA   1 
ATOM   230  C  C    . VAL A 1 42  ? -8.398  5.713   -8.089  1.00 27.78 ? 69  VAL A C    1 
ATOM   231  O  O    . VAL A 1 42  ? -8.139  6.762   -7.483  1.00 28.37 ? 69  VAL A O    1 
ATOM   232  C  CB   . VAL A 1 42  ? -10.348 5.205   -9.589  1.00 29.22 ? 69  VAL A CB   1 
ATOM   233  C  CG1  . VAL A 1 42  ? -11.283 5.957   -8.636  1.00 30.87 ? 69  VAL A CG1  1 
ATOM   234  C  CG2  . VAL A 1 42  ? -10.858 5.247   -11.022 1.00 29.42 ? 69  VAL A CG2  1 
ATOM   235  N  N    . VAL A 1 43  ? -8.268  4.503   -7.547  1.00 26.98 ? 70  VAL A N    1 
ATOM   236  C  CA   . VAL A 1 43  ? -8.058  4.310   -6.096  1.00 25.15 ? 70  VAL A CA   1 
ATOM   237  C  C    . VAL A 1 43  ? -6.674  4.788   -5.679  1.00 24.53 ? 70  VAL A C    1 
ATOM   238  O  O    . VAL A 1 43  ? -6.543  5.680   -4.820  1.00 22.59 ? 70  VAL A O    1 
ATOM   239  C  CB   . VAL A 1 43  ? -8.298  2.862   -5.670  1.00 25.89 ? 70  VAL A CB   1 
ATOM   240  C  CG1  . VAL A 1 43  ? -8.061  2.675   -4.169  1.00 26.62 ? 70  VAL A CG1  1 
ATOM   241  C  CG2  . VAL A 1 43  ? -9.702  2.433   -6.082  1.00 26.52 ? 70  VAL A CG2  1 
ATOM   242  N  N    . LEU A 1 44  ? -5.642  4.222   -6.297  1.00 21.74 ? 71  LEU A N    1 
ATOM   243  C  CA   . LEU A 1 44  ? -4.279  4.627   -5.986  1.00 22.73 ? 71  LEU A CA   1 
ATOM   244  C  C    . LEU A 1 44  ? -4.076  6.121   -6.277  1.00 22.05 ? 71  LEU A C    1 
ATOM   245  O  O    . LEU A 1 44  ? -3.541  6.863   -5.448  1.00 20.45 ? 71  LEU A O    1 
ATOM   246  C  CB   . LEU A 1 44  ? -3.272  3.768   -6.739  1.00 22.57 ? 71  LEU A CB   1 
ATOM   247  C  CG   . LEU A 1 44  ? -1.763  3.937   -6.445  1.00 25.13 ? 71  LEU A CG   1 
ATOM   248  C  CD1  . LEU A 1 44  ? -1.139  5.155   -7.113  1.00 26.37 ? 71  LEU A CD1  1 
ATOM   249  C  CD2  . LEU A 1 44  ? -1.482  3.932   -4.949  1.00 25.68 ? 71  LEU A CD2  1 
ATOM   250  N  N    . LYS A 1 45  ? -4.568  6.571   -7.427  1.00 23.29 ? 72  LYS A N    1 
ATOM   251  C  CA   . LYS A 1 45  ? -4.394  7.971   -7.842  1.00 26.25 ? 72  LYS A CA   1 
ATOM   252  C  C    . LYS A 1 45  ? -5.008  8.963   -6.842  1.00 24.16 ? 72  LYS A C    1 
ATOM   253  O  O    . LYS A 1 45  ? -4.380  9.991   -6.526  1.00 26.70 ? 72  LYS A O    1 
ATOM   254  C  CB   . LYS A 1 45  ? -4.975  8.199   -9.235  1.00 29.35 ? 72  LYS A CB   1 
ATOM   255  C  CG   . LYS A 1 45  ? -4.712  9.594   -9.797  1.00 33.15 ? 72  LYS A CG   1 
ATOM   256  C  CD   . LYS A 1 45  ? -4.815  9.619   -11.319 1.00 38.38 ? 72  LYS A CD   1 
ATOM   257  C  CE   . LYS A 1 45  ? -3.569  9.023   -11.979 1.00 40.71 ? 72  LYS A CE   1 
ATOM   258  N  NZ   . LYS A 1 45  ? -3.898  8.143   -13.132 1.00 43.58 ? 72  LYS A NZ   1 
ATOM   259  N  N    . THR A 1 46  ? -6.188  8.640   -6.329  1.00 23.45 ? 73  THR A N    1 
ATOM   260  C  CA   . THR A 1 46  ? -6.887  9.484   -5.350  1.00 24.74 ? 73  THR A CA   1 
ATOM   261  C  C    . THR A 1 46  ? -6.109  9.546   -4.037  1.00 23.55 ? 73  THR A C    1 
ATOM   262  O  O    . THR A 1 46  ? -5.929  10.634  -3.497  1.00 24.26 ? 73  THR A O    1 
ATOM   263  C  CB   . THR A 1 46  ? -8.323  9.011   -5.071  1.00 25.81 ? 73  THR A CB   1 
ATOM   264  O  OG1  . THR A 1 46  ? -9.080  9.100   -6.277  1.00 25.78 ? 73  THR A OG1  1 
ATOM   265  C  CG2  . THR A 1 46  ? -9.037  9.910   -4.011  1.00 26.71 ? 73  THR A CG2  1 
ATOM   266  N  N    . LEU A 1 47  ? -5.614  8.403   -3.559  1.00 22.17 ? 74  LEU A N    1 
ATOM   267  C  CA   . LEU A 1 47  ? -4.804  8.375   -2.330  1.00 21.81 ? 74  LEU A CA   1 
ATOM   268  C  C    . LEU A 1 47  ? -3.450  9.028   -2.496  1.00 20.24 ? 74  LEU A C    1 
ATOM   269  O  O    . LEU A 1 47  ? -3.024  9.750   -1.606  1.00 19.38 ? 74  LEU A O    1 
ATOM   270  C  CB   . LEU A 1 47  ? -4.614  6.951   -1.758  1.00 24.61 ? 74  LEU A CB   1 
ATOM   271  C  CG   . LEU A 1 47  ? -5.842  6.120   -1.350  1.00 30.34 ? 74  LEU A CG   1 
ATOM   272  C  CD1  . LEU A 1 47  ? -5.455  4.969   -0.409  1.00 30.96 ? 74  LEU A CD1  1 
ATOM   273  C  CD2  . LEU A 1 47  ? -6.955  6.944   -0.727  1.00 30.94 ? 74  LEU A CD2  1 
ATOM   274  N  N    . TRP A 1 48  ? -2.779  8.796   -3.621  1.00 17.56 ? 75  TRP A N    1 
ATOM   275  C  CA   . TRP A 1 48  ? -1.452  9.338   -3.885  1.00 19.11 ? 75  TRP A CA   1 
ATOM   276  C  C    . TRP A 1 48  ? -1.431  10.873  -3.825  1.00 20.03 ? 75  TRP A C    1 
ATOM   277  O  O    . TRP A 1 48  ? -0.453  11.461  -3.376  1.00 19.32 ? 75  TRP A O    1 
ATOM   278  C  CB   . TRP A 1 48  ? -0.969  8.877   -5.257  1.00 20.73 ? 75  TRP A CB   1 
ATOM   279  C  CG   . TRP A 1 48  ? 0.445   9.166   -5.552  1.00 20.86 ? 75  TRP A CG   1 
ATOM   280  C  CD1  . TRP A 1 48  ? 0.939   10.259  -6.185  1.00 21.54 ? 75  TRP A CD1  1 
ATOM   281  C  CD2  . TRP A 1 48  ? 1.570   8.353   -5.205  1.00 20.66 ? 75  TRP A CD2  1 
ATOM   282  N  NE1  . TRP A 1 48  ? 2.301   10.184  -6.273  1.00 22.63 ? 75  TRP A NE1  1 
ATOM   283  C  CE2  . TRP A 1 48  ? 2.720   9.014   -5.689  1.00 20.74 ? 75  TRP A CE2  1 
ATOM   284  C  CE3  . TRP A 1 48  ? 1.715   7.117   -4.556  1.00 20.56 ? 75  TRP A CE3  1 
ATOM   285  C  CZ2  . TRP A 1 48  ? 4.002   8.499   -5.534  1.00 20.79 ? 75  TRP A CZ2  1 
ATOM   286  C  CZ3  . TRP A 1 48  ? 3.011   6.597   -4.406  1.00 20.12 ? 75  TRP A CZ3  1 
ATOM   287  C  CH2  . TRP A 1 48  ? 4.126   7.286   -4.891  1.00 20.57 ? 75  TRP A CH2  1 
ATOM   288  N  N    . LYS A 1 49  ? -2.515  11.499  -4.290  1.00 21.05 ? 76  LYS A N    1 
ATOM   289  C  CA   . LYS A 1 49  ? -2.603  12.968  -4.403  1.00 23.11 ? 76  LYS A CA   1 
ATOM   290  C  C    . LYS A 1 49  ? -3.168  13.637  -3.158  1.00 22.42 ? 76  LYS A C    1 
ATOM   291  O  O    . LYS A 1 49  ? -3.183  14.861  -3.070  1.00 26.00 ? 76  LYS A O    1 
ATOM   292  C  CB   . LYS A 1 49  ? -3.481  13.335  -5.615  1.00 26.15 ? 76  LYS A CB   1 
ATOM   293  C  CG   . LYS A 1 49  ? -2.827  12.981  -6.939  1.00 30.35 ? 76  LYS A CG   1 
ATOM   294  C  CD   . LYS A 1 49  ? -3.618  13.559  -8.124  1.00 35.68 ? 76  LYS A CD   1 
ATOM   295  C  CE   . LYS A 1 49  ? -2.705  14.091  -9.223  1.00 39.70 ? 76  LYS A CE   1 
ATOM   296  N  NZ   . LYS A 1 49  ? -3.275  15.322  -9.856  1.00 42.65 ? 76  LYS A NZ   1 
ATOM   297  N  N    . HIS A 1 50  ? -3.622  12.849  -2.190  1.00 19.87 ? 77  HIS A N    1 
ATOM   298  C  CA   . HIS A 1 50  ? -4.172  13.361  -0.938  1.00 19.80 ? 77  HIS A CA   1 
ATOM   299  C  C    . HIS A 1 50  ? -3.049  14.017  -0.134  1.00 19.19 ? 77  HIS A C    1 
ATOM   300  O  O    . HIS A 1 50  ? -1.900  13.577  -0.179  1.00 17.64 ? 77  HIS A O    1 
ATOM   301  C  CB   . HIS A 1 50  ? -4.809  12.208  -0.158  1.00 18.83 ? 77  HIS A CB   1 
ATOM   302  C  CG   . HIS A 1 50  ? -5.679  12.628  0.975   1.00 19.65 ? 77  HIS A CG   1 
ATOM   303  N  ND1  . HIS A 1 50  ? -5.189  12.868  2.236   1.00 19.14 ? 77  HIS A ND1  1 
ATOM   304  C  CD2  . HIS A 1 50  ? -7.016  12.841  1.049   1.00 21.68 ? 77  HIS A CD2  1 
ATOM   305  C  CE1  . HIS A 1 50  ? -6.176  13.208  3.040   1.00 21.69 ? 77  HIS A CE1  1 
ATOM   306  N  NE2  . HIS A 1 50  ? -7.301  13.187  2.343   1.00 21.37 ? 77  HIS A NE2  1 
ATOM   307  N  N    . GLN A 1 51  ? -3.397  15.076  0.590   1.00 18.95 ? 78  GLN A N    1 
ATOM   308  C  CA   . GLN A 1 51  ? -2.445  15.774  1.451   1.00 19.36 ? 78  GLN A CA   1 
ATOM   309  C  C    . GLN A 1 51  ? -1.656  14.828  2.375   1.00 18.17 ? 78  GLN A C    1 
ATOM   310  O  O    . GLN A 1 51  ? -0.492  15.038  2.654   1.00 17.60 ? 78  GLN A O    1 
ATOM   311  C  CB   . GLN A 1 51  ? -3.208  16.818  2.295   1.00 21.51 ? 78  GLN A CB   1 
ATOM   312  C  CG   . GLN A 1 51  ? -2.336  17.568  3.302   1.00 24.39 ? 78  GLN A CG   1 
ATOM   313  C  CD   . GLN A 1 51  ? -3.042  18.760  3.944   1.00 27.34 ? 78  GLN A CD   1 
ATOM   314  O  OE1  . GLN A 1 51  ? -3.849  19.438  3.292   1.00 28.89 ? 78  GLN A OE1  1 
ATOM   315  N  NE2  . GLN A 1 51  ? -2.747  19.025  5.231   1.00 27.37 ? 78  GLN A NE2  1 
ATOM   316  N  N    . PHE A 1 52  ? -2.342  13.841  2.908   1.00 16.85 ? 79  PHE A N    1 
ATOM   317  C  CA   . PHE A 1 52  ? -1.753  12.897  3.868   1.00 15.79 ? 79  PHE A CA   1 
ATOM   318  C  C    . PHE A 1 52  ? -0.942  11.730  3.264   1.00 14.86 ? 79  PHE A C    1 
ATOM   319  O  O    . PHE A 1 52  ? -0.512  10.870  4.005   1.00 14.17 ? 79  PHE A O    1 
ATOM   320  C  CB   . PHE A 1 52  ? -2.836  12.327  4.766   1.00 15.42 ? 79  PHE A CB   1 
ATOM   321  C  CG   . PHE A 1 52  ? -3.561  13.332  5.650   1.00 16.56 ? 79  PHE A CG   1 
ATOM   322  C  CD1  . PHE A 1 52  ? -3.073  14.633  5.931   1.00 16.32 ? 79  PHE A CD1  1 
ATOM   323  C  CD2  . PHE A 1 52  ? -4.744  12.925  6.243   1.00 15.96 ? 79  PHE A CD2  1 
ATOM   324  C  CE1  . PHE A 1 52  ? -3.779  15.472  6.785   1.00 17.18 ? 79  PHE A CE1  1 
ATOM   325  C  CE2  . PHE A 1 52  ? -5.457  13.746  7.090   1.00 17.42 ? 79  PHE A CE2  1 
ATOM   326  C  CZ   . PHE A 1 52  ? -4.983  15.030  7.361   1.00 17.80 ? 79  PHE A CZ   1 
ATOM   327  N  N    . ALA A 1 53  ? -0.759  11.682  1.939   1.00 14.09 ? 80  ALA A N    1 
ATOM   328  C  CA   . ALA A 1 53  ? 0.011   10.604  1.278   1.00 14.78 ? 80  ALA A CA   1 
ATOM   329  C  C    . ALA A 1 53  ? 1.482   10.499  1.627   1.00 13.93 ? 80  ALA A C    1 
ATOM   330  O  O    . ALA A 1 53  ? 2.042   9.426   1.495   1.00 15.85 ? 80  ALA A O    1 
ATOM   331  C  CB   . ALA A 1 53  ? -0.089  10.724  -0.236  1.00 14.98 ? 80  ALA A CB   1 
ATOM   332  N  N    . TRP A 1 54  ? 2.129   11.623  1.939   1.00 14.24 ? 81  TRP A N    1 
ATOM   333  C  CA   . TRP A 1 54  ? 3.578   11.710  1.952   1.00 14.54 ? 81  TRP A CA   1 
ATOM   334  C  C    . TRP A 1 54  ? 4.346   10.659  2.810   1.00 13.77 ? 81  TRP A C    1 
ATOM   335  O  O    . TRP A 1 54  ? 5.358   10.149  2.340   1.00 14.11 ? 81  TRP A O    1 
ATOM   336  C  CB   . TRP A 1 54  ? 4.060   13.151  2.236   1.00 14.59 ? 81  TRP A CB   1 
ATOM   337  C  CG   . TRP A 1 54  ? 3.694   13.699  3.554   1.00 13.83 ? 81  TRP A CG   1 
ATOM   338  C  CD1  . TRP A 1 54  ? 2.583   14.422  3.845   1.00 14.95 ? 81  TRP A CD1  1 
ATOM   339  C  CD2  . TRP A 1 54  ? 4.415   13.565  4.785   1.00 15.40 ? 81  TRP A CD2  1 
ATOM   340  N  NE1  . TRP A 1 54  ? 2.556   14.762  5.164   1.00 14.56 ? 81  TRP A NE1  1 
ATOM   341  C  CE2  . TRP A 1 54  ? 3.679   14.261  5.771   1.00 14.78 ? 81  TRP A CE2  1 
ATOM   342  C  CE3  . TRP A 1 54  ? 5.626   12.960  5.147   1.00 15.27 ? 81  TRP A CE3  1 
ATOM   343  C  CZ2  . TRP A 1 54  ? 4.100   14.349  7.095   1.00 15.32 ? 81  TRP A CZ2  1 
ATOM   344  C  CZ3  . TRP A 1 54  ? 6.059   13.057  6.463   1.00 16.29 ? 81  TRP A CZ3  1 
ATOM   345  C  CH2  . TRP A 1 54  ? 5.285   13.729  7.431   1.00 16.16 ? 81  TRP A CH2  1 
ATOM   346  N  N    . PRO A 1 55  ? 3.847   10.284  4.011   1.00 12.64 ? 82  PRO A N    1 
ATOM   347  C  CA   . PRO A 1 55  ? 4.633   9.271   4.743   1.00 12.33 ? 82  PRO A CA   1 
ATOM   348  C  C    . PRO A 1 55  ? 4.533   7.850   4.129   1.00 12.48 ? 82  PRO A C    1 
ATOM   349  O  O    . PRO A 1 55  ? 5.324   6.979   4.497   1.00 13.30 ? 82  PRO A O    1 
ATOM   350  C  CB   . PRO A 1 55  ? 4.008   9.267   6.146   1.00 12.63 ? 82  PRO A CB   1 
ATOM   351  C  CG   . PRO A 1 55  ? 3.063   10.436  6.186   1.00 13.06 ? 82  PRO A CG   1 
ATOM   352  C  CD   . PRO A 1 55  ? 2.638   10.650  4.767   1.00 12.95 ? 82  PRO A CD   1 
ATOM   353  N  N    . PHE A 1 56  ? 3.582   7.653   3.226   1.00 12.11 ? 83  PHE A N    1 
ATOM   354  C  CA   . PHE A 1 56  ? 3.219   6.335   2.697   1.00 13.13 ? 83  PHE A CA   1 
ATOM   355  C  C    . PHE A 1 56  ? 3.591   6.158   1.223   1.00 13.29 ? 83  PHE A C    1 
ATOM   356  O  O    . PHE A 1 56  ? 3.255   5.121   0.622   1.00 12.93 ? 83  PHE A O    1 
ATOM   357  C  CB   . PHE A 1 56  ? 1.713   6.141   2.875   1.00 13.64 ? 83  PHE A CB   1 
ATOM   358  C  CG   . PHE A 1 56  ? 1.241   6.331   4.289   1.00 13.44 ? 83  PHE A CG   1 
ATOM   359  C  CD1  . PHE A 1 56  ? 1.511   5.387   5.261   1.00 15.03 ? 83  PHE A CD1  1 
ATOM   360  C  CD2  . PHE A 1 56  ? 0.535   7.463   4.649   1.00 14.12 ? 83  PHE A CD2  1 
ATOM   361  C  CE1  . PHE A 1 56  ? 1.082   5.572   6.574   1.00 14.30 ? 83  PHE A CE1  1 
ATOM   362  C  CE2  . PHE A 1 56  ? 0.097   7.647   5.940   1.00 13.87 ? 83  PHE A CE2  1 
ATOM   363  C  CZ   . PHE A 1 56  ? 0.386   6.724   6.902   1.00 14.47 ? 83  PHE A CZ   1 
ATOM   364  N  N    . GLN A 1 57  ? 4.286   7.142   0.636   1.00 11.59 ? 84  GLN A N    1 
ATOM   365  C  CA   . GLN A 1 57  ? 4.607   7.111   -0.798  1.00 12.56 ? 84  GLN A CA   1 
ATOM   366  C  C    . GLN A 1 57  ? 5.893   6.340   -1.099  1.00 12.05 ? 84  GLN A C    1 
ATOM   367  O  O    . GLN A 1 57  ? 6.264   6.232   -2.226  1.00 12.44 ? 84  GLN A O    1 
ATOM   368  C  CB   . GLN A 1 57  ? 4.687   8.529   -1.372  1.00 13.55 ? 84  GLN A CB   1 
ATOM   369  C  CG   . GLN A 1 57  ? 3.343   9.184   -1.560  1.00 14.40 ? 84  GLN A CG   1 
ATOM   370  C  CD   . GLN A 1 57  ? 3.457   10.648  -1.988  1.00 16.41 ? 84  GLN A CD   1 
ATOM   371  O  OE1  . GLN A 1 57  ? 4.367   11.336  -1.583  1.00 17.55 ? 84  GLN A OE1  1 
ATOM   372  N  NE2  . GLN A 1 57  ? 2.499   11.117  -2.765  1.00 17.50 ? 84  GLN A NE2  1 
ATOM   373  N  N    . GLN A 1 58  ? 6.543   5.782   -0.086  1.00 12.59 ? 85  GLN A N    1 
ATOM   374  C  CA   . GLN A 1 58  ? 7.763   5.030   -0.259  1.00 13.52 ? 85  GLN A CA   1 
ATOM   375  C  C    . GLN A 1 58  ? 7.967   4.122   0.919   1.00 13.35 ? 85  GLN A C    1 
ATOM   376  O  O    . GLN A 1 58  ? 7.420   4.386   1.993   1.00 12.70 ? 85  GLN A O    1 
ATOM   377  C  CB   . GLN A 1 58  ? 8.968   5.995   -0.350  1.00 14.27 ? 85  GLN A CB   1 
ATOM   378  C  CG   . GLN A 1 58  ? 9.152   6.897   0.865   1.00 14.50 ? 85  GLN A CG   1 
ATOM   379  C  CD   . GLN A 1 58  ? 8.175   8.061   0.883   1.00 16.30 ? 85  GLN A CD   1 
ATOM   380  O  OE1  . GLN A 1 58  ? 7.935   8.710   -0.138  1.00 17.01 ? 85  GLN A OE1  1 
ATOM   381  N  NE2  . GLN A 1 58  ? 7.546   8.276   2.029   1.00 15.97 ? 85  GLN A NE2  1 
ATOM   382  N  N    . PRO A 1 59  ? 8.826   3.103   0.763   1.00 13.45 ? 86  PRO A N    1 
ATOM   383  C  CA   . PRO A 1 59  ? 9.169   2.263   1.908   1.00 13.07 ? 86  PRO A CA   1 
ATOM   384  C  C    . PRO A 1 59  ? 9.711   3.086   3.085   1.00 13.51 ? 86  PRO A C    1 
ATOM   385  O  O    . PRO A 1 59  ? 10.430  4.083   2.874   1.00 13.79 ? 86  PRO A O    1 
ATOM   386  C  CB   . PRO A 1 59  ? 10.270  1.358   1.330   1.00 13.87 ? 86  PRO A CB   1 
ATOM   387  C  CG   . PRO A 1 59  ? 9.925   1.247   -0.119  1.00 13.76 ? 86  PRO A CG   1 
ATOM   388  C  CD   . PRO A 1 59  ? 9.464   2.623   -0.484  1.00 14.47 ? 86  PRO A CD   1 
ATOM   389  N  N    . VAL A 1 60  ? 9.350   2.700   4.300   1.00 12.57 ? 87  VAL A N    1 
ATOM   390  C  CA   . VAL A 1 60  ? 9.898   3.314   5.510   1.00 13.43 ? 87  VAL A CA   1 
ATOM   391  C  C    . VAL A 1 60  ? 11.421  3.221   5.504   1.00 13.53 ? 87  VAL A C    1 
ATOM   392  O  O    . VAL A 1 60  ? 11.994  2.148   5.385   1.00 12.93 ? 87  VAL A O    1 
ATOM   393  C  CB   . VAL A 1 60  ? 9.307   2.684   6.788   1.00 14.43 ? 87  VAL A CB   1 
ATOM   394  C  CG1  . VAL A 1 60  ? 10.067  3.146   8.035   1.00 15.13 ? 87  VAL A CG1  1 
ATOM   395  C  CG2  . VAL A 1 60  ? 7.814   2.990   6.852   1.00 15.47 ? 87  VAL A CG2  1 
ATOM   396  N  N    . ASP A 1 61  ? 12.075  4.382   5.534   1.00 14.58 ? 88  ASP A N    1 
ATOM   397  C  CA   . ASP A 1 61  ? 13.516  4.451   5.615   1.00 14.62 ? 88  ASP A CA   1 
ATOM   398  C  C    . ASP A 1 61  ? 13.857  4.629   7.085   1.00 15.17 ? 88  ASP A C    1 
ATOM   399  O  O    . ASP A 1 61  ? 13.828  5.752   7.625   1.00 15.21 ? 88  ASP A O    1 
ATOM   400  C  CB   . ASP A 1 61  ? 14.027  5.626   4.791   1.00 16.53 ? 88  ASP A CB   1 
ATOM   401  C  CG   . ASP A 1 61  ? 15.529  5.685   4.733   1.00 17.30 ? 88  ASP A CG   1 
ATOM   402  O  OD1  . ASP A 1 61  ? 16.221  5.205   5.639   1.00 16.05 ? 88  ASP A OD1  1 
ATOM   403  O  OD2  . ASP A 1 61  ? 16.022  6.246   3.747   1.00 22.11 ? 88  ASP A OD2  1 
ATOM   404  N  N    . ALA A 1 62  ? 14.112  3.504   7.749   1.00 14.94 ? 89  ALA A N    1 
ATOM   405  C  CA   . ALA A 1 62  ? 14.364  3.496   9.192   1.00 16.00 ? 89  ALA A CA   1 
ATOM   406  C  C    . ALA A 1 62  ? 15.645  4.236   9.603   1.00 17.42 ? 89  ALA A C    1 
ATOM   407  O  O    . ALA A 1 62  ? 15.749  4.695   10.725  1.00 16.70 ? 89  ALA A O    1 
ATOM   408  C  CB   . ALA A 1 62  ? 14.339  2.082   9.738   1.00 15.48 ? 89  ALA A CB   1 
ATOM   409  N  N    . VAL A 1 63  ? 16.591  4.362   8.682   1.00 18.96 ? 90  VAL A N    1 
ATOM   410  C  CA   . VAL A 1 63  ? 17.823  5.123   8.921   1.00 20.87 ? 90  VAL A CA   1 
ATOM   411  C  C    . VAL A 1 63  ? 17.540  6.606   8.911   1.00 20.76 ? 90  VAL A C    1 
ATOM   412  O  O    . VAL A 1 63  ? 17.764  7.296   9.902   1.00 21.08 ? 90  VAL A O    1 
ATOM   413  C  CB   . VAL A 1 63  ? 18.890  4.787   7.861   1.00 21.74 ? 90  VAL A CB   1 
ATOM   414  C  CG1  . VAL A 1 63  ? 20.132  5.667   8.053   1.00 23.26 ? 90  VAL A CG1  1 
ATOM   415  C  CG2  . VAL A 1 63  ? 19.212  3.296   7.927   1.00 22.78 ? 90  VAL A CG2  1 
ATOM   416  N  N    . LYS A 1 64  ? 17.014  7.102   7.801   1.00 20.79 ? 91  LYS A N    1 
ATOM   417  C  CA   . LYS A 1 64  ? 16.768  8.533   7.665   1.00 22.37 ? 91  LYS A CA   1 
ATOM   418  C  C    . LYS A 1 64  ? 15.695  9.065   8.595   1.00 20.59 ? 91  LYS A C    1 
ATOM   419  O  O    . LYS A 1 64  ? 15.824  10.196  9.065   1.00 18.99 ? 91  LYS A O    1 
ATOM   420  C  CB   . LYS A 1 64  ? 16.459  8.911   6.226   1.00 25.70 ? 91  LYS A CB   1 
ATOM   421  C  CG   . LYS A 1 64  ? 17.699  8.874   5.335   1.00 30.94 ? 91  LYS A CG   1 
ATOM   422  C  CD   . LYS A 1 64  ? 17.594  9.773   4.106   1.00 36.30 ? 91  LYS A CD   1 
ATOM   423  C  CE   . LYS A 1 64  ? 16.327  9.546   3.297   1.00 39.18 ? 91  LYS A CE   1 
ATOM   424  N  NZ   . LYS A 1 64  ? 15.095  10.230  3.797   1.00 42.46 ? 91  LYS A NZ   1 
ATOM   425  N  N    . LEU A 1 65  ? 14.690  8.236   8.925   1.00 17.50 ? 92  LEU A N    1 
ATOM   426  C  CA   . LEU A 1 65  ? 13.641  8.651   9.851   1.00 16.27 ? 92  LEU A CA   1 
ATOM   427  C  C    . LEU A 1 65  ? 13.949  8.351   11.312  1.00 15.82 ? 92  LEU A C    1 
ATOM   428  O  O    . LEU A 1 65  ? 13.134  8.660   12.172  1.00 14.92 ? 92  LEU A O    1 
ATOM   429  C  CB   . LEU A 1 65  ? 12.307  8.017   9.478   1.00 16.27 ? 92  LEU A CB   1 
ATOM   430  C  CG   . LEU A 1 65  ? 11.733  8.309   8.095   1.00 16.19 ? 92  LEU A CG   1 
ATOM   431  C  CD1  . LEU A 1 65  ? 10.458  7.509   7.924   1.00 16.37 ? 92  LEU A CD1  1 
ATOM   432  C  CD2  . LEU A 1 65  ? 11.460  9.792   7.938   1.00 16.42 ? 92  LEU A CD2  1 
ATOM   433  N  N    . ASN A 1 66  ? 15.117  7.763   11.583  1.00 15.32 ? 93  ASN A N    1 
ATOM   434  C  CA   . ASN A 1 66  ? 15.535  7.407   12.911  1.00 16.81 ? 93  ASN A CA   1 
ATOM   435  C  C    . ASN A 1 66  ? 14.506  6.528   13.662  1.00 15.18 ? 93  ASN A C    1 
ATOM   436  O  O    . ASN A 1 66  ? 14.080  6.843   14.772  1.00 13.36 ? 93  ASN A O    1 
ATOM   437  C  CB   . ASN A 1 66  ? 15.910  8.657   13.709  1.00 21.00 ? 93  ASN A CB   1 
ATOM   438  C  CG   . ASN A 1 66  ? 16.637  8.322   15.003  1.00 24.32 ? 93  ASN A CG   1 
ATOM   439  O  OD1  . ASN A 1 66  ? 17.412  7.360   15.071  1.00 27.44 ? 93  ASN A OD1  1 
ATOM   440  N  ND2  . ASN A 1 66  ? 16.382  9.106   16.039  1.00 27.72 ? 93  ASN A ND2  1 
ATOM   441  N  N    . LEU A 1 67  ? 14.135  5.418   13.023  1.00 13.16 ? 94  LEU A N    1 
ATOM   442  C  CA   . LEU A 1 67  ? 13.205  4.448   13.576  1.00 13.45 ? 94  LEU A CA   1 
ATOM   443  C  C    . LEU A 1 67  ? 13.871  3.074   13.691  1.00 14.68 ? 94  LEU A C    1 
ATOM   444  O  O    . LEU A 1 67  ? 13.514  2.128   12.968  1.00 13.12 ? 94  LEU A O    1 
ATOM   445  C  CB   . LEU A 1 67  ? 11.947  4.359   12.713  1.00 13.20 ? 94  LEU A CB   1 
ATOM   446  C  CG   . LEU A 1 67  ? 11.246  5.687   12.387  1.00 12.91 ? 94  LEU A CG   1 
ATOM   447  C  CD1  . LEU A 1 67  ? 10.084  5.412   11.446  1.00 12.42 ? 94  LEU A CD1  1 
ATOM   448  C  CD2  . LEU A 1 67  ? 10.734  6.389   13.627  1.00 13.85 ? 94  LEU A CD2  1 
ATOM   449  N  N    . PRO A 1 68  ? 14.854  2.942   14.600  1.00 15.11 ? 95  PRO A N    1 
ATOM   450  C  CA   . PRO A 1 68  ? 15.657  1.733   14.626  1.00 15.58 ? 95  PRO A CA   1 
ATOM   451  C  C    . PRO A 1 68  ? 14.876  0.476   15.023  1.00 14.90 ? 95  PRO A C    1 
ATOM   452  O  O    . PRO A 1 68  ? 15.307  -0.629  14.706  1.00 15.22 ? 95  PRO A O    1 
ATOM   453  C  CB   . PRO A 1 68  ? 16.777  2.075   15.633  1.00 17.10 ? 95  PRO A CB   1 
ATOM   454  C  CG   . PRO A 1 68  ? 16.200  3.078   16.502  1.00 17.54 ? 95  PRO A CG   1 
ATOM   455  C  CD   . PRO A 1 68  ? 15.281  3.899   15.627  1.00 17.28 ? 95  PRO A CD   1 
ATOM   456  N  N    . ASP A 1 69  ? 13.698  0.654   15.633  1.00 14.19 ? 96  ASP A N    1 
ATOM   457  C  CA   . ASP A 1 69  ? 12.795  -0.451  15.955  1.00 14.87 ? 96  ASP A CA   1 
ATOM   458  C  C    . ASP A 1 69  ? 11.742  -0.805  14.878  1.00 14.03 ? 96  ASP A C    1 
ATOM   459  O  O    . ASP A 1 69  ? 11.043  -1.820  15.014  1.00 13.90 ? 96  ASP A O    1 
ATOM   460  C  CB   . ASP A 1 69  ? 12.098  -0.195  17.287  1.00 15.72 ? 96  ASP A CB   1 
ATOM   461  C  CG   . ASP A 1 69  ? 11.279  1.069   17.308  1.00 17.59 ? 96  ASP A CG   1 
ATOM   462  O  OD1  . ASP A 1 69  ? 11.451  1.972   16.453  1.00 17.64 ? 96  ASP A OD1  1 
ATOM   463  O  OD2  . ASP A 1 69  ? 10.453  1.181   18.225  1.00 21.72 ? 96  ASP A OD2  1 
ATOM   464  N  N    . TYR A 1 70  ? 11.656  -0.026  13.801  1.00 13.04 ? 97  TYR A N    1 
ATOM   465  C  CA   . TYR A 1 70  ? 10.540  -0.193  12.864  1.00 11.93 ? 97  TYR A CA   1 
ATOM   466  C  C    . TYR A 1 70  ? 10.498  -1.624  12.312  1.00 12.12 ? 97  TYR A C    1 
ATOM   467  O  O    . TYR A 1 70  ? 9.469   -2.292  12.372  1.00 10.90 ? 97  TYR A O    1 
ATOM   468  C  CB   . TYR A 1 70  ? 10.622  0.792   11.676  1.00 12.53 ? 97  TYR A CB   1 
ATOM   469  C  CG   . TYR A 1 70  ? 9.367   0.704   10.852  1.00 11.60 ? 97  TYR A CG   1 
ATOM   470  C  CD1  . TYR A 1 70  ? 8.203   1.358   11.250  1.00 11.82 ? 97  TYR A CD1  1 
ATOM   471  C  CD2  . TYR A 1 70  ? 9.303   -0.101  9.712   1.00 11.83 ? 97  TYR A CD2  1 
ATOM   472  C  CE1  . TYR A 1 70  ? 7.029   1.230   10.529  1.00 12.23 ? 97  TYR A CE1  1 
ATOM   473  C  CE2  . TYR A 1 70  ? 8.143   -0.215  8.978   1.00 11.85 ? 97  TYR A CE2  1 
ATOM   474  C  CZ   . TYR A 1 70  ? 6.996   0.431   9.380   1.00 12.30 ? 97  TYR A CZ   1 
ATOM   475  O  OH   . TYR A 1 70  ? 5.809   0.315   8.679   1.00 12.45 ? 97  TYR A OH   1 
ATOM   476  N  N    . TYR A 1 71  ? 11.624  -2.079  11.763  1.00 11.92 ? 98  TYR A N    1 
ATOM   477  C  CA   . TYR A 1 71  ? 11.674  -3.402  11.137  1.00 12.36 ? 98  TYR A CA   1 
ATOM   478  C  C    . TYR A 1 71  ? 11.942  -4.527  12.145  1.00 12.97 ? 98  TYR A C    1 
ATOM   479  O  O    . TYR A 1 71  ? 11.863  -5.716  11.777  1.00 12.75 ? 98  TYR A O    1 
ATOM   480  C  CB   . TYR A 1 71  ? 12.703  -3.416  10.000  1.00 12.89 ? 98  TYR A CB   1 
ATOM   481  C  CG   . TYR A 1 71  ? 12.245  -2.560  8.818   1.00 11.94 ? 98  TYR A CG   1 
ATOM   482  C  CD1  . TYR A 1 71  ? 11.145  -2.933  8.058   1.00 12.63 ? 98  TYR A CD1  1 
ATOM   483  C  CD2  . TYR A 1 71  ? 12.894  -1.378  8.499   1.00 13.03 ? 98  TYR A CD2  1 
ATOM   484  C  CE1  . TYR A 1 71  ? 10.710  -2.171  6.977   1.00 12.69 ? 98  TYR A CE1  1 
ATOM   485  C  CE2  . TYR A 1 71  ? 12.471  -0.600  7.416   1.00 12.12 ? 98  TYR A CE2  1 
ATOM   486  C  CZ   . TYR A 1 71  ? 11.377  -1.014  6.653   1.00 13.01 ? 98  TYR A CZ   1 
ATOM   487  O  OH   . TYR A 1 71  ? 10.943  -0.249  5.582   1.00 12.03 ? 98  TYR A OH   1 
ATOM   488  N  N    . LYS A 1 72  ? 12.202  -4.164  13.407  1.00 12.73 ? 99  LYS A N    1 
ATOM   489  C  CA   . LYS A 1 72  ? 12.048  -5.140  14.511  1.00 13.31 ? 99  LYS A CA   1 
ATOM   490  C  C    . LYS A 1 72  ? 10.594  -5.535  14.771  1.00 13.99 ? 99  LYS A C    1 
ATOM   491  O  O    . LYS A 1 72  ? 10.274  -6.695  15.070  1.00 13.44 ? 99  LYS A O    1 
ATOM   492  C  CB   . LYS A 1 72  ? 12.691  -4.617  15.808  1.00 14.31 ? 99  LYS A CB   1 
ATOM   493  C  CG   . LYS A 1 72  ? 14.174  -4.295  15.695  1.00 15.05 ? 99  LYS A CG   1 
ATOM   494  C  CD   . LYS A 1 72  ? 14.765  -3.818  17.002  1.00 15.93 ? 99  LYS A CD   1 
ATOM   495  C  CE   . LYS A 1 72  ? 16.204  -3.337  16.834  1.00 16.01 ? 99  LYS A CE   1 
ATOM   496  N  NZ   . LYS A 1 72  ? 16.902  -3.164  18.136  1.00 17.23 ? 99  LYS A NZ   1 
ATOM   497  N  N    . ILE A 1 73  ? 9.696   -4.560  14.659  1.00 13.65 ? 100 ILE A N    1 
ATOM   498  C  CA   . ILE A 1 73  ? 8.256   -4.765  14.851  1.00 14.07 ? 100 ILE A CA   1 
ATOM   499  C  C    . ILE A 1 73  ? 7.526   -5.193  13.566  1.00 14.35 ? 100 ILE A C    1 
ATOM   500  O  O    . ILE A 1 73  ? 6.675   -6.056  13.618  1.00 14.79 ? 100 ILE A O    1 
ATOM   501  C  CB   . ILE A 1 73  ? 7.640   -3.474  15.447  1.00 14.71 ? 100 ILE A CB   1 
ATOM   502  C  CG1  . ILE A 1 73  ? 8.236   -3.280  16.865  1.00 15.72 ? 100 ILE A CG1  1 
ATOM   503  C  CG2  . ILE A 1 73  ? 6.117   -3.531  15.514  1.00 15.03 ? 100 ILE A CG2  1 
ATOM   504  C  CD1  . ILE A 1 73  ? 8.098   -1.883  17.373  1.00 17.36 ? 100 ILE A CD1  1 
ATOM   505  N  N    . ILE A 1 74  ? 7.862   -4.587  12.437  1.00 12.93 ? 101 ILE A N    1 
ATOM   506  C  CA   . ILE A 1 74  ? 7.142   -4.774  11.204  1.00 12.80 ? 101 ILE A CA   1 
ATOM   507  C  C    . ILE A 1 74  ? 7.946   -5.675  10.272  1.00 12.47 ? 101 ILE A C    1 
ATOM   508  O  O    . ILE A 1 74  ? 8.966   -5.263  9.736   1.00 12.45 ? 101 ILE A O    1 
ATOM   509  C  CB   . ILE A 1 74  ? 6.873   -3.423  10.513  1.00 12.78 ? 101 ILE A CB   1 
ATOM   510  C  CG1  . ILE A 1 74  ? 6.006   -2.490  11.390  1.00 12.73 ? 101 ILE A CG1  1 
ATOM   511  C  CG2  . ILE A 1 74  ? 6.209   -3.642  9.139   1.00 12.85 ? 101 ILE A CG2  1 
ATOM   512  C  CD1  . ILE A 1 74  ? 4.639   -3.043  11.764  1.00 12.70 ? 101 ILE A CD1  1 
ATOM   513  N  N    . LYS A 1 75  ? 7.448   -6.886  10.054  1.00 12.41 ? 102 LYS A N    1 
ATOM   514  C  CA   . LYS A 1 75  ? 8.148   -7.877  9.223   1.00 12.94 ? 102 LYS A CA   1 
ATOM   515  C  C    . LYS A 1 75  ? 7.537   -8.037  7.838   1.00 14.37 ? 102 LYS A C    1 
ATOM   516  O  O    . LYS A 1 75  ? 8.115   -8.740  7.018   1.00 13.50 ? 102 LYS A O    1 
ATOM   517  C  CB   . LYS A 1 75  ? 8.106   -9.249  9.923   1.00 13.85 ? 102 LYS A CB   1 
ATOM   518  C  CG   . LYS A 1 75  ? 8.753   -9.259  11.281  1.00 14.87 ? 102 LYS A CG   1 
ATOM   519  C  CD   . LYS A 1 75  ? 10.149  -8.676  11.270  1.00 14.79 ? 102 LYS A CD   1 
ATOM   520  C  CE   . LYS A 1 75  ? 10.810  -8.890  12.629  1.00 15.16 ? 102 LYS A CE   1 
ATOM   521  N  NZ   . LYS A 1 75  ? 12.189  -8.352  12.663  1.00 14.35 ? 102 LYS A NZ   1 
ATOM   522  N  N    . THR A 1 76  ? 6.372   -7.402  7.591   1.00 13.56 ? 103 THR A N    1 
ATOM   523  C  CA   . THR A 1 76  ? 5.718   -7.410  6.281   1.00 14.53 ? 103 THR A CA   1 
ATOM   524  C  C    . THR A 1 76  ? 5.439   -5.965  5.865   1.00 13.78 ? 103 THR A C    1 
ATOM   525  O  O    . THR A 1 76  ? 4.289   -5.535  5.819   1.00 11.72 ? 103 THR A O    1 
ATOM   526  C  CB   . THR A 1 76  ? 4.420   -8.281  6.277   1.00 16.65 ? 103 THR A CB   1 
ATOM   527  O  OG1  . THR A 1 76  ? 4.722   -9.567  6.842   1.00 18.88 ? 103 THR A OG1  1 
ATOM   528  C  CG2  . THR A 1 76  ? 3.944   -8.514  4.875   1.00 19.02 ? 103 THR A CG2  1 
ATOM   529  N  N    . PRO A 1 77  ? 6.505   -5.208  5.539   1.00 12.99 ? 104 PRO A N    1 
ATOM   530  C  CA   . PRO A 1 77  ? 6.338   -3.802  5.190   1.00 13.37 ? 104 PRO A CA   1 
ATOM   531  C  C    . PRO A 1 77  ? 5.604   -3.627  3.864   1.00 12.22 ? 104 PRO A C    1 
ATOM   532  O  O    . PRO A 1 77  ? 5.630   -4.510  2.990   1.00 10.68 ? 104 PRO A O    1 
ATOM   533  C  CB   . PRO A 1 77  ? 7.773   -3.270  5.073   1.00 14.36 ? 104 PRO A CB   1 
ATOM   534  C  CG   . PRO A 1 77  ? 8.614   -4.460  4.887   1.00 14.87 ? 104 PRO A CG   1 
ATOM   535  C  CD   . PRO A 1 77  ? 7.929   -5.594  5.560   1.00 14.64 ? 104 PRO A CD   1 
ATOM   536  N  N    . MET A 1 78  ? 4.896   -2.516  3.755   1.00 11.32 ? 105 MET A N    1 
ATOM   537  C  CA   . MET A 1 78  ? 4.198   -2.196  2.503   1.00 11.67 ? 105 MET A CA   1 
ATOM   538  C  C    . MET A 1 78  ? 3.966   -0.706  2.448   1.00 11.79 ? 105 MET A C    1 
ATOM   539  O  O    . MET A 1 78  ? 3.841   -0.048  3.480   1.00 11.26 ? 105 MET A O    1 
ATOM   540  C  CB   . MET A 1 78  ? 2.857   -2.968  2.385   1.00 11.48 ? 105 MET A CB   1 
ATOM   541  C  CG   . MET A 1 78  ? 2.193   -2.887  1.002   1.00 11.90 ? 105 MET A CG   1 
ATOM   542  S  SD   . MET A 1 78  ? 3.241   -3.201  -0.444  1.00 12.36 ? 105 MET A SD   1 
ATOM   543  C  CE   . MET A 1 78  ? 3.964   -4.804  -0.097  1.00 12.19 ? 105 MET A CE   1 
ATOM   544  N  N    . ASP A 1 79  ? 3.941   -0.165  1.228   1.00 11.91 ? 106 ASP A N    1 
ATOM   545  C  CA   . ASP A 1 79  ? 3.816   1.264   1.030   1.00 11.56 ? 106 ASP A CA   1 
ATOM   546  C  C    . ASP A 1 79  ? 3.169   1.496   -0.325  1.00 11.58 ? 106 ASP A C    1 
ATOM   547  O  O    . ASP A 1 79  ? 3.130   0.607   -1.179  1.00 9.85  ? 106 ASP A O    1 
ATOM   548  C  CB   . ASP A 1 79  ? 5.189   1.940   1.081   1.00 12.32 ? 106 ASP A CB   1 
ATOM   549  C  CG   . ASP A 1 79  ? 6.061   1.499   -0.026  1.00 12.97 ? 106 ASP A CG   1 
ATOM   550  O  OD1  . ASP A 1 79  ? 6.676   0.417   0.107   1.00 13.16 ? 106 ASP A OD1  1 
ATOM   551  O  OD2  . ASP A 1 79  ? 6.098   2.189   -1.076  1.00 12.72 ? 106 ASP A OD2  1 
ATOM   552  N  N    . MET A 1 80  ? 2.671   2.710   -0.540  1.00 11.28 ? 107 MET A N    1 
ATOM   553  C  CA   . MET A 1 80  ? 2.012   3.010   -1.810  1.00 12.41 ? 107 MET A CA   1 
ATOM   554  C  C    . MET A 1 80  ? 2.935   3.102   -3.010  1.00 11.56 ? 107 MET A C    1 
ATOM   555  O  O    . MET A 1 80  ? 2.467   2.923   -4.140  1.00 11.47 ? 107 MET A O    1 
ATOM   556  C  CB   . MET A 1 80  ? 1.160   4.293   -1.711  1.00 13.29 ? 107 MET A CB   1 
ATOM   557  C  CG   . MET A 1 80  ? -0.030  4.131   -0.821  1.00 14.57 ? 107 MET A CG   1 
ATOM   558  S  SD   . MET A 1 80  ? -1.316  5.388   -1.137  1.00 16.39 ? 107 MET A SD   1 
ATOM   559  C  CE   . MET A 1 80  ? -0.369  6.806   -0.638  1.00 15.95 ? 107 MET A CE   1 
ATOM   560  N  N    . GLY A 1 81  ? 4.214   3.423   -2.812  1.00 11.95 ? 108 GLY A N    1 
ATOM   561  C  CA   . GLY A 1 81  ? 5.180   3.411   -3.907  1.00 12.83 ? 108 GLY A CA   1 
ATOM   562  C  C    . GLY A 1 81  ? 5.331   2.014   -4.507  1.00 13.24 ? 108 GLY A C    1 
ATOM   563  O  O    . GLY A 1 81  ? 5.300   1.817   -5.731  1.00 13.31 ? 108 GLY A O    1 
ATOM   564  N  N    . THR A 1 82  ? 5.479   1.047   -3.622  1.00 11.86 ? 109 THR A N    1 
ATOM   565  C  CA   . THR A 1 82  ? 5.500   -0.374  -3.997  1.00 11.82 ? 109 THR A CA   1 
ATOM   566  C  C    . THR A 1 82  ? 4.195   -0.791  -4.680  1.00 11.47 ? 109 THR A C    1 
ATOM   567  O  O    . THR A 1 82  ? 4.235   -1.419  -5.733  1.00 12.19 ? 109 THR A O    1 
ATOM   568  C  CB   . THR A 1 82  ? 5.755   -1.213  -2.738  1.00 11.53 ? 109 THR A CB   1 
ATOM   569  O  OG1  . THR A 1 82  ? 7.026   -0.859  -2.248  1.00 11.54 ? 109 THR A OG1  1 
ATOM   570  C  CG2  . THR A 1 82  ? 5.754   -2.722  -3.027  1.00 11.50 ? 109 THR A CG2  1 
ATOM   571  N  N    . ILE A 1 83  ? 3.047   -0.435  -4.105  1.00 11.77 ? 110 ILE A N    1 
ATOM   572  C  CA   . ILE A 1 83  ? 1.770   -0.775  -4.710  1.00 12.25 ? 110 ILE A CA   1 
ATOM   573  C  C    . ILE A 1 83  ? 1.640   -0.165  -6.124  1.00 12.53 ? 110 ILE A C    1 
ATOM   574  O  O    . ILE A 1 83  ? 1.203   -0.819  -7.083  1.00 10.80 ? 110 ILE A O    1 
ATOM   575  C  CB   . ILE A 1 83  ? 0.572   -0.389  -3.794  1.00 13.07 ? 110 ILE A CB   1 
ATOM   576  C  CG1  . ILE A 1 83  ? 0.603   -1.187  -2.488  1.00 12.91 ? 110 ILE A CG1  1 
ATOM   577  C  CG2  . ILE A 1 83  ? -0.749  -0.639  -4.505  1.00 13.43 ? 110 ILE A CG2  1 
ATOM   578  C  CD1  . ILE A 1 83  ? -0.324  -0.633  -1.424  1.00 13.05 ? 110 ILE A CD1  1 
ATOM   579  N  N    . LYS A 1 84  ? 2.026   1.108   -6.257  1.00 13.16 ? 111 LYS A N    1 
ATOM   580  C  CA   . LYS A 1 84  ? 1.941   1.792   -7.556  1.00 14.53 ? 111 LYS A CA   1 
ATOM   581  C  C    . LYS A 1 84  ? 2.747   1.059   -8.644  1.00 14.07 ? 111 LYS A C    1 
ATOM   582  O  O    . LYS A 1 84  ? 2.254   0.812   -9.757  1.00 14.62 ? 111 LYS A O    1 
ATOM   583  C  CB   . LYS A 1 84  ? 2.449   3.226   -7.389  1.00 15.67 ? 111 LYS A CB   1 
ATOM   584  C  CG   . LYS A 1 84  ? 2.481   4.022   -8.683  1.00 18.15 ? 111 LYS A CG   1 
ATOM   585  C  CD   . LYS A 1 84  ? 2.643   5.514   -8.387  1.00 21.22 ? 111 LYS A CD   1 
ATOM   586  C  CE   . LYS A 1 84  ? 2.493   6.344   -9.659  1.00 22.90 ? 111 LYS A CE   1 
ATOM   587  N  NZ   . LYS A 1 84  ? 3.767   6.247   -10.394 1.00 23.95 ? 111 LYS A NZ   1 
ATOM   588  N  N    . LYS A 1 85  ? 3.965   0.661   -8.285  1.00 14.94 ? 112 LYS A N    1 
ATOM   589  C  CA   . LYS A 1 85  ? 4.851   -0.054  -9.161  1.00 16.78 ? 112 LYS A CA   1 
ATOM   590  C  C    . LYS A 1 85  ? 4.323   -1.436  -9.510  1.00 15.56 ? 112 LYS A C    1 
ATOM   591  O  O    . LYS A 1 85  ? 4.388   -1.836  -10.669 1.00 14.60 ? 112 LYS A O    1 
ATOM   592  C  CB   . LYS A 1 85  ? 6.247   -0.190  -8.533  1.00 19.70 ? 112 LYS A CB   1 
ATOM   593  C  CG   . LYS A 1 85  ? 7.324   -0.612  -9.491  1.00 25.17 ? 112 LYS A CG   1 
ATOM   594  C  CD   . LYS A 1 85  ? 7.914   0.610   -10.176 1.00 31.48 ? 112 LYS A CD   1 
ATOM   595  C  CE   . LYS A 1 85  ? 8.156   0.396   -11.643 1.00 36.09 ? 112 LYS A CE   1 
ATOM   596  N  NZ   . LYS A 1 85  ? 9.378   -0.392  -11.933 1.00 39.08 ? 112 LYS A NZ   1 
ATOM   597  N  N    . ARG A 1 86  ? 3.828   -2.162  -8.503  1.00 14.22 ? 113 ARG A N    1 
ATOM   598  C  CA   . ARG A 1 86  ? 3.185   -3.449  -8.721  1.00 13.46 ? 113 ARG A CA   1 
ATOM   599  C  C    . ARG A 1 86  ? 1.997   -3.319  -9.680  1.00 14.01 ? 113 ARG A C    1 
ATOM   600  O  O    . ARG A 1 86  ? 1.878   -4.086  -10.604 1.00 14.26 ? 113 ARG A O    1 
ATOM   601  C  CB   . ARG A 1 86  ? 2.720   -4.046  -7.388  1.00 13.57 ? 113 ARG A CB   1 
ATOM   602  C  CG   . ARG A 1 86  ? 3.861   -4.565  -6.522  1.00 12.88 ? 113 ARG A CG   1 
ATOM   603  C  CD   . ARG A 1 86  ? 3.375   -5.080  -5.166  1.00 13.04 ? 113 ARG A CD   1 
ATOM   604  N  NE   . ARG A 1 86  ? 4.464   -5.771  -4.493  1.00 12.61 ? 113 ARG A NE   1 
ATOM   605  C  CZ   . ARG A 1 86  ? 4.361   -6.606  -3.460  1.00 13.32 ? 113 ARG A CZ   1 
ATOM   606  N  NH1  . ARG A 1 86  ? 3.191   -6.891  -2.913  1.00 13.25 ? 113 ARG A NH1  1 
ATOM   607  N  NH2  . ARG A 1 86  ? 5.467   -7.162  -2.973  1.00 13.48 ? 113 ARG A NH2  1 
ATOM   608  N  N    . LEU A 1 87  ? 1.116   -2.329  -9.479  1.00 14.04 ? 114 LEU A N    1 
ATOM   609  C  CA   . LEU A 1 87  ? 0.009   -2.124  -10.412 1.00 14.44 ? 114 LEU A CA   1 
ATOM   610  C  C    . LEU A 1 87  ? 0.493   -1.742  -11.818 1.00 15.56 ? 114 LEU A C    1 
ATOM   611  O  O    . LEU A 1 87  ? -0.029  -2.258  -12.809 1.00 15.18 ? 114 LEU A O    1 
ATOM   612  C  CB   . LEU A 1 87  ? -0.983  -1.078  -9.899  1.00 14.15 ? 114 LEU A CB   1 
ATOM   613  C  CG   . LEU A 1 87  ? -1.876  -1.440  -8.700  1.00 13.50 ? 114 LEU A CG   1 
ATOM   614  C  CD1  . LEU A 1 87  ? -2.432  -0.202  -8.011  1.00 14.14 ? 114 LEU A CD1  1 
ATOM   615  C  CD2  . LEU A 1 87  ? -2.991  -2.391  -9.093  1.00 13.87 ? 114 LEU A CD2  1 
ATOM   616  N  N    . GLU A 1 88  ? 1.486   -0.867  -11.913 1.00 15.75 ? 115 GLU A N    1 
ATOM   617  C  CA   . GLU A 1 88  ? 2.010   -0.479  -13.244 1.00 16.82 ? 115 GLU A CA   1 
ATOM   618  C  C    . GLU A 1 88  ? 2.630   -1.660  -13.985 1.00 17.28 ? 115 GLU A C    1 
ATOM   619  O  O    . GLU A 1 88  ? 2.539   -1.742  -15.212 1.00 18.45 ? 115 GLU A O    1 
ATOM   620  C  CB   . GLU A 1 88  ? 3.028   0.635   -13.131 1.00 17.82 ? 115 GLU A CB   1 
ATOM   621  C  CG   . GLU A 1 88  ? 2.432   1.964   -12.726 1.00 19.28 ? 115 GLU A CG   1 
ATOM   622  C  CD   . GLU A 1 88  ? 3.468   2.980   -12.248 1.00 21.15 ? 115 GLU A CD   1 
ATOM   623  O  OE1  . GLU A 1 88  ? 4.637   2.622   -12.017 1.00 22.03 ? 115 GLU A OE1  1 
ATOM   624  O  OE2  . GLU A 1 88  ? 3.078   4.146   -12.042 1.00 23.31 ? 115 GLU A OE2  1 
ATOM   625  N  N    . ASN A 1 89  ? 3.258   -2.568  -13.246 1.00 16.53 ? 116 ASN A N    1 
ATOM   626  C  CA   . ASN A 1 89  ? 3.833   -3.803  -13.802 1.00 17.86 ? 116 ASN A CA   1 
ATOM   627  C  C    . ASN A 1 89  ? 2.884   -5.007  -13.935 1.00 18.39 ? 116 ASN A C    1 
ATOM   628  O  O    . ASN A 1 89  ? 3.346   -6.108  -14.313 1.00 19.33 ? 116 ASN A O    1 
ATOM   629  C  CB   . ASN A 1 89  ? 5.009   -4.248  -12.931 1.00 19.44 ? 116 ASN A CB   1 
ATOM   630  C  CG   . ASN A 1 89  ? 6.249   -3.424  -13.116 1.00 21.48 ? 116 ASN A CG   1 
ATOM   631  O  OD1  . ASN A 1 89  ? 6.457   -2.791  -14.154 1.00 23.06 ? 116 ASN A OD1  1 
ATOM   632  N  ND2  . ASN A 1 89  ? 7.138   -3.494  -12.123 1.00 23.42 ? 116 ASN A ND2  1 
ATOM   633  N  N    . ASN A 1 90  ? 1.601   -4.824  -13.632 1.00 17.10 ? 117 ASN A N    1 
ATOM   634  C  CA   . ASN A 1 90  ? 0.638   -5.901  -13.596 1.00 18.24 ? 117 ASN A CA   1 
ATOM   635  C  C    . ASN A 1 90  ? 1.139   -7.082  -12.796 1.00 17.12 ? 117 ASN A C    1 
ATOM   636  O  O    . ASN A 1 90  ? 1.106   -8.214  -13.270 1.00 18.79 ? 117 ASN A O    1 
ATOM   637  C  CB   . ASN A 1 90  ? 0.234   -6.313  -15.033 1.00 18.70 ? 117 ASN A CB   1 
ATOM   638  C  CG   . ASN A 1 90  ? -0.316  -5.151  -15.812 1.00 20.90 ? 117 ASN A CG   1 
ATOM   639  O  OD1  . ASN A 1 90  ? -1.309  -4.538  -15.402 1.00 21.69 ? 117 ASN A OD1  1 
ATOM   640  N  ND2  . ASN A 1 90  ? 0.336   -4.801  -16.931 1.00 20.64 ? 117 ASN A ND2  1 
ATOM   641  N  N    . TYR A 1 91  ? 1.599   -6.801  -11.570 1.00 15.69 ? 118 TYR A N    1 
ATOM   642  C  CA   . TYR A 1 91  ? 2.132   -7.802  -10.646 1.00 14.36 ? 118 TYR A CA   1 
ATOM   643  C  C    . TYR A 1 91  ? 1.080   -8.751  -10.064 1.00 13.86 ? 118 TYR A C    1 
ATOM   644  O  O    . TYR A 1 91  ? 1.431   -9.848  -9.582  1.00 13.74 ? 118 TYR A O    1 
ATOM   645  C  CB   . TYR A 1 91  ? 2.835   -7.062  -9.490  1.00 14.48 ? 118 TYR A CB   1 
ATOM   646  C  CG   . TYR A 1 91  ? 3.386   -7.890  -8.349  1.00 14.47 ? 118 TYR A CG   1 
ATOM   647  C  CD1  . TYR A 1 91  ? 4.646   -8.460  -8.412  1.00 14.90 ? 118 TYR A CD1  1 
ATOM   648  C  CD2  . TYR A 1 91  ? 2.648   -8.087  -7.184  1.00 14.92 ? 118 TYR A CD2  1 
ATOM   649  C  CE1  . TYR A 1 91  ? 5.158   -9.201  -7.353  1.00 15.54 ? 118 TYR A CE1  1 
ATOM   650  C  CE2  . TYR A 1 91  ? 3.168   -8.778  -6.123  1.00 15.00 ? 118 TYR A CE2  1 
ATOM   651  C  CZ   . TYR A 1 91  ? 4.401   -9.356  -6.209  1.00 16.25 ? 118 TYR A CZ   1 
ATOM   652  O  OH   . TYR A 1 91  ? 4.912   -10.049 -5.139  1.00 17.59 ? 118 TYR A OH   1 
ATOM   653  N  N    . TYR A 1 92  ? -0.157  -8.273  -9.981  1.00 12.96 ? 119 TYR A N    1 
ATOM   654  C  CA   . TYR A 1 92  ? -1.210  -8.971  -9.255  1.00 13.06 ? 119 TYR A CA   1 
ATOM   655  C  C    . TYR A 1 92  ? -2.003  -9.921  -10.168 1.00 14.01 ? 119 TYR A C    1 
ATOM   656  O  O    . TYR A 1 92  ? -2.070  -9.712  -11.377 1.00 14.42 ? 119 TYR A O    1 
ATOM   657  C  CB   . TYR A 1 92  ? -2.150  -7.986  -8.657  1.00 12.99 ? 119 TYR A CB   1 
ATOM   658  C  CG   . TYR A 1 92  ? -1.531  -7.036  -7.644  1.00 12.84 ? 119 TYR A CG   1 
ATOM   659  C  CD1  . TYR A 1 92  ? -1.172  -7.470  -6.384  1.00 12.77 ? 119 TYR A CD1  1 
ATOM   660  C  CD2  . TYR A 1 92  ? -1.366  -5.705  -7.953  1.00 12.25 ? 119 TYR A CD2  1 
ATOM   661  C  CE1  . TYR A 1 92  ? -0.645  -6.591  -5.450  1.00 12.76 ? 119 TYR A CE1  1 
ATOM   662  C  CE2  . TYR A 1 92  ? -0.859  -4.809  -7.033  1.00 12.82 ? 119 TYR A CE2  1 
ATOM   663  C  CZ   . TYR A 1 92  ? -0.515  -5.247  -5.773  1.00 12.88 ? 119 TYR A CZ   1 
ATOM   664  O  OH   . TYR A 1 92  ? -0.035  -4.348  -4.867  1.00 12.94 ? 119 TYR A OH   1 
ATOM   665  N  N    . TRP A 1 93  ? -2.591  -10.947 -9.571  1.00 14.63 ? 120 TRP A N    1 
ATOM   666  C  CA   . TRP A 1 93  ? -3.559  -11.837 -10.285 1.00 15.37 ? 120 TRP A CA   1 
ATOM   667  C  C    . TRP A 1 93  ? -4.982  -11.289 -10.184 1.00 16.17 ? 120 TRP A C    1 
ATOM   668  O  O    . TRP A 1 93  ? -5.768  -11.371 -11.128 1.00 15.24 ? 120 TRP A O    1 
ATOM   669  C  CB   . TRP A 1 93  ? -3.508  -13.231 -9.707  1.00 15.59 ? 120 TRP A CB   1 
ATOM   670  C  CG   . TRP A 1 93  ? -4.363  -14.206 -10.416 1.00 15.88 ? 120 TRP A CG   1 
ATOM   671  C  CD1  . TRP A 1 93  ? -5.606  -14.633 -10.024 1.00 16.31 ? 120 TRP A CD1  1 
ATOM   672  C  CD2  . TRP A 1 93  ? -4.082  -14.872 -11.659 1.00 15.47 ? 120 TRP A CD2  1 
ATOM   673  N  NE1  . TRP A 1 93  ? -6.106  -15.538 -10.926 1.00 16.01 ? 120 TRP A NE1  1 
ATOM   674  C  CE2  . TRP A 1 93  ? -5.197  -15.708 -11.940 1.00 15.88 ? 120 TRP A CE2  1 
ATOM   675  C  CE3  . TRP A 1 93  ? -3.001  -14.857 -12.553 1.00 15.49 ? 120 TRP A CE3  1 
ATOM   676  C  CZ2  . TRP A 1 93  ? -5.263  -16.521 -13.083 1.00 16.02 ? 120 TRP A CZ2  1 
ATOM   677  C  CZ3  . TRP A 1 93  ? -3.066  -15.705 -13.696 1.00 15.77 ? 120 TRP A CZ3  1 
ATOM   678  C  CH2  . TRP A 1 93  ? -4.186  -16.508 -13.937 1.00 15.25 ? 120 TRP A CH2  1 
ATOM   679  N  N    . ASN A 1 94  ? -5.316  -10.694 -9.036  1.00 16.04 ? 121 ASN A N    1 
ATOM   680  C  CA   . ASN A 1 94  ? -6.641  -10.101 -8.865  1.00 16.75 ? 121 ASN A CA   1 
ATOM   681  C  C    . ASN A 1 94  ? -6.638  -8.880  -7.933  1.00 16.33 ? 121 ASN A C    1 
ATOM   682  O  O    . ASN A 1 94  ? -5.622  -8.558  -7.323  1.00 15.69 ? 121 ASN A O    1 
ATOM   683  C  CB   . ASN A 1 94  ? -7.668  -11.163 -8.442  1.00 17.51 ? 121 ASN A CB   1 
ATOM   684  C  CG   . ASN A 1 94  ? -7.358  -11.822 -7.123  1.00 19.15 ? 121 ASN A CG   1 
ATOM   685  O  OD1  . ASN A 1 94  ? -6.713  -11.247 -6.255  1.00 19.77 ? 121 ASN A OD1  1 
ATOM   686  N  ND2  . ASN A 1 94  ? -7.854  -13.025 -6.949  1.00 20.06 ? 121 ASN A ND2  1 
ATOM   687  N  N    . ALA A 1 95  ? -7.779  -8.202  -7.870  1.00 17.59 ? 122 ALA A N    1 
ATOM   688  C  CA   . ALA A 1 95  ? -7.930  -7.001  -7.027  1.00 17.37 ? 122 ALA A CA   1 
ATOM   689  C  C    . ALA A 1 95  ? -7.706  -7.292  -5.546  1.00 17.49 ? 122 ALA A C    1 
ATOM   690  O  O    . ALA A 1 95  ? -7.138  -6.435  -4.826  1.00 15.39 ? 122 ALA A O    1 
ATOM   691  C  CB   . ALA A 1 95  ? -9.308  -6.394  -7.237  1.00 18.85 ? 122 ALA A CB   1 
ATOM   692  N  N    . GLN A 1 96  ? -8.153  -8.466  -5.079  1.00 16.92 ? 123 GLN A N    1 
ATOM   693  C  CA   . GLN A 1 96  ? -7.997  -8.853  -3.668  1.00 19.83 ? 123 GLN A CA   1 
ATOM   694  C  C    . GLN A 1 96  ? -6.546  -8.833  -3.195  1.00 17.64 ? 123 GLN A C    1 
ATOM   695  O  O    . GLN A 1 96  ? -6.273  -8.399  -2.068  1.00 15.45 ? 123 GLN A O    1 
ATOM   696  C  CB   . GLN A 1 96  ? -8.643  -10.210 -3.350  1.00 24.10 ? 123 GLN A CB   1 
ATOM   697  C  CG   . GLN A 1 96  ? -8.773  -10.537 -1.865  1.00 29.61 ? 123 GLN A CG   1 
ATOM   698  C  CD   . GLN A 1 96  ? -9.441  -9.422  -1.028  1.00 36.42 ? 123 GLN A CD   1 
ATOM   699  O  OE1  . GLN A 1 96  ? -10.419 -8.765  -1.455  1.00 38.51 ? 123 GLN A OE1  1 
ATOM   700  N  NE2  . GLN A 1 96  ? -8.886  -9.181  0.160   1.00 39.08 ? 123 GLN A NE2  1 
ATOM   701  N  N    . GLU A 1 97  ? -5.623  -9.259  -4.068  1.00 15.93 ? 124 GLU A N    1 
ATOM   702  C  CA   . GLU A 1 97  ? -4.187  -9.224  -3.735  1.00 15.18 ? 124 GLU A CA   1 
ATOM   703  C  C    . GLU A 1 97  ? -3.717  -7.805  -3.534  1.00 13.81 ? 124 GLU A C    1 
ATOM   704  O  O    . GLU A 1 97  ? -2.953  -7.540  -2.592  1.00 13.43 ? 124 GLU A O    1 
ATOM   705  C  CB   . GLU A 1 97  ? -3.326  -9.889  -4.800  1.00 15.64 ? 124 GLU A CB   1 
ATOM   706  C  CG   . GLU A 1 97  ? -3.517  -11.379 -4.936  1.00 18.42 ? 124 GLU A CG   1 
ATOM   707  C  CD   . GLU A 1 97  ? -2.644  -12.023 -6.013  1.00 19.72 ? 124 GLU A CD   1 
ATOM   708  O  OE1  . GLU A 1 97  ? -1.976  -11.298 -6.790  1.00 18.91 ? 124 GLU A OE1  1 
ATOM   709  O  OE2  . GLU A 1 97  ? -2.622  -13.288 -6.067  1.00 23.68 ? 124 GLU A OE2  1 
ATOM   710  N  N    . CYS A 1 98  ? -4.165  -6.901  -4.404  1.00 13.78 ? 125 CYS A N    1 
ATOM   711  C  CA   . CYS A 1 98  ? -3.821  -5.479  -4.264  1.00 13.77 ? 125 CYS A CA   1 
ATOM   712  C  C    . CYS A 1 98  ? -4.453  -4.874  -2.997  1.00 14.99 ? 125 CYS A C    1 
ATOM   713  O  O    . CYS A 1 98  ? -3.792  -4.192  -2.220  1.00 15.12 ? 125 CYS A O    1 
ATOM   714  C  CB   . CYS A 1 98  ? -4.187  -4.700  -5.531  1.00 13.84 ? 125 CYS A CB   1 
ATOM   715  S  SG   . CYS A 1 98  ? -3.795  -2.929  -5.392  1.00 15.93 ? 125 CYS A SG   1 
ATOM   716  N  N    . ILE A 1 99  ? -5.741  -5.135  -2.776  1.00 14.82 ? 126 ILE A N    1 
ATOM   717  C  CA   . ILE A 1 99  ? -6.428  -4.671  -1.559  1.00 15.36 ? 126 ILE A CA   1 
ATOM   718  C  C    . ILE A 1 99  ? -5.687  -5.138  -0.294  1.00 15.08 ? 126 ILE A C    1 
ATOM   719  O  O    . ILE A 1 99  ? -5.484  -4.335  0.670   1.00 14.18 ? 126 ILE A O    1 
ATOM   720  C  CB   . ILE A 1 99  ? -7.901  -5.117  -1.581  1.00 16.91 ? 126 ILE A CB   1 
ATOM   721  C  CG1  . ILE A 1 99  ? -8.637  -4.380  -2.694  1.00 17.38 ? 126 ILE A CG1  1 
ATOM   722  C  CG2  . ILE A 1 99  ? -8.573  -4.938  -0.206  1.00 17.79 ? 126 ILE A CG2  1 
ATOM   723  C  CD1  . ILE A 1 99  ? -9.903  -5.082  -3.129  1.00 17.99 ? 126 ILE A CD1  1 
ATOM   724  N  N    . GLN A 1 100 ? -5.232  -6.394  -0.296  1.00 15.06 ? 127 GLN A N    1 
ATOM   725  C  CA   . GLN A 1 100 ? -4.475  -6.916  0.818   1.00 16.08 ? 127 GLN A CA   1 
ATOM   726  C  C    . GLN A 1 100 ? -3.192  -6.074  1.091   1.00 14.54 ? 127 GLN A C    1 
ATOM   727  O  O    . GLN A 1 100 ? -2.846  -5.851  2.253   1.00 12.67 ? 127 GLN A O    1 
ATOM   728  C  CB   . GLN A 1 100 ? -4.123  -8.406  0.645   1.00 19.09 ? 127 GLN A CB   1 
ATOM   729  C  CG   . GLN A 1 100 ? -3.315  -8.981  1.801   1.00 24.36 ? 127 GLN A CG   1 
ATOM   730  C  CD   . GLN A 1 100 ? -4.058  -8.855  3.134   1.00 31.86 ? 127 GLN A CD   1 
ATOM   731  O  OE1  . GLN A 1 100 ? -5.058  -9.556  3.350   1.00 38.89 ? 127 GLN A OE1  1 
ATOM   732  N  NE2  . GLN A 1 100 ? -3.601  -7.935  4.026   1.00 34.84 ? 127 GLN A NE2  1 
ATOM   733  N  N    . ASP A 1 101 ? -2.495  -5.662  0.032   1.00 13.72 ? 128 ASP A N    1 
ATOM   734  C  CA   . ASP A 1 101 ? -1.319  -4.773  0.192   1.00 12.53 ? 128 ASP A CA   1 
ATOM   735  C  C    . ASP A 1 101 ? -1.682  -3.439  0.871   1.00 12.64 ? 128 ASP A C    1 
ATOM   736  O  O    . ASP A 1 101 ? -0.994  -3.014  1.803   1.00 12.08 ? 128 ASP A O    1 
ATOM   737  C  CB   . ASP A 1 101 ? -0.614  -4.529  -1.122  1.00 11.65 ? 128 ASP A CB   1 
ATOM   738  C  CG   . ASP A 1 101 ? 0.280   -5.677  -1.548  1.00 12.08 ? 128 ASP A CG   1 
ATOM   739  O  OD1  . ASP A 1 101 ? 0.528   -6.597  -0.718  1.00 11.97 ? 128 ASP A OD1  1 
ATOM   740  O  OD2  . ASP A 1 101 ? 0.742   -5.646  -2.706  1.00 12.02 ? 128 ASP A OD2  1 
ATOM   741  N  N    . PHE A 1 102 ? -2.784  -2.814  0.449   1.00 12.96 ? 129 PHE A N    1 
ATOM   742  C  CA   . PHE A 1 102 ? -3.244  -1.592  1.129   1.00 13.89 ? 129 PHE A CA   1 
ATOM   743  C  C    . PHE A 1 102 ? -3.541  -1.872  2.608   1.00 13.23 ? 129 PHE A C    1 
ATOM   744  O  O    . PHE A 1 102 ? -3.146  -1.085  3.492   1.00 13.47 ? 129 PHE A O    1 
ATOM   745  C  CB   . PHE A 1 102 ? -4.497  -1.028  0.474   1.00 13.77 ? 129 PHE A CB   1 
ATOM   746  C  CG   . PHE A 1 102 ? -4.234  -0.165  -0.718  1.00 14.92 ? 129 PHE A CG   1 
ATOM   747  C  CD1  . PHE A 1 102 ? -3.869  1.162   -0.562  1.00 14.76 ? 129 PHE A CD1  1 
ATOM   748  C  CD2  . PHE A 1 102 ? -4.363  -0.680  -2.010  1.00 14.31 ? 129 PHE A CD2  1 
ATOM   749  C  CE1  . PHE A 1 102 ? -3.645  1.973   -1.670  1.00 15.50 ? 129 PHE A CE1  1 
ATOM   750  C  CE2  . PHE A 1 102 ? -4.160  0.125   -3.114  1.00 15.78 ? 129 PHE A CE2  1 
ATOM   751  C  CZ   . PHE A 1 102 ? -3.812  1.442   -2.954  1.00 15.52 ? 129 PHE A CZ   1 
ATOM   752  N  N    A ASN A 1 103 ? -4.253  -2.956  2.897   0.40 13.72 ? 130 ASN A N    1 
ATOM   753  N  N    B ASN A 1 103 ? -4.254  -2.961  2.869   0.60 14.49 ? 130 ASN A N    1 
ATOM   754  C  CA   A ASN A 1 103 ? -4.577  -3.281  4.293   0.40 14.16 ? 130 ASN A CA   1 
ATOM   755  C  CA   B ASN A 1 103 ? -4.581  -3.336  4.249   0.60 15.85 ? 130 ASN A CA   1 
ATOM   756  C  C    A ASN A 1 103 ? -3.342  -3.554  5.153   0.40 13.92 ? 130 ASN A C    1 
ATOM   757  C  C    B ASN A 1 103 ? -3.333  -3.510  5.115   0.60 14.76 ? 130 ASN A C    1 
ATOM   758  O  O    A ASN A 1 103 ? -3.321  -3.199  6.325   0.40 13.48 ? 130 ASN A O    1 
ATOM   759  O  O    B ASN A 1 103 ? -3.299  -3.050  6.242   0.60 13.91 ? 130 ASN A O    1 
ATOM   760  C  CB   A ASN A 1 103 ? -5.533  -4.456  4.383   0.40 14.94 ? 130 ASN A CB   1 
ATOM   761  C  CB   B ASN A 1 103 ? -5.394  -4.616  4.309   0.60 18.39 ? 130 ASN A CB   1 
ATOM   762  C  CG   A ASN A 1 103 ? -6.949  -4.077  4.004   0.40 15.22 ? 130 ASN A CG   1 
ATOM   763  C  CG   B ASN A 1 103 ? -5.936  -4.883  5.693   0.60 20.52 ? 130 ASN A CG   1 
ATOM   764  O  OD1  A ASN A 1 103 ? -7.679  -4.884  3.442   0.40 16.75 ? 130 ASN A OD1  1 
ATOM   765  O  OD1  B ASN A 1 103 ? -6.857  -4.200  6.154   0.60 24.33 ? 130 ASN A OD1  1 
ATOM   766  N  ND2  A ASN A 1 103 ? -7.339  -2.855  4.311   0.40 15.46 ? 130 ASN A ND2  1 
ATOM   767  N  ND2  B ASN A 1 103 ? -5.369  -5.878  6.372   0.60 22.00 ? 130 ASN A ND2  1 
ATOM   768  N  N    . THR A 1 104 ? -2.329  -4.194  4.571   1.00 13.73 ? 131 THR A N    1 
ATOM   769  C  CA   . THR A 1 104 ? -1.030  -4.382  5.251   1.00 13.89 ? 131 THR A CA   1 
ATOM   770  C  C    . THR A 1 104 ? -0.400  -3.044  5.591   1.00 13.38 ? 131 THR A C    1 
ATOM   771  O  O    . THR A 1 104 ? 0.098   -2.858  6.696   1.00 13.36 ? 131 THR A O    1 
ATOM   772  C  CB   . THR A 1 104 ? -0.093  -5.237  4.396   1.00 14.46 ? 131 THR A CB   1 
ATOM   773  O  OG1  . THR A 1 104 ? -0.718  -6.527  4.207   1.00 14.27 ? 131 THR A OG1  1 
ATOM   774  C  CG2  . THR A 1 104 ? 1.276   -5.405  5.023   1.00 13.72 ? 131 THR A CG2  1 
ATOM   775  N  N    . MET A 1 105 ? -0.406  -2.132  4.627   1.00 12.79 ? 132 MET A N    1 
ATOM   776  C  CA   . MET A 1 105 ? 0.176   -0.788  4.836   1.00 12.63 ? 132 MET A CA   1 
ATOM   777  C  C    . MET A 1 105 ? -0.538  -0.089  6.009   1.00 12.48 ? 132 MET A C    1 
ATOM   778  O  O    . MET A 1 105 ? 0.140   0.437   6.926   1.00 11.48 ? 132 MET A O    1 
ATOM   779  C  CB   . MET A 1 105 ? 0.103   0.051   3.582   1.00 13.22 ? 132 MET A CB   1 
ATOM   780  C  CG   . MET A 1 105 ? 0.640   1.482   3.747   1.00 14.05 ? 132 MET A CG   1 
ATOM   781  S  SD   . MET A 1 105 ? 0.376   2.445   2.261   1.00 14.59 ? 132 MET A SD   1 
ATOM   782  C  CE   . MET A 1 105 ? -1.359  2.840   2.394   1.00 15.76 ? 132 MET A CE   1 
ATOM   783  N  N    . PHE A 1 106 ? -1.877  -0.091  6.007   1.00 11.59 ? 133 PHE A N    1 
ATOM   784  C  CA   . PHE A 1 106 ? -2.608  0.560   7.089   1.00 12.44 ? 133 PHE A CA   1 
ATOM   785  C  C    . PHE A 1 106 ? -2.357  -0.138  8.433   1.00 13.19 ? 133 PHE A C    1 
ATOM   786  O  O    . PHE A 1 106 ? -2.088  0.525   9.455   1.00 12.25 ? 133 PHE A O    1 
ATOM   787  C  CB   . PHE A 1 106 ? -4.118  0.648   6.792   1.00 13.04 ? 133 PHE A CB   1 
ATOM   788  C  CG   . PHE A 1 106 ? -4.459  1.501   5.599   1.00 14.15 ? 133 PHE A CG   1 
ATOM   789  C  CD1  . PHE A 1 106 ? -3.947  2.794   5.473   1.00 15.01 ? 133 PHE A CD1  1 
ATOM   790  C  CD2  . PHE A 1 106 ? -5.293  1.027   4.608   1.00 14.88 ? 133 PHE A CD2  1 
ATOM   791  C  CE1  . PHE A 1 106 ? -4.258  3.590   4.378   1.00 15.59 ? 133 PHE A CE1  1 
ATOM   792  C  CE2  . PHE A 1 106 ? -5.592  1.806   3.502   1.00 15.00 ? 133 PHE A CE2  1 
ATOM   793  C  CZ   . PHE A 1 106 ? -5.078  3.082   3.389   1.00 14.98 ? 133 PHE A CZ   1 
ATOM   794  N  N    . THR A 1 107 ? -2.425  -1.476  8.417   1.00 12.57 ? 134 THR A N    1 
ATOM   795  C  CA   . THR A 1 107 ? -2.231  -2.253  9.630   1.00 14.71 ? 134 THR A CA   1 
ATOM   796  C  C    . THR A 1 107 ? -0.845  -2.043  10.236  1.00 12.98 ? 134 THR A C    1 
ATOM   797  O  O    . THR A 1 107 ? -0.697  -1.916  11.454  1.00 13.17 ? 134 THR A O    1 
ATOM   798  C  CB   . THR A 1 107 ? -2.495  -3.750  9.346   1.00 16.59 ? 134 THR A CB   1 
ATOM   799  O  OG1  . THR A 1 107 ? -3.873  -3.868  9.016   1.00 20.14 ? 134 THR A OG1  1 
ATOM   800  C  CG2  . THR A 1 107 ? -2.192  -4.573  10.539  1.00 19.42 ? 134 THR A CG2  1 
ATOM   801  N  N    . ASN A 1 108 ? 0.180   -1.988  9.396   1.00 11.97 ? 135 ASN A N    1 
ATOM   802  C  CA   . ASN A 1 108 ? 1.529   -1.740  9.892   1.00 11.49 ? 135 ASN A CA   1 
ATOM   803  C  C    . ASN A 1 108 ? 1.625   -0.422  10.665  1.00 11.51 ? 135 ASN A C    1 
ATOM   804  O  O    . ASN A 1 108 ? 2.292   -0.344  11.704  1.00 10.66 ? 135 ASN A O    1 
ATOM   805  C  CB   . ASN A 1 108 ? 2.504   -1.682  8.731   1.00 12.02 ? 135 ASN A CB   1 
ATOM   806  C  CG   . ASN A 1 108 ? 2.793   -3.051  8.109   1.00 12.60 ? 135 ASN A CG   1 
ATOM   807  O  OD1  . ASN A 1 108 ? 2.477   -4.123  8.663   1.00 12.40 ? 135 ASN A OD1  1 
ATOM   808  N  ND2  . ASN A 1 108 ? 3.418   -3.003  6.946   1.00 11.50 ? 135 ASN A ND2  1 
ATOM   809  N  N    . CYS A 1 109 ? 0.988   0.610   10.127  1.00 11.86 ? 136 CYS A N    1 
ATOM   810  C  CA   . CYS A 1 109 ? 0.984   1.934   10.769  1.00 12.27 ? 136 CYS A CA   1 
ATOM   811  C  C    . CYS A 1 109 ? 0.312   1.846   12.150  1.00 12.23 ? 136 CYS A C    1 
ATOM   812  O  O    . CYS A 1 109 ? 0.841   2.381   13.131  1.00 11.66 ? 136 CYS A O    1 
ATOM   813  C  CB   . CYS A 1 109 ? 0.286   2.937   9.862   1.00 12.72 ? 136 CYS A CB   1 
ATOM   814  S  SG   . CYS A 1 109 ? 0.366   4.623   10.496  1.00 15.01 ? 136 CYS A SG   1 
ATOM   815  N  N    . TYR A 1 110 ? -0.812  1.138   12.212  1.00 12.78 ? 137 TYR A N    1 
ATOM   816  C  CA   . TYR A 1 110 ? -1.562  0.981   13.470  1.00 13.78 ? 137 TYR A CA   1 
ATOM   817  C  C    . TYR A 1 110 ? -0.805  0.144   14.505  1.00 14.95 ? 137 TYR A C    1 
ATOM   818  O  O    . TYR A 1 110 ? -0.877  0.443   15.705  1.00 14.56 ? 137 TYR A O    1 
ATOM   819  C  CB   . TYR A 1 110 ? -2.980  0.407   13.238  1.00 14.37 ? 137 TYR A CB   1 
ATOM   820  C  CG   . TYR A 1 110 ? -3.825  1.173   12.238  1.00 14.70 ? 137 TYR A CG   1 
ATOM   821  C  CD1  . TYR A 1 110 ? -3.735  2.567   12.115  1.00 15.05 ? 137 TYR A CD1  1 
ATOM   822  C  CD2  . TYR A 1 110 ? -4.711  0.505   11.416  1.00 15.00 ? 137 TYR A CD2  1 
ATOM   823  C  CE1  . TYR A 1 110 ? -4.492  3.249   11.199  1.00 15.12 ? 137 TYR A CE1  1 
ATOM   824  C  CE2  . TYR A 1 110 ? -5.485  1.182   10.498  1.00 15.46 ? 137 TYR A CE2  1 
ATOM   825  C  CZ   . TYR A 1 110 ? -5.374  2.546   10.383  1.00 16.00 ? 137 TYR A CZ   1 
ATOM   826  O  OH   . TYR A 1 110 ? -6.121  3.232   9.464   1.00 15.99 ? 137 TYR A OH   1 
ATOM   827  N  N    . ILE A 1 111 ? -0.091  -0.888  14.058  1.00 14.42 ? 138 ILE A N    1 
ATOM   828  C  CA   . ILE A 1 111 ? 0.739   -1.726  14.933  1.00 14.86 ? 138 ILE A CA   1 
ATOM   829  C  C    . ILE A 1 111 ? 1.947   -0.952  15.485  1.00 14.16 ? 138 ILE A C    1 
ATOM   830  O  O    . ILE A 1 111 ? 2.198   -0.970  16.691  1.00 12.32 ? 138 ILE A O    1 
ATOM   831  C  CB   . ILE A 1 111 ? 1.251   -3.006  14.211  1.00 15.03 ? 138 ILE A CB   1 
ATOM   832  C  CG1  . ILE A 1 111 ? 0.084   -3.939  13.918  1.00 16.32 ? 138 ILE A CG1  1 
ATOM   833  C  CG2  . ILE A 1 111 ? 2.301   -3.708  15.053  1.00 15.93 ? 138 ILE A CG2  1 
ATOM   834  C  CD1  . ILE A 1 111 ? 0.408   -5.011  12.893  1.00 18.09 ? 138 ILE A CD1  1 
ATOM   835  N  N    . TYR A 1 112 ? 2.677   -0.238  14.624  1.00 12.53 ? 139 TYR A N    1 
ATOM   836  C  CA   . TYR A 1 112 ? 3.913   0.392   15.056  1.00 13.28 ? 139 TYR A CA   1 
ATOM   837  C  C    . TYR A 1 112 ? 3.659   1.619   15.969  1.00 14.25 ? 139 TYR A C    1 
ATOM   838  O  O    . TYR A 1 112 ? 4.386   1.822   16.949  1.00 13.83 ? 139 TYR A O    1 
ATOM   839  C  CB   . TYR A 1 112 ? 4.766   0.778   13.838  1.00 13.01 ? 139 TYR A CB   1 
ATOM   840  C  CG   . TYR A 1 112 ? 6.042   1.437   14.240  1.00 13.19 ? 139 TYR A CG   1 
ATOM   841  C  CD1  . TYR A 1 112 ? 7.088   0.712   14.828  1.00 12.56 ? 139 TYR A CD1  1 
ATOM   842  C  CD2  . TYR A 1 112 ? 6.200   2.818   14.081  1.00 12.10 ? 139 TYR A CD2  1 
ATOM   843  C  CE1  . TYR A 1 112 ? 8.250   1.346   15.224  1.00 13.04 ? 139 TYR A CE1  1 
ATOM   844  C  CE2  . TYR A 1 112 ? 7.359   3.445   14.440  1.00 13.67 ? 139 TYR A CE2  1 
ATOM   845  C  CZ   . TYR A 1 112 ? 8.389   2.721   15.033  1.00 13.38 ? 139 TYR A CZ   1 
ATOM   846  O  OH   . TYR A 1 112 ? 9.518   3.380   15.451  1.00 14.75 ? 139 TYR A OH   1 
ATOM   847  N  N    . ASN A 1 113 ? 2.624   2.398   15.662  1.00 13.44 ? 140 ASN A N    1 
ATOM   848  C  CA   . ASN A 1 113 ? 2.317   3.634   16.366  1.00 15.33 ? 140 ASN A CA   1 
ATOM   849  C  C    . ASN A 1 113 ? 1.199   3.439   17.444  1.00 16.51 ? 140 ASN A C    1 
ATOM   850  O  O    . ASN A 1 113 ? 0.828   2.315   17.751  1.00 16.51 ? 140 ASN A O    1 
ATOM   851  C  CB   . ASN A 1 113 ? 1.972   4.710   15.352  1.00 15.06 ? 140 ASN A CB   1 
ATOM   852  C  CG   . ASN A 1 113 ? 3.107   4.961   14.353  1.00 15.65 ? 140 ASN A CG   1 
ATOM   853  O  OD1  . ASN A 1 113 ? 4.098   5.617   14.693  1.00 15.03 ? 140 ASN A OD1  1 
ATOM   854  N  ND2  . ASN A 1 113 ? 2.987   4.417   13.141  1.00 15.10 ? 140 ASN A ND2  1 
ATOM   855  N  N    . LYS A 1 114 ? 0.702   4.527   18.005  1.00 17.88 ? 141 LYS A N    1 
ATOM   856  C  CA   . LYS A 1 114 ? -0.288  4.508   19.095  1.00 20.24 ? 141 LYS A CA   1 
ATOM   857  C  C    . LYS A 1 114 ? -1.563  5.181   18.658  1.00 19.16 ? 141 LYS A C    1 
ATOM   858  O  O    . LYS A 1 114 ? -1.522  6.088   17.815  1.00 16.83 ? 141 LYS A O    1 
ATOM   859  C  CB   . LYS A 1 114 ? 0.255   5.286   20.317  1.00 22.28 ? 141 LYS A CB   1 
ATOM   860  C  CG   . LYS A 1 114 ? 1.547   4.739   20.863  1.00 29.23 ? 141 LYS A CG   1 
ATOM   861  C  CD   . LYS A 1 114 ? 1.337   3.296   21.314  1.00 31.21 ? 141 LYS A CD   1 
ATOM   862  C  CE   . LYS A 1 114 ? 2.414   2.840   22.283  1.00 36.47 ? 141 LYS A CE   1 
ATOM   863  N  NZ   . LYS A 1 114 ? 2.666   1.397   22.025  1.00 37.46 ? 141 LYS A NZ   1 
ATOM   864  N  N    . PRO A 1 115 ? -2.715  4.798   19.279  1.00 19.32 ? 142 PRO A N    1 
ATOM   865  C  CA   . PRO A 1 115 ? -3.960  5.486   18.945  1.00 19.19 ? 142 PRO A CA   1 
ATOM   866  C  C    . PRO A 1 115 ? -3.864  6.997   19.143  1.00 17.78 ? 142 PRO A C    1 
ATOM   867  O  O    . PRO A 1 115 ? -3.230  7.462   20.097  1.00 17.57 ? 142 PRO A O    1 
ATOM   868  C  CB   . PRO A 1 115 ? -4.975  4.865   19.914  1.00 20.19 ? 142 PRO A CB   1 
ATOM   869  C  CG   . PRO A 1 115 ? -4.442  3.515   20.179  1.00 20.00 ? 142 PRO A CG   1 
ATOM   870  C  CD   . PRO A 1 115 ? -2.955  3.668   20.203  1.00 20.79 ? 142 PRO A CD   1 
ATOM   871  N  N    . GLY A 1 116 ? -4.425  7.741   18.202  1.00 17.11 ? 143 GLY A N    1 
ATOM   872  C  CA   . GLY A 1 116 ? -4.396  9.216   18.212  1.00 17.31 ? 143 GLY A CA   1 
ATOM   873  C  C    . GLY A 1 116 ? -3.118  9.872   17.683  1.00 16.18 ? 143 GLY A C    1 
ATOM   874  O  O    . GLY A 1 116 ? -3.086  11.101  17.526  1.00 16.42 ? 143 GLY A O    1 
ATOM   875  N  N    . ASP A 1 117 ? -2.048  9.096   17.469  1.00 14.94 ? 144 ASP A N    1 
ATOM   876  C  CA   . ASP A 1 117 ? -0.785  9.629   16.910  1.00 14.73 ? 144 ASP A CA   1 
ATOM   877  C  C    . ASP A 1 117 ? -1.035  10.378  15.620  1.00 14.02 ? 144 ASP A C    1 
ATOM   878  O  O    . ASP A 1 117 ? -1.942  10.020  14.857  1.00 12.86 ? 144 ASP A O    1 
ATOM   879  C  CB   . ASP A 1 117 ? 0.244   8.506   16.647  1.00 15.19 ? 144 ASP A CB   1 
ATOM   880  C  CG   . ASP A 1 117 ? 0.996   8.091   17.878  1.00 17.37 ? 144 ASP A CG   1 
ATOM   881  O  OD1  . ASP A 1 117 ? 0.700   8.653   18.955  1.00 17.48 ? 144 ASP A OD1  1 
ATOM   882  O  OD2  . ASP A 1 117 ? 1.874   7.186   17.786  1.00 16.76 ? 144 ASP A OD2  1 
ATOM   883  N  N    . ASP A 1 118 ? -0.248  11.428  15.340  1.00 13.24 ? 145 ASP A N    1 
ATOM   884  C  CA   . ASP A 1 118 ? -0.496  12.171  14.104  1.00 13.55 ? 145 ASP A CA   1 
ATOM   885  C  C    . ASP A 1 118 ? -0.568  11.219  12.891  1.00 13.43 ? 145 ASP A C    1 
ATOM   886  O  O    . ASP A 1 118 ? -1.436  11.344  12.011  1.00 13.31 ? 145 ASP A O    1 
ATOM   887  C  CB   . ASP A 1 118 ? 0.596   13.213  13.826  1.00 14.69 ? 145 ASP A CB   1 
ATOM   888  C  CG   . ASP A 1 118 ? 0.673   14.312  14.900  1.00 16.71 ? 145 ASP A CG   1 
ATOM   889  O  OD1  . ASP A 1 118 ? -0.338  14.973  15.166  1.00 19.87 ? 145 ASP A OD1  1 
ATOM   890  O  OD2  . ASP A 1 118 ? 1.782   14.527  15.420  1.00 19.50 ? 145 ASP A OD2  1 
ATOM   891  N  N    . ILE A 1 119 ? 0.389   10.316  12.799  1.00 13.01 ? 146 ILE A N    1 
ATOM   892  C  CA   . ILE A 1 119 ? 0.455   9.440   11.617  1.00 13.67 ? 146 ILE A CA   1 
ATOM   893  C  C    . ILE A 1 119 ? -0.698  8.457   11.526  1.00 12.96 ? 146 ILE A C    1 
ATOM   894  O  O    . ILE A 1 119 ? -1.140  8.151   10.413  1.00 13.18 ? 146 ILE A O    1 
ATOM   895  C  CB   . ILE A 1 119 ? 1.810   8.748   11.494  1.00 14.50 ? 146 ILE A CB   1 
ATOM   896  C  CG1  . ILE A 1 119 ? 1.922   8.166   10.084  1.00 15.86 ? 146 ILE A CG1  1 
ATOM   897  C  CG2  . ILE A 1 119 ? 2.019   7.705   12.598  1.00 13.83 ? 146 ILE A CG2  1 
ATOM   898  C  CD1  . ILE A 1 119 ? 3.280   7.743   9.705   1.00 16.12 ? 146 ILE A CD1  1 
ATOM   899  N  N    . VAL A 1 120 ? -1.187  7.986   12.671  1.00 12.30 ? 147 VAL A N    1 
ATOM   900  C  CA   . VAL A 1 120 ? -2.348  7.069   12.738  1.00 13.24 ? 147 VAL A CA   1 
ATOM   901  C  C    . VAL A 1 120 ? -3.616  7.799   12.272  1.00 13.29 ? 147 VAL A C    1 
ATOM   902  O  O    . VAL A 1 120 ? -4.415  7.274   11.498  1.00 13.09 ? 147 VAL A O    1 
ATOM   903  C  CB   . VAL A 1 120 ? -2.488  6.498   14.173  1.00 12.98 ? 147 VAL A CB   1 
ATOM   904  C  CG1  . VAL A 1 120 ? -3.821  5.809   14.420  1.00 14.09 ? 147 VAL A CG1  1 
ATOM   905  C  CG2  . VAL A 1 120 ? -1.329  5.581   14.473  1.00 12.61 ? 147 VAL A CG2  1 
ATOM   906  N  N    . LEU A 1 121 ? -3.804  9.033   12.727  1.00 13.25 ? 148 LEU A N    1 
ATOM   907  C  CA   . LEU A 1 121 ? -4.950  9.798   12.260  1.00 14.67 ? 148 LEU A CA   1 
ATOM   908  C  C    . LEU A 1 121 ? -4.928  9.985   10.737  1.00 14.29 ? 148 LEU A C    1 
ATOM   909  O  O    . LEU A 1 121 ? -5.980  9.928   10.085  1.00 14.35 ? 148 LEU A O    1 
ATOM   910  C  CB   . LEU A 1 121 ? -5.036  11.129  12.996  1.00 16.08 ? 148 LEU A CB   1 
ATOM   911  C  CG   . LEU A 1 121 ? -5.349  11.054  14.491  1.00 17.36 ? 148 LEU A CG   1 
ATOM   912  C  CD1  . LEU A 1 121 ? -5.364  12.471  15.026  1.00 19.13 ? 148 LEU A CD1  1 
ATOM   913  C  CD2  . LEU A 1 121 ? -6.677  10.329  14.750  1.00 19.33 ? 148 LEU A CD2  1 
ATOM   914  N  N    . MET A 1 122 ? -3.735  10.209  10.168  1.00 13.56 ? 149 MET A N    1 
ATOM   915  C  CA   . MET A 1 122 ? -3.572  10.305  8.720   1.00 13.82 ? 149 MET A CA   1 
ATOM   916  C  C    . MET A 1 122 ? -3.877  8.969   8.001   1.00 14.00 ? 149 MET A C    1 
ATOM   917  O  O    . MET A 1 122 ? -4.603  8.957   6.989   1.00 13.87 ? 149 MET A O    1 
ATOM   918  C  CB   . MET A 1 122 ? -2.153  10.756  8.356   1.00 13.98 ? 149 MET A CB   1 
ATOM   919  C  CG   . MET A 1 122 ? -1.919  12.211  8.718   1.00 14.79 ? 149 MET A CG   1 
ATOM   920  S  SD   . MET A 1 122 ? -0.196  12.680  8.816   1.00 16.39 ? 149 MET A SD   1 
ATOM   921  C  CE   . MET A 1 122 ? 0.288   12.714  7.111   1.00 15.96 ? 149 MET A CE   1 
ATOM   922  N  N    . ALA A 1 123 ? -3.312  7.881   8.511   1.00 14.34 ? 150 ALA A N    1 
ATOM   923  C  CA   . ALA A 1 123 ? -3.632  6.527   7.979   1.00 14.35 ? 150 ALA A CA   1 
ATOM   924  C  C    . ALA A 1 123 ? -5.151  6.248   8.015   1.00 15.05 ? 150 ALA A C    1 
ATOM   925  O  O    . ALA A 1 123 ? -5.744  5.734   7.034   1.00 14.72 ? 150 ALA A O    1 
ATOM   926  C  CB   . ALA A 1 123 ? -2.878  5.477   8.756   1.00 14.30 ? 150 ALA A CB   1 
ATOM   927  N  N    . GLU A 1 124 ? -5.792  6.639   9.117   1.00 15.97 ? 151 GLU A N    1 
ATOM   928  C  CA   . GLU A 1 124 ? -7.242  6.428   9.299   1.00 17.17 ? 151 GLU A CA   1 
ATOM   929  C  C    . GLU A 1 124 ? -8.046  7.186   8.254   1.00 16.59 ? 151 GLU A C    1 
ATOM   930  O  O    . GLU A 1 124 ? -8.981  6.600   7.673   1.00 17.20 ? 151 GLU A O    1 
ATOM   931  C  CB   . GLU A 1 124 ? -7.711  6.784   10.717  1.00 18.05 ? 151 GLU A CB   1 
ATOM   932  C  CG   . GLU A 1 124 ? -7.296  5.804   11.805  1.00 18.89 ? 151 GLU A CG   1 
ATOM   933  C  CD   . GLU A 1 124 ? -7.573  6.319   13.230  1.00 22.20 ? 151 GLU A CD   1 
ATOM   934  O  OE1  . GLU A 1 124 ? -7.997  7.492   13.414  1.00 24.18 ? 151 GLU A OE1  1 
ATOM   935  O  OE2  . GLU A 1 124 ? -7.316  5.567   14.190  1.00 23.34 ? 151 GLU A OE2  1 
ATOM   936  N  N    . ALA A 1 125 ? -7.650  8.427   7.956   1.00 16.10 ? 152 ALA A N    1 
ATOM   937  C  CA   . ALA A 1 125 ? -8.314  9.242   6.930   1.00 17.00 ? 152 ALA A CA   1 
ATOM   938  C  C    . ALA A 1 125 ? -8.129  8.643   5.529   1.00 16.86 ? 152 ALA A C    1 
ATOM   939  O  O    . ALA A 1 125 ? -9.078  8.562   4.723   1.00 15.46 ? 152 ALA A O    1 
ATOM   940  C  CB   . ALA A 1 125 ? -7.785  10.666  6.935   1.00 16.72 ? 152 ALA A CB   1 
ATOM   941  N  N    . LEU A 1 126 ? -6.902  8.202   5.248   1.00 15.37 ? 153 LEU A N    1 
ATOM   942  C  CA   . LEU A 1 126 ? -6.641  7.572   3.955   1.00 15.66 ? 153 LEU A CA   1 
ATOM   943  C  C    . LEU A 1 126 ? -7.390  6.248   3.832   1.00 15.17 ? 153 LEU A C    1 
ATOM   944  O  O    . LEU A 1 126 ? -7.881  5.918   2.740   1.00 14.75 ? 153 LEU A O    1 
ATOM   945  C  CB   . LEU A 1 126 ? -5.145  7.333   3.721   1.00 15.78 ? 153 LEU A CB   1 
ATOM   946  C  CG   . LEU A 1 126 ? -4.225  8.554   3.562   1.00 17.03 ? 153 LEU A CG   1 
ATOM   947  C  CD1  . LEU A 1 126 ? -2.775  8.124   3.578   1.00 17.08 ? 153 LEU A CD1  1 
ATOM   948  C  CD2  . LEU A 1 126 ? -4.521  9.327   2.271   1.00 18.27 ? 153 LEU A CD2  1 
ATOM   949  N  N    . GLU A 1 127 ? -7.445  5.475   4.913   1.00 15.04 ? 154 GLU A N    1 
ATOM   950  C  CA   . GLU A 1 127 ? -8.171  4.226   4.899   1.00 17.03 ? 154 GLU A CA   1 
ATOM   951  C  C    . GLU A 1 127 ? -9.675  4.466   4.671   1.00 17.97 ? 154 GLU A C    1 
ATOM   952  O  O    . GLU A 1 127 ? -10.335 3.721   3.934   1.00 16.24 ? 154 GLU A O    1 
ATOM   953  C  CB   . GLU A 1 127 ? -7.956  3.430   6.179   1.00 18.19 ? 154 GLU A CB   1 
ATOM   954  C  CG   . GLU A 1 127 ? -8.494  2.013   6.070   1.00 19.82 ? 154 GLU A CG   1 
ATOM   955  C  CD   . GLU A 1 127 ? -8.274  1.152   7.295   1.00 21.89 ? 154 GLU A CD   1 
ATOM   956  O  OE1  . GLU A 1 127 ? -7.901  1.635   8.382   1.00 23.89 ? 154 GLU A OE1  1 
ATOM   957  O  OE2  . GLU A 1 127 ? -8.520  -0.054  7.181   1.00 26.18 ? 154 GLU A OE2  1 
ATOM   958  N  N    . LYS A 1 128 ? -10.226 5.491   5.311   1.00 18.63 ? 155 LYS A N    1 
ATOM   959  C  CA   . LYS A 1 128 ? -11.652 5.834   5.060   1.00 20.58 ? 155 LYS A CA   1 
ATOM   960  C  C    . LYS A 1 128 ? -11.908 6.110   3.583   1.00 19.64 ? 155 LYS A C    1 
ATOM   961  O  O    . LYS A 1 128 ? -12.880 5.583   3.012   1.00 19.42 ? 155 LYS A O    1 
ATOM   962  C  CB   . LYS A 1 128 ? -12.064 7.036   5.913   1.00 23.11 ? 155 LYS A CB   1 
ATOM   963  C  CG   . LYS A 1 128 ? -13.549 7.392   5.827   1.00 29.00 ? 155 LYS A CG   1 
ATOM   964  C  CD   . LYS A 1 128 ? -13.914 8.468   6.842   1.00 32.63 ? 155 LYS A CD   1 
ATOM   965  C  CE   . LYS A 1 128 ? -15.382 8.852   6.745   1.00 37.17 ? 155 LYS A CE   1 
ATOM   966  N  NZ   . LYS A 1 128 ? -16.294 7.732   7.109   1.00 40.68 ? 155 LYS A NZ   1 
ATOM   967  N  N    . LEU A 1 129 ? -11.040 6.918   2.970   1.00 18.00 ? 156 LEU A N    1 
ATOM   968  C  CA   . LEU A 1 129 ? -11.126 7.268   1.577   1.00 19.16 ? 156 LEU A CA   1 
ATOM   969  C  C    . LEU A 1 129 ? -10.966 6.030   0.696   1.00 19.98 ? 156 LEU A C    1 
ATOM   970  O  O    . LEU A 1 129 ? -11.727 5.830   -0.247  1.00 18.21 ? 156 LEU A O    1 
ATOM   971  C  CB   . LEU A 1 129 ? -10.087 8.327   1.219   1.00 20.53 ? 156 LEU A CB   1 
ATOM   972  C  CG   . LEU A 1 129 ? -10.043 8.921   -0.203  1.00 21.88 ? 156 LEU A CG   1 
ATOM   973  C  CD1  . LEU A 1 129 ? -11.415 9.464   -0.655  1.00 24.21 ? 156 LEU A CD1  1 
ATOM   974  C  CD2  . LEU A 1 129 ? -8.961  9.996   -0.280  1.00 24.17 ? 156 LEU A CD2  1 
ATOM   975  N  N    . PHE A 1 130 ? -9.958  5.214   1.018   1.00 18.12 ? 157 PHE A N    1 
ATOM   976  C  CA   . PHE A 1 130 ? -9.756  3.920   0.360   1.00 19.09 ? 157 PHE A CA   1 
ATOM   977  C  C    . PHE A 1 130 ? -11.041 3.073   0.315   1.00 20.38 ? 157 PHE A C    1 
ATOM   978  O  O    . PHE A 1 130 ? -11.463 2.635   -0.769  1.00 21.68 ? 157 PHE A O    1 
ATOM   979  C  CB   . PHE A 1 130 ? -8.643  3.147   1.085   1.00 17.95 ? 157 PHE A CB   1 
ATOM   980  C  CG   . PHE A 1 130 ? -8.427  1.750   0.559   1.00 19.30 ? 157 PHE A CG   1 
ATOM   981  C  CD1  . PHE A 1 130 ? -7.814  1.548   -0.668  1.00 20.71 ? 157 PHE A CD1  1 
ATOM   982  C  CD2  . PHE A 1 130 ? -8.814  0.651   1.306   1.00 20.68 ? 157 PHE A CD2  1 
ATOM   983  C  CE1  . PHE A 1 130 ? -7.607  0.259   -1.156  1.00 20.71 ? 157 PHE A CE1  1 
ATOM   984  C  CE2  . PHE A 1 130 ? -8.613  -0.644  0.819   1.00 22.00 ? 157 PHE A CE2  1 
ATOM   985  C  CZ   . PHE A 1 130 ? -8.013  -0.828  -0.413  1.00 20.54 ? 157 PHE A CZ   1 
ATOM   986  N  N    . LEU A 1 131 ? -11.649 2.870   1.470   1.00 21.24 ? 158 LEU A N    1 
ATOM   987  C  CA   . LEU A 1 131 ? -12.863 2.039   1.590   1.00 24.01 ? 158 LEU A CA   1 
ATOM   988  C  C    . LEU A 1 131 ? -14.063 2.630   0.827   1.00 25.96 ? 158 LEU A C    1 
ATOM   989  O  O    . LEU A 1 131 ? -14.877 1.862   0.277   1.00 26.04 ? 158 LEU A O    1 
ATOM   990  C  CB   . LEU A 1 131 ? -13.220 1.806   3.051   1.00 25.89 ? 158 LEU A CB   1 
ATOM   991  C  CG   . LEU A 1 131 ? -12.219 0.962   3.852   1.00 26.49 ? 158 LEU A CG   1 
ATOM   992  C  CD1  . LEU A 1 131 ? -12.412 1.125   5.347   1.00 28.20 ? 158 LEU A CD1  1 
ATOM   993  C  CD2  . LEU A 1 131 ? -12.287 -0.518  3.464   1.00 26.97 ? 158 LEU A CD2  1 
ATOM   994  N  N    . GLN A 1 132 ? -14.164 3.963   0.792   1.00 24.80 ? 159 GLN A N    1 
ATOM   995  C  CA   A GLN A 1 132 ? -15.157 4.652   -0.040  0.40 26.42 ? 159 GLN A CA   1 
ATOM   996  C  CA   B GLN A 1 132 ? -15.160 4.642   -0.045  0.60 28.28 ? 159 GLN A CA   1 
ATOM   997  C  C    . GLN A 1 132 ? -14.926 4.345   -1.526  1.00 29.19 ? 159 GLN A C    1 
ATOM   998  O  O    . GLN A 1 132 ? -15.857 3.999   -2.248  1.00 28.07 ? 159 GLN A O    1 
ATOM   999  C  CB   A GLN A 1 132 ? -15.128 6.175   0.200   0.40 25.94 ? 159 GLN A CB   1 
ATOM   1000 C  CB   B GLN A 1 132 ? -15.146 6.162   0.167   0.60 30.55 ? 159 GLN A CB   1 
ATOM   1001 C  CG   A GLN A 1 132 ? -15.651 6.621   1.561   0.40 25.28 ? 159 GLN A CG   1 
ATOM   1002 C  CG   B GLN A 1 132 ? -16.391 6.854   -0.400  0.60 33.08 ? 159 GLN A CG   1 
ATOM   1003 C  CD   A GLN A 1 132 ? -15.488 8.119   1.811   0.40 25.33 ? 159 GLN A CD   1 
ATOM   1004 C  CD   B GLN A 1 132 ? -16.165 8.228   -1.019  0.60 35.20 ? 159 GLN A CD   1 
ATOM   1005 O  OE1  A GLN A 1 132 ? -14.615 8.779   1.240   0.40 24.45 ? 159 GLN A OE1  1 
ATOM   1006 O  OE1  B GLN A 1 132 ? -17.128 8.903   -1.384  0.60 36.75 ? 159 GLN A OE1  1 
ATOM   1007 N  NE2  A GLN A 1 132 ? -16.331 8.658   2.674   0.40 26.51 ? 159 GLN A NE2  1 
ATOM   1008 N  NE2  B GLN A 1 132 ? -14.915 8.645   -1.151  0.60 36.21 ? 159 GLN A NE2  1 
ATOM   1009 N  N    . LYS A 1 133 ? -13.675 4.473   -1.981  1.00 27.61 ? 160 LYS A N    1 
ATOM   1010 C  CA   . LYS A 1 133 ? -13.359 4.219   -3.377  1.00 30.45 ? 160 LYS A CA   1 
ATOM   1011 C  C    . LYS A 1 133 ? -13.504 2.761   -3.772  1.00 31.24 ? 160 LYS A C    1 
ATOM   1012 O  O    . LYS A 1 133 ? -13.912 2.486   -4.901  1.00 32.21 ? 160 LYS A O    1 
ATOM   1013 C  CB   . LYS A 1 133 ? -11.958 4.711   -3.735  1.00 30.27 ? 160 LYS A CB   1 
ATOM   1014 C  CG   . LYS A 1 133 ? -11.781 6.215   -3.673  1.00 32.27 ? 160 LYS A CG   1 
ATOM   1015 C  CD   . LYS A 1 133 ? -12.864 6.909   -4.468  1.00 35.01 ? 160 LYS A CD   1 
ATOM   1016 C  CE   . LYS A 1 133 ? -12.436 8.249   -4.994  1.00 37.12 ? 160 LYS A CE   1 
ATOM   1017 N  NZ   . LYS A 1 133 ? -13.598 8.878   -5.666  1.00 38.32 ? 160 LYS A NZ   1 
ATOM   1018 N  N    . ILE A 1 134 ? -13.205 1.851   -2.848  1.00 32.46 ? 161 ILE A N    1 
ATOM   1019 C  CA   . ILE A 1 134 ? -13.292 0.404   -3.092  1.00 38.66 ? 161 ILE A CA   1 
ATOM   1020 C  C    . ILE A 1 134 ? -14.740 -0.098  -3.116  1.00 41.98 ? 161 ILE A C    1 
ATOM   1021 O  O    . ILE A 1 134 ? -15.010 -1.171  -3.656  1.00 39.29 ? 161 ILE A O    1 
ATOM   1022 C  CB   . ILE A 1 134 ? -12.405 -0.410  -2.096  1.00 39.52 ? 161 ILE A CB   1 
ATOM   1023 C  CG1  . ILE A 1 134 ? -11.649 -1.508  -2.834  1.00 44.00 ? 161 ILE A CG1  1 
ATOM   1024 C  CG2  . ILE A 1 134 ? -13.164 -0.996  -0.919  1.00 40.21 ? 161 ILE A CG2  1 
ATOM   1025 C  CD1  . ILE A 1 134 ? -10.443 -0.988  -3.578  1.00 41.93 ? 161 ILE A CD1  1 
ATOM   1026 N  N    . ASN A 1 135 ? -15.663 0.658   -2.524  1.00 41.93 ? 162 ASN A N    1 
ATOM   1027 C  CA   . ASN A 1 135 ? -17.099 0.374   -2.706  1.00 45.73 ? 162 ASN A CA   1 
ATOM   1028 C  C    . ASN A 1 135 ? -17.585 0.483   -4.150  1.00 42.05 ? 162 ASN A C    1 
ATOM   1029 O  O    . ASN A 1 135 ? -18.537 -0.186  -4.512  1.00 48.55 ? 162 ASN A O    1 
ATOM   1030 C  CB   . ASN A 1 135 ? -17.967 1.264   -1.805  1.00 48.81 ? 162 ASN A CB   1 
ATOM   1031 C  CG   . ASN A 1 135 ? -18.324 0.593   -0.504  1.00 49.48 ? 162 ASN A CG   1 
ATOM   1032 O  OD1  . ASN A 1 135 ? -19.029 -0.419  -0.493  1.00 56.84 ? 162 ASN A OD1  1 
ATOM   1033 N  ND2  . ASN A 1 135 ? -17.863 1.154   0.604   1.00 50.40 ? 162 ASN A ND2  1 
ATOM   1034 N  N    . GLU A 1 136 ? -16.941 1.325   -4.951  1.00 40.60 ? 163 GLU A N    1 
ATOM   1035 C  CA   . GLU A 1 136 ? -17.274 1.519   -6.367  1.00 43.87 ? 163 GLU A CA   1 
ATOM   1036 C  C    . GLU A 1 136 ? -16.360 0.699   -7.305  1.00 42.81 ? 163 GLU A C    1 
ATOM   1037 O  O    . GLU A 1 136 ? -16.182 1.050   -8.481  1.00 44.63 ? 163 GLU A O    1 
ATOM   1038 C  CB   . GLU A 1 136 ? -17.200 3.017   -6.709  1.00 46.63 ? 163 GLU A CB   1 
ATOM   1039 C  CG   . GLU A 1 136 ? -18.294 3.855   -6.055  1.00 51.40 ? 163 GLU A CG   1 
ATOM   1040 C  CD   . GLU A 1 136 ? -19.587 3.874   -6.865  1.00 52.74 ? 163 GLU A CD   1 
ATOM   1041 O  OE1  . GLU A 1 136 ? -19.678 4.688   -7.816  1.00 55.41 ? 163 GLU A OE1  1 
ATOM   1042 O  OE2  . GLU A 1 136 ? -20.506 3.086   -6.548  1.00 51.40 ? 163 GLU A OE2  1 
ATOM   1043 N  N    . LEU A 1 137 ? -15.782 -0.380  -6.776  1.00 43.25 ? 164 LEU A N    1 
ATOM   1044 C  CA   . LEU A 1 137 ? -14.965 -1.303  -7.548  1.00 42.22 ? 164 LEU A CA   1 
ATOM   1045 C  C    . LEU A 1 137 ? -15.935 -1.980  -8.529  1.00 43.58 ? 164 LEU A C    1 
ATOM   1046 O  O    . LEU A 1 137 ? -16.830 -2.691  -8.080  1.00 43.88 ? 164 LEU A O    1 
ATOM   1047 C  CB   . LEU A 1 137 ? -14.340 -2.352  -6.622  1.00 40.45 ? 164 LEU A CB   1 
ATOM   1048 C  CG   . LEU A 1 137 ? -13.304 -3.322  -7.187  1.00 40.83 ? 164 LEU A CG   1 
ATOM   1049 C  CD1  . LEU A 1 137 ? -12.021 -2.580  -7.490  1.00 41.50 ? 164 LEU A CD1  1 
ATOM   1050 C  CD2  . LEU A 1 137 ? -13.034 -4.470  -6.228  1.00 40.87 ? 164 LEU A CD2  1 
ATOM   1051 N  N    . PRO A 1 138 ? -15.768 -1.758  -9.847  1.00 43.46 ? 165 PRO A N    1 
ATOM   1052 C  CA   . PRO A 1 138 ? -16.651 -2.448  -10.806 1.00 45.64 ? 165 PRO A CA   1 
ATOM   1053 C  C    . PRO A 1 138 ? -16.560 -3.962  -10.681 1.00 46.73 ? 165 PRO A C    1 
ATOM   1054 O  O    . PRO A 1 138 ? -15.614 -4.471  -10.089 1.00 45.80 ? 165 PRO A O    1 
ATOM   1055 C  CB   . PRO A 1 138 ? -16.122 -1.996  -12.170 1.00 45.09 ? 165 PRO A CB   1 
ATOM   1056 C  CG   . PRO A 1 138 ? -14.708 -1.602  -11.926 1.00 45.58 ? 165 PRO A CG   1 
ATOM   1057 C  CD   . PRO A 1 138 ? -14.700 -1.015  -10.539 1.00 43.16 ? 165 PRO A CD   1 
ATOM   1058 N  N    . THR A 1 139 ? -17.554 -4.674  -11.205 1.00 51.08 ? 166 THR A N    1 
ATOM   1059 C  CA   . THR A 1 139 ? -17.501 -6.139  -11.244 1.00 54.40 ? 166 THR A CA   1 
ATOM   1060 C  C    . THR A 1 139 ? -16.451 -6.568  -12.265 1.00 55.64 ? 166 THR A C    1 
ATOM   1061 O  O    . THR A 1 139 ? -16.155 -5.833  -13.216 1.00 56.68 ? 166 THR A O    1 
ATOM   1062 C  CB   . THR A 1 139 ? -18.867 -6.770  -11.594 1.00 54.02 ? 166 THR A CB   1 
ATOM   1063 O  OG1  . THR A 1 139 ? -19.915 -6.053  -10.932 1.00 55.92 ? 166 THR A OG1  1 
ATOM   1064 C  CG2  . THR A 1 139 ? -18.917 -8.223  -11.164 1.00 53.24 ? 166 THR A CG2  1 
ATOM   1065 N  N    . GLU A 1 140 ? -15.870 -7.744  -12.041 1.00 62.68 ? 167 GLU A N    1 
ATOM   1066 C  CA   . GLU A 1 140 ? -14.817 -8.260  -12.910 1.00 65.72 ? 167 GLU A CA   1 
ATOM   1067 C  C    . GLU A 1 140 ? -15.385 -8.714  -14.256 1.00 72.16 ? 167 GLU A C    1 
ATOM   1068 O  O    . GLU A 1 140 ? -16.536 -9.149  -14.337 1.00 76.31 ? 167 GLU A O    1 
ATOM   1069 C  CB   . GLU A 1 140 ? -14.079 -9.423  -12.241 1.00 64.95 ? 167 GLU A CB   1 
ATOM   1070 C  CG   . GLU A 1 140 ? -12.645 -9.580  -12.727 1.00 65.46 ? 167 GLU A CG   1 
ATOM   1071 C  CD   . GLU A 1 140 ? -12.172 -11.019 -12.767 1.00 64.42 ? 167 GLU A CD   1 
ATOM   1072 O  OE1  . GLU A 1 140 ? -12.551 -11.805 -11.871 1.00 60.95 ? 167 GLU A OE1  1 
ATOM   1073 O  OE2  . GLU A 1 140 ? -11.401 -11.359 -13.690 1.00 66.70 ? 167 GLU A OE2  1 
ATOM   1074 N  N    . GLU A 1 141 ? -14.571 -8.588  -15.304 1.00 76.77 ? 168 GLU A N    1 
ATOM   1075 C  CA   . GLU A 1 141 ? -14.913 -9.080  -16.644 1.00 75.72 ? 168 GLU A CA   1 
ATOM   1076 C  C    . GLU A 1 141 ? -15.165 -10.590 -16.657 1.00 78.95 ? 168 GLU A C    1 
ATOM   1077 O  O    . GLU A 1 141 ? -15.752 -11.122 -17.598 1.00 82.78 ? 168 GLU A O    1 
ATOM   1078 C  CB   . GLU A 1 141 ? -13.814 -8.711  -17.660 1.00 74.87 ? 168 GLU A CB   1 
ATOM   1079 C  CG   . GLU A 1 141 ? -12.467 -9.432  -17.504 1.00 73.38 ? 168 GLU A CG   1 
ATOM   1080 C  CD   . GLU A 1 141 ? -11.453 -8.696  -16.634 1.00 70.91 ? 168 GLU A CD   1 
ATOM   1081 O  OE1  . GLU A 1 141 ? -11.051 -9.252  -15.599 1.00 68.80 ? 168 GLU A OE1  1 
ATOM   1082 O  OE2  . GLU A 1 141 ? -11.041 -7.570  -16.982 1.00 67.59 ? 168 GLU A OE2  1 
HETATM 1083 C  CAX  . 8Q3 B 2 .   ? 7.511   8.498   13.265  1.00 18.00 ? 201 8Q3 A CAX  1 
HETATM 1084 C  CAB  . 8Q3 B 2 .   ? 7.107   7.829   12.079  1.00 16.96 ? 201 8Q3 A CAB  1 
HETATM 1085 C  CAC  . 8Q3 B 2 .   ? 6.289   6.702   12.208  1.00 15.88 ? 201 8Q3 A CAC  1 
HETATM 1086 C  CAD  . 8Q3 B 2 .   ? 5.872   6.011   11.132  1.00 16.76 ? 201 8Q3 A CAD  1 
HETATM 1087 O  OAG  . 8Q3 B 2 .   ? 5.048   4.864   11.064  1.00 17.00 ? 201 8Q3 A OAG  1 
HETATM 1088 N  NAH  . 8Q3 B 2 .   ? 4.940   4.589   9.555   1.00 21.66 ? 201 8Q3 A NAH  1 
HETATM 1089 C  CAI  . 8Q3 B 2 .   ? 5.672   5.546   8.972   1.00 19.41 ? 201 8Q3 A CAI  1 
HETATM 1090 C  CAW  . 8Q3 B 2 .   ? 5.821   5.644   7.460   1.00 20.98 ? 201 8Q3 A CAW  1 
HETATM 1091 C  CAE  . 8Q3 B 2 .   ? 6.233   6.378   9.867   1.00 17.47 ? 201 8Q3 A CAE  1 
HETATM 1092 C  CAF  . 8Q3 B 2 .   ? 7.029   7.457   9.693   1.00 16.88 ? 201 8Q3 A CAF  1 
HETATM 1093 C  CAA  . 8Q3 B 2 .   ? 7.480   8.229   10.777  1.00 16.87 ? 201 8Q3 A CAA  1 
HETATM 1094 N  NAJ  . 8Q3 B 2 .   ? 8.320   9.300   10.621  1.00 16.38 ? 201 8Q3 A NAJ  1 
HETATM 1095 S  SAK  . 8Q3 B 2 .   ? 7.808   10.641  9.815   1.00 16.31 ? 201 8Q3 A SAK  1 
HETATM 1096 O  OAL  . 8Q3 B 2 .   ? 7.140   10.253  8.528   1.00 16.06 ? 201 8Q3 A OAL  1 
HETATM 1097 O  OAM  . 8Q3 B 2 .   ? 8.981   11.588  9.678   1.00 16.51 ? 201 8Q3 A OAM  1 
HETATM 1098 C  CAN  . 8Q3 B 2 .   ? 6.618   11.434  10.860  1.00 15.42 ? 201 8Q3 A CAN  1 
HETATM 1099 C  CAS  . 8Q3 B 2 .   ? 5.336   11.610  10.356  1.00 15.46 ? 201 8Q3 A CAS  1 
HETATM 1100 C  CAR  . 8Q3 B 2 .   ? 4.338   12.214  11.119  1.00 15.19 ? 201 8Q3 A CAR  1 
HETATM 1101 BR BRAV . 8Q3 B 2 .   ? 2.612   12.394  10.438  1.00 15.52 ? 201 8Q3 A BRAV 1 
HETATM 1102 C  CAQ  . 8Q3 B 2 .   ? 4.639   12.687  12.387  1.00 15.58 ? 201 8Q3 A CAQ  1 
HETATM 1103 C  CAP  . 8Q3 B 2 .   ? 5.923   12.553  12.899  1.00 16.18 ? 201 8Q3 A CAP  1 
HETATM 1104 C  CAO  . 8Q3 B 2 .   ? 6.929   11.922  12.137  1.00 16.01 ? 201 8Q3 A CAO  1 
HETATM 1105 O  OAT  . 8Q3 B 2 .   ? 8.219   11.806  12.575  1.00 16.52 ? 201 8Q3 A OAT  1 
HETATM 1106 C  CAU  . 8Q3 B 2 .   ? 8.533   12.067  14.000  1.00 17.36 ? 201 8Q3 A CAU  1 
HETATM 1107 C  C1   . EDO C 3 .   ? 3.813   -7.566  11.466  1.00 24.10 ? 202 EDO A C1   1 
HETATM 1108 O  O1   . EDO C 3 .   ? 5.131   -8.142  11.402  1.00 22.06 ? 202 EDO A O1   1 
HETATM 1109 C  C2   . EDO C 3 .   ? 3.302   -7.299  10.062  1.00 23.35 ? 202 EDO A C2   1 
HETATM 1110 O  O2   . EDO C 3 .   ? 4.175   -6.398  9.342   1.00 19.64 ? 202 EDO A O2   1 
HETATM 1111 C  C1   . EDO D 3 .   ? -7.567  6.876   17.421  1.00 26.49 ? 203 EDO A C1   1 
HETATM 1112 O  O1   . EDO D 3 .   ? -6.496  6.723   16.457  1.00 21.83 ? 203 EDO A O1   1 
HETATM 1113 C  C2   . EDO D 3 .   ? -8.530  8.005   17.098  1.00 27.78 ? 203 EDO A C2   1 
HETATM 1114 O  O2   . EDO D 3 .   ? -9.245  7.700   15.882  1.00 30.33 ? 203 EDO A O2   1 
HETATM 1115 N  N    . NO3 E 4 .   ? 0.010   16.898  6.537   1.00 20.95 ? 204 NO3 A N    1 
HETATM 1116 O  O1   . NO3 E 4 .   ? 0.521   17.119  5.455   1.00 24.44 ? 204 NO3 A O1   1 
HETATM 1117 O  O2   . NO3 E 4 .   ? 0.530   15.964  7.387   1.00 21.03 ? 204 NO3 A O2   1 
HETATM 1118 O  O3   . NO3 E 4 .   ? -1.093  17.597  6.959   1.00 22.92 ? 204 NO3 A O3   1 
HETATM 1119 N  N    . NO3 F 4 .   ? 9.649   1.340   -4.589  1.00 49.57 ? 205 NO3 A N    1 
HETATM 1120 O  O1   . NO3 F 4 .   ? 10.532  0.810   -3.930  1.00 45.60 ? 205 NO3 A O1   1 
HETATM 1121 O  O2   . NO3 F 4 .   ? 8.936   2.453   -4.101  1.00 45.09 ? 205 NO3 A O2   1 
HETATM 1122 O  O3   . NO3 F 4 .   ? 9.354   0.815   -5.856  1.00 49.82 ? 205 NO3 A O3   1 
HETATM 1123 NA NA   . NA  G 5 .   ? 0.118   0.071   17.998  1.00 23.67 ? 206 NA  A NA   1 
HETATM 1124 C  C1   . GOL H 6 .   ? 1.298   12.754  18.595  1.00 35.64 ? 207 GOL A C1   1 
HETATM 1125 O  O1   . GOL H 6 .   ? 1.569   11.940  17.457  1.00 29.47 ? 207 GOL A O1   1 
HETATM 1126 C  C2   . GOL H 6 .   ? 2.161   12.403  19.797  1.00 39.28 ? 207 GOL A C2   1 
HETATM 1127 O  O2   . GOL H 6 .   ? 3.555   12.390  19.453  1.00 42.44 ? 207 GOL A O2   1 
HETATM 1128 C  C3   . GOL H 6 .   ? 1.825   11.033  20.330  1.00 44.35 ? 207 GOL A C3   1 
HETATM 1129 O  O3   . GOL H 6 .   ? 2.452   10.829  21.601  1.00 48.89 ? 207 GOL A O3   1 
HETATM 1130 O  O    . HOH I 7 .   ? 5.852   -14.666 -15.110 1.00 33.29 ? 301 HOH A O    1 
HETATM 1131 O  O    . HOH I 7 .   ? 3.957   1.868   9.240   1.00 15.66 ? 302 HOH A O    1 
HETATM 1132 O  O    . HOH I 7 .   ? -4.907  12.374  18.715  1.00 24.84 ? 303 HOH A O    1 
HETATM 1133 O  O    . HOH I 7 .   ? 22.586  -4.023  9.599   1.00 39.63 ? 304 HOH A O    1 
HETATM 1134 O  O    . HOH I 7 .   ? -19.926 -4.203  -12.738 1.00 49.92 ? 305 HOH A O    1 
HETATM 1135 O  O    . HOH I 7 .   ? 6.442   1.651   -13.644 1.00 34.73 ? 306 HOH A O    1 
HETATM 1136 O  O    . HOH I 7 .   ? 9.272   -1.733  -3.313  1.00 14.88 ? 307 HOH A O    1 
HETATM 1137 O  O    . HOH I 7 .   ? 2.480   -6.181  -17.604 1.00 26.81 ? 308 HOH A O    1 
HETATM 1138 O  O    . HOH I 7 .   ? 6.324   -7.000  2.441   1.00 23.23 ? 309 HOH A O    1 
HETATM 1139 O  O    . HOH I 7 .   ? 5.208   -0.522  6.244   1.00 15.33 ? 310 HOH A O    1 
HETATM 1140 O  O    . HOH I 7 .   ? 3.681   12.707  15.751  1.00 14.56 ? 311 HOH A O    1 
HETATM 1141 O  O    . HOH I 7 .   ? 12.285  4.755   1.100   1.00 18.97 ? 312 HOH A O    1 
HETATM 1142 O  O    . HOH I 7 .   ? -2.903  6.614   22.590  1.00 19.65 ? 313 HOH A O    1 
HETATM 1143 O  O    . HOH I 7 .   ? 7.898   7.468   4.963   1.00 23.09 ? 314 HOH A O    1 
HETATM 1144 O  O    . HOH I 7 .   ? -7.036  13.065  -3.370  1.00 29.74 ? 315 HOH A O    1 
HETATM 1145 O  O    . HOH I 7 .   ? -10.998 10.438  4.815   1.00 20.63 ? 316 HOH A O    1 
HETATM 1146 O  O    . HOH I 7 .   ? -2.786  -4.376  -13.145 1.00 24.97 ? 317 HOH A O    1 
HETATM 1147 O  O    . HOH I 7 .   ? -9.626  9.451   12.490  1.00 29.64 ? 318 HOH A O    1 
HETATM 1148 O  O    . HOH I 7 .   ? 0.279   17.484  15.997  1.00 18.24 ? 319 HOH A O    1 
HETATM 1149 O  O    . HOH I 7 .   ? 0.466   -7.539  1.836   1.00 23.34 ? 320 HOH A O    1 
HETATM 1150 O  O    . HOH I 7 .   ? 7.948   9.986   5.941   1.00 18.10 ? 321 HOH A O    1 
HETATM 1151 O  O    . HOH I 7 .   ? 3.860   8.106   15.813  1.00 17.27 ? 322 HOH A O    1 
HETATM 1152 O  O    . HOH I 7 .   ? 4.091   2.314   4.854   1.00 21.77 ? 323 HOH A O    1 
HETATM 1153 O  O    . HOH I 7 .   ? 14.104  -6.274  -3.037  1.00 31.13 ? 324 HOH A O    1 
HETATM 1154 O  O    . HOH I 7 .   ? -3.982  21.010  6.670   1.00 34.71 ? 325 HOH A O    1 
HETATM 1155 O  O    . HOH I 7 .   ? 7.570   -1.148  2.183   1.00 16.13 ? 326 HOH A O    1 
HETATM 1156 O  O    . HOH I 7 .   ? 10.677  9.897   12.251  1.00 16.02 ? 327 HOH A O    1 
HETATM 1157 O  O    . HOH I 7 .   ? -10.020 -11.120 -11.001 1.00 29.57 ? 328 HOH A O    1 
HETATM 1158 O  O    . HOH I 7 .   ? 5.751   4.191   4.186   1.00 15.75 ? 329 HOH A O    1 
HETATM 1159 O  O    . HOH I 7 .   ? 7.021   11.298  -0.458  1.00 31.06 ? 330 HOH A O    1 
HETATM 1160 O  O    . HOH I 7 .   ? 2.492   1.890   6.999   1.00 17.38 ? 331 HOH A O    1 
HETATM 1161 O  O    . HOH I 7 .   ? 0.085   13.878  -2.121  1.00 30.54 ? 332 HOH A O    1 
HETATM 1162 O  O    . HOH I 7 .   ? 11.017  -4.471  2.806   1.00 17.02 ? 333 HOH A O    1 
HETATM 1163 O  O    . HOH I 7 .   ? 5.569   -9.693  -11.635 1.00 19.22 ? 334 HOH A O    1 
HETATM 1164 O  O    . HOH I 7 .   ? 8.311   5.465   -3.971  1.00 29.95 ? 335 HOH A O    1 
HETATM 1165 O  O    . HOH I 7 .   ? 6.237   3.797   -7.494  1.00 26.43 ? 336 HOH A O    1 
HETATM 1166 O  O    . HOH I 7 .   ? -2.442  2.491   16.842  1.00 21.77 ? 337 HOH A O    1 
HETATM 1167 O  O    . HOH I 7 .   ? 13.075  -1.131  2.238   1.00 18.84 ? 338 HOH A O    1 
HETATM 1168 O  O    . HOH I 7 .   ? 0.211   -5.810  8.786   1.00 28.20 ? 339 HOH A O    1 
HETATM 1169 O  O    . HOH I 7 .   ? 3.670   -11.295 -10.542 1.00 17.06 ? 340 HOH A O    1 
HETATM 1170 O  O    . HOH I 7 .   ? 7.752   1.667   18.985  1.00 39.05 ? 341 HOH A O    1 
HETATM 1171 O  O    . HOH I 7 .   ? 14.289  -1.083  11.911  1.00 21.71 ? 342 HOH A O    1 
HETATM 1172 O  O    . HOH I 7 .   ? 1.574   0.014   19.788  1.00 32.81 ? 343 HOH A O    1 
HETATM 1173 O  O    . HOH I 7 .   ? 6.341   -8.790  14.347  1.00 29.99 ? 344 HOH A O    1 
HETATM 1174 O  O    . HOH I 7 .   ? -2.331  14.005  11.524  1.00 17.65 ? 345 HOH A O    1 
HETATM 1175 O  O    . HOH I 7 .   ? -0.630  -9.010  -1.818  1.00 35.31 ? 346 HOH A O    1 
HETATM 1176 O  O    . HOH I 7 .   ? 13.796  1.211   3.374   1.00 20.57 ? 347 HOH A O    1 
HETATM 1177 O  O    . HOH I 7 .   ? 2.247   7.987   21.353  1.00 32.86 ? 348 HOH A O    1 
HETATM 1178 O  O    . HOH I 7 .   ? 3.839   2.646   19.710  1.00 38.31 ? 349 HOH A O    1 
HETATM 1179 O  O    . HOH I 7 .   ? 10.478  6.563   4.346   1.00 15.91 ? 350 HOH A O    1 
HETATM 1180 O  O    . HOH I 7 .   ? 11.268  -6.248  -7.801  1.00 24.61 ? 351 HOH A O    1 
HETATM 1181 O  O    . HOH I 7 .   ? 20.387  0.703   4.707   1.00 28.80 ? 352 HOH A O    1 
HETATM 1182 O  O    . HOH I 7 .   ? -6.011  16.296  0.219   1.00 25.64 ? 353 HOH A O    1 
HETATM 1183 O  O    . HOH I 7 .   ? -3.626  -10.347 -18.441 1.00 29.01 ? 354 HOH A O    1 
HETATM 1184 O  O    . HOH I 7 .   ? -9.545  -8.620  -10.161 1.00 21.66 ? 355 HOH A O    1 
HETATM 1185 O  O    . HOH I 7 .   ? -1.858  -6.762  -11.820 1.00 18.29 ? 356 HOH A O    1 
HETATM 1186 O  O    . HOH I 7 .   ? 10.443  -1.777  3.132   1.00 13.84 ? 357 HOH A O    1 
HETATM 1187 O  O    . HOH I 7 .   ? -7.544  -1.748  9.370   1.00 36.79 ? 358 HOH A O    1 
HETATM 1188 O  O    . HOH I 7 .   ? -10.092 -10.256 -6.365  1.00 26.29 ? 359 HOH A O    1 
HETATM 1189 O  O    . HOH I 7 .   ? 7.323   0.568   4.390   1.00 14.60 ? 360 HOH A O    1 
HETATM 1190 O  O    . HOH I 7 .   ? 2.809   10.377  14.474  1.00 15.94 ? 361 HOH A O    1 
HETATM 1191 O  O    . HOH I 7 .   ? -5.096  -4.511  -14.503 1.00 38.22 ? 362 HOH A O    1 
HETATM 1192 O  O    . HOH I 7 .   ? 8.685   -8.872  -1.535  1.00 34.09 ? 363 HOH A O    1 
HETATM 1193 O  O    . HOH I 7 .   ? 18.947  5.750   3.882   1.00 40.06 ? 364 HOH A O    1 
HETATM 1194 O  O    . HOH I 7 .   ? -6.608  2.690   13.813  1.00 40.52 ? 365 HOH A O    1 
HETATM 1195 O  O    . HOH I 7 .   ? 11.866  -7.604  1.216   1.00 28.65 ? 366 HOH A O    1 
HETATM 1196 O  O    . HOH I 7 .   ? -0.695  -14.782 -7.847  1.00 27.29 ? 367 HOH A O    1 
HETATM 1197 O  O    . HOH I 7 .   ? 1.384   14.323  0.309   1.00 32.11 ? 368 HOH A O    1 
HETATM 1198 O  O    . HOH I 7 .   ? 5.826   5.296   17.241  1.00 31.34 ? 369 HOH A O    1 
HETATM 1199 O  O    . HOH I 7 .   ? -1.816  0.427   18.885  1.00 26.80 ? 370 HOH A O    1 
HETATM 1200 O  O    . HOH I 7 .   ? -8.926  -17.202 -11.816 1.00 24.56 ? 371 HOH A O    1 
HETATM 1201 O  O    . HOH I 7 .   ? -0.757  -2.063  18.121  1.00 31.28 ? 372 HOH A O    1 
HETATM 1202 O  O    . HOH I 7 .   ? 15.632  -4.267  12.385  1.00 28.20 ? 373 HOH A O    1 
HETATM 1203 O  O    . HOH I 7 .   ? 11.890  8.609   3.399   1.00 31.16 ? 374 HOH A O    1 
HETATM 1204 O  O    . HOH I 7 .   ? 6.236   12.451  16.770  1.00 37.25 ? 375 HOH A O    1 
HETATM 1205 O  O    . HOH I 7 .   ? 14.558  3.219   1.803   1.00 36.07 ? 376 HOH A O    1 
HETATM 1206 O  O    . HOH I 7 .   ? 10.678  9.885   15.235  1.00 21.29 ? 377 HOH A O    1 
HETATM 1207 O  O    . HOH I 7 .   ? 14.379  0.705   0.382   1.00 37.82 ? 378 HOH A O    1 
HETATM 1208 O  O    . HOH I 7 .   ? -15.577 11.836  6.280   1.00 44.80 ? 379 HOH A O    1 
HETATM 1209 O  O    . HOH I 7 .   ? 0.774   -10.544 -3.636  1.00 32.52 ? 380 HOH A O    1 
HETATM 1210 O  O    . HOH I 7 .   ? -5.068  2.314   16.221  1.00 32.95 ? 381 HOH A O    1 
# 
